data_7BOO
#
_entry.id   7BOO
#
_cell.length_a   154.719
_cell.length_b   274.296
_cell.length_c   185.974
_cell.angle_alpha   90.00
_cell.angle_beta   90.00
_cell.angle_gamma   90.00
#
_symmetry.space_group_name_H-M   'C 2 2 21'
#
loop_
_entity.id
_entity.type
_entity.pdbx_description
1 polymer 'Alpha-1,2-mannosyltransferase (Ktr4), putative'
2 non-polymer 'SODIUM ION'
3 non-polymer GLYCEROL
4 water water
#
_entity_poly.entity_id   1
_entity_poly.type   'polypeptide(L)'
_entity_poly.pdbx_seq_one_letter_code
;MGSSHHHHHHSSGHSQSHGPSFISKGSKEYNGMKRDPLLDPTGEPEGHLWRADDNDYAPNSAHSARTNAALISLVRNEEL
EDLISTMKDLERTWNSKFNYPWIFFNDKPFTEEFKKRTQAETKAKCYYEQVPKEHWDPPEWINMELFRESAAILTEQKIQ
YSDKLSYHQMCRWNSGMFYKHPALKNYKYYWRVEPKVQFFCNVDYDVFRFMEDRNLTYGFTINLFDDPKTVPTLWPETKK
FLAANPSYLSSNNMMGWLTDDSLRPDHTEAANGYSTCHFWSNFEIGDLDFFRGEQYDAYFNHLDRAGGFFYERWGDAPVH
SIGLGLFADAAKVHWFRDIGYNHIPYYNCPNSPKCSKCTPGQFYAGAPFLAKEDCRPSYFKHVGMH
;
_entity_poly.pdbx_strand_id   A,B,C,D,E,F
#
# COMPACT_ATOMS: atom_id res chain seq x y z
N SER A 17 -9.88 -9.28 -3.63
CA SER A 17 -10.59 -10.43 -4.28
C SER A 17 -9.59 -11.52 -4.69
N HIS A 18 -8.58 -11.12 -5.45
CA HIS A 18 -7.45 -11.99 -5.85
C HIS A 18 -6.34 -12.13 -4.78
N GLY A 19 -6.62 -11.71 -3.55
CA GLY A 19 -5.66 -11.76 -2.45
C GLY A 19 -5.49 -13.14 -1.84
N PRO A 20 -4.60 -13.24 -0.84
CA PRO A 20 -4.32 -14.52 -0.19
C PRO A 20 -5.41 -15.00 0.76
N SER A 21 -5.63 -16.31 0.79
CA SER A 21 -6.48 -16.97 1.79
C SER A 21 -5.58 -17.60 2.86
N PHE A 22 -5.95 -17.37 4.12
CA PHE A 22 -5.24 -17.91 5.30
C PHE A 22 -6.18 -18.78 6.15
N ILE A 23 -5.63 -19.86 6.74
CA ILE A 23 -6.34 -20.69 7.74
C ILE A 23 -5.51 -20.78 9.01
N GLU A 29 -1.70 -19.47 8.48
CA GLU A 29 -1.07 -20.25 7.42
C GLU A 29 -1.69 -19.96 6.06
N TYR A 30 -0.85 -19.65 5.07
CA TYR A 30 -1.29 -19.38 3.69
C TYR A 30 -1.83 -20.65 3.05
N ASN A 31 -2.97 -20.53 2.36
CA ASN A 31 -3.63 -21.68 1.78
C ASN A 31 -4.12 -21.44 0.33
N GLY A 32 -3.40 -20.63 -0.43
CA GLY A 32 -3.74 -20.36 -1.83
C GLY A 32 -4.61 -19.15 -2.03
N MET A 33 -5.14 -18.99 -3.24
CA MET A 33 -5.89 -17.80 -3.58
C MET A 33 -7.30 -17.85 -3.02
N LYS A 34 -7.82 -16.69 -2.61
CA LYS A 34 -9.18 -16.59 -2.06
C LYS A 34 -10.19 -16.70 -3.19
N ARG A 35 -10.08 -15.81 -4.18
CA ARG A 35 -10.99 -15.81 -5.32
C ARG A 35 -10.17 -15.76 -6.60
N ASP A 36 -10.16 -16.86 -7.34
CA ASP A 36 -9.28 -16.99 -8.50
C ASP A 36 -9.88 -16.16 -9.65
N PRO A 37 -9.11 -15.21 -10.24
CA PRO A 37 -9.62 -14.45 -11.40
C PRO A 37 -10.01 -15.33 -12.59
N LEU A 38 -9.46 -16.54 -12.67
CA LEU A 38 -9.84 -17.50 -13.70
C LEU A 38 -11.31 -17.89 -13.70
N LEU A 39 -11.99 -17.71 -12.57
CA LEU A 39 -13.45 -17.87 -12.48
C LEU A 39 -14.21 -16.81 -13.28
N ASP A 40 -13.64 -15.62 -13.46
CA ASP A 40 -14.31 -14.57 -14.24
C ASP A 40 -14.39 -15.00 -15.70
N PRO A 41 -15.45 -14.56 -16.40
CA PRO A 41 -15.52 -14.81 -17.85
C PRO A 41 -14.23 -14.37 -18.52
N THR A 42 -13.55 -15.29 -19.19
CA THR A 42 -12.20 -15.04 -19.66
C THR A 42 -12.24 -15.06 -21.17
N GLY A 43 -11.83 -13.95 -21.78
CA GLY A 43 -11.85 -13.81 -23.22
C GLY A 43 -10.46 -13.51 -23.73
N GLU A 44 -10.43 -12.87 -24.90
CA GLU A 44 -9.17 -12.62 -25.60
C GLU A 44 -8.59 -11.31 -25.15
N PRO A 45 -7.27 -11.14 -25.34
CA PRO A 45 -6.70 -9.81 -25.07
C PRO A 45 -7.28 -8.71 -25.96
N GLU A 46 -7.11 -7.46 -25.55
CA GLU A 46 -7.59 -6.32 -26.32
C GLU A 46 -6.62 -6.00 -27.44
N GLY A 47 -7.06 -5.15 -28.36
CA GLY A 47 -6.25 -4.72 -29.49
C GLY A 47 -6.41 -5.62 -30.70
N HIS A 48 -5.61 -5.36 -31.72
CA HIS A 48 -5.64 -6.13 -32.94
C HIS A 48 -5.10 -7.54 -32.72
N LEU A 49 -5.82 -8.54 -33.23
CA LEU A 49 -5.39 -9.94 -33.14
C LEU A 49 -5.31 -10.52 -34.55
N TRP A 50 -4.25 -11.30 -34.80
CA TRP A 50 -4.09 -11.96 -36.10
C TRP A 50 -4.84 -13.28 -36.10
N ARG A 51 -5.84 -13.38 -36.99
CA ARG A 51 -6.72 -14.55 -37.12
C ARG A 51 -6.30 -15.46 -38.25
N ALA A 52 -6.51 -16.76 -38.08
CA ALA A 52 -6.26 -17.74 -39.12
C ALA A 52 -7.23 -17.62 -40.31
N ASP A 53 -8.50 -17.29 -40.07
CA ASP A 53 -9.52 -17.23 -41.14
CA ASP A 53 -9.49 -17.26 -41.16
C ASP A 53 -9.36 -16.03 -42.07
N ASP A 54 -8.55 -15.07 -41.64
CA ASP A 54 -8.33 -13.78 -42.28
C ASP A 54 -6.97 -13.69 -42.98
N ASN A 55 -6.14 -14.72 -42.84
CA ASN A 55 -4.73 -14.65 -43.24
C ASN A 55 -4.25 -15.91 -43.89
N ASP A 56 -3.14 -15.79 -44.61
CA ASP A 56 -2.46 -16.95 -45.15
C ASP A 56 -1.59 -17.58 -44.06
N TYR A 57 -2.08 -18.65 -43.43
CA TYR A 57 -1.29 -19.44 -42.49
C TYR A 57 -1.11 -20.87 -43.01
N ALA A 58 -1.20 -21.06 -44.33
CA ALA A 58 -1.01 -22.39 -44.92
C ALA A 58 0.38 -22.93 -44.57
N PRO A 59 0.47 -24.23 -44.24
CA PRO A 59 1.73 -24.79 -43.74
C PRO A 59 2.91 -24.68 -44.70
N ASN A 60 2.67 -24.78 -46.00
CA ASN A 60 3.77 -24.68 -46.98
C ASN A 60 3.80 -23.39 -47.79
N SER A 61 2.99 -22.39 -47.41
CA SER A 61 3.04 -21.09 -48.06
C SER A 61 4.36 -20.37 -47.82
N ALA A 62 4.90 -19.76 -48.87
CA ALA A 62 6.09 -18.93 -48.79
C ALA A 62 5.77 -17.48 -48.46
N HIS A 63 4.48 -17.13 -48.37
CA HIS A 63 4.08 -15.74 -48.10
C HIS A 63 3.08 -15.71 -46.94
N SER A 64 3.33 -16.55 -45.94
CA SER A 64 2.43 -16.67 -44.80
C SER A 64 2.50 -15.48 -43.86
N ALA A 65 1.52 -15.44 -42.96
CA ALA A 65 1.43 -14.42 -41.94
C ALA A 65 2.28 -14.76 -40.69
N ARG A 66 3.06 -15.83 -40.73
CA ARG A 66 3.90 -16.22 -39.57
C ARG A 66 5.07 -15.29 -39.38
N THR A 67 5.32 -14.90 -38.13
CA THR A 67 6.56 -14.19 -37.79
C THR A 67 7.67 -15.21 -37.55
N ASN A 68 8.88 -14.75 -37.18
CA ASN A 68 10.01 -15.65 -37.00
C ASN A 68 10.01 -16.28 -35.60
N ALA A 69 9.17 -17.31 -35.46
CA ALA A 69 8.95 -17.99 -34.18
C ALA A 69 8.82 -19.49 -34.37
N ALA A 70 9.07 -20.22 -33.28
CA ALA A 70 9.01 -21.67 -33.29
C ALA A 70 8.50 -22.22 -31.96
N LEU A 71 7.82 -23.36 -32.05
CA LEU A 71 7.52 -24.19 -30.89
C LEU A 71 8.79 -24.98 -30.64
N ILE A 72 9.28 -25.01 -29.40
CA ILE A 72 10.52 -25.72 -29.08
C ILE A 72 10.34 -26.67 -27.91
N SER A 73 11.11 -27.75 -27.91
CA SER A 73 11.03 -28.72 -26.81
C SER A 73 12.36 -29.46 -26.61
N LEU A 74 12.82 -29.50 -25.36
CA LEU A 74 13.96 -30.33 -24.96
C LEU A 74 13.38 -31.66 -24.55
N VAL A 75 13.67 -32.70 -25.31
CA VAL A 75 12.94 -33.96 -25.16
C VAL A 75 13.80 -35.14 -25.60
N ARG A 76 13.68 -36.24 -24.85
CA ARG A 76 14.40 -37.48 -25.10
C ARG A 76 13.53 -38.42 -25.95
N ASN A 77 14.18 -39.35 -26.65
CA ASN A 77 13.49 -40.36 -27.47
C ASN A 77 12.49 -41.17 -26.65
N GLU A 78 12.84 -41.44 -25.40
CA GLU A 78 12.02 -42.23 -24.48
C GLU A 78 10.73 -41.53 -24.01
N GLU A 79 10.67 -40.20 -24.18
CA GLU A 79 9.46 -39.42 -23.88
C GLU A 79 8.52 -39.24 -25.08
N LEU A 80 8.75 -39.99 -26.17
CA LEU A 80 7.97 -39.83 -27.40
C LEU A 80 6.46 -39.91 -27.22
N GLU A 81 5.97 -40.95 -26.54
CA GLU A 81 4.52 -41.13 -26.36
C GLU A 81 3.87 -39.93 -25.64
N ASP A 82 4.53 -39.43 -24.61
CA ASP A 82 4.03 -38.25 -23.89
C ASP A 82 4.08 -37.02 -24.79
N LEU A 83 5.18 -36.85 -25.53
CA LEU A 83 5.29 -35.75 -26.50
C LEU A 83 4.16 -35.75 -27.52
N ILE A 84 3.82 -36.92 -28.04
CA ILE A 84 2.74 -37.06 -29.04
C ILE A 84 1.40 -36.58 -28.47
N SER A 85 1.08 -36.99 -27.24
CA SER A 85 -0.13 -36.53 -26.57
C SER A 85 -0.16 -35.00 -26.44
N THR A 86 0.95 -34.42 -26.03
CA THR A 86 1.12 -32.98 -25.96
C THR A 86 0.96 -32.27 -27.31
N MET A 87 1.62 -32.79 -28.34
CA MET A 87 1.51 -32.24 -29.69
C MET A 87 0.08 -32.22 -30.18
N LYS A 88 -0.65 -33.32 -29.95
CA LYS A 88 -2.07 -33.42 -30.29
C LYS A 88 -2.90 -32.30 -29.68
N ASP A 89 -2.66 -32.00 -28.40
CA ASP A 89 -3.38 -30.92 -27.73
C ASP A 89 -3.01 -29.56 -28.30
N LEU A 90 -1.72 -29.29 -28.47
CA LEU A 90 -1.29 -27.97 -28.92
C LEU A 90 -1.73 -27.71 -30.37
N GLU A 91 -1.62 -28.73 -31.20
CA GLU A 91 -2.12 -28.69 -32.58
C GLU A 91 -3.63 -28.47 -32.65
N ARG A 92 -4.40 -29.29 -31.93
CA ARG A 92 -5.87 -29.18 -31.93
C ARG A 92 -6.33 -27.80 -31.46
N THR A 93 -5.71 -27.29 -30.39
CA THR A 93 -6.16 -26.03 -29.81
C THR A 93 -5.65 -24.79 -30.51
N TRP A 94 -4.51 -24.89 -31.19
CA TRP A 94 -3.85 -23.72 -31.73
C TRP A 94 -3.11 -23.95 -33.04
N ASN A 95 -2.08 -24.81 -33.04
CA ASN A 95 -1.15 -24.83 -34.17
C ASN A 95 -1.68 -25.42 -35.50
N SER A 96 -2.77 -26.18 -35.48
CA SER A 96 -3.36 -26.64 -36.74
C SER A 96 -3.86 -25.47 -37.59
N LYS A 97 -4.17 -24.33 -36.94
CA LYS A 97 -4.61 -23.13 -37.65
C LYS A 97 -3.45 -22.24 -38.12
N PHE A 98 -2.37 -22.20 -37.34
CA PHE A 98 -1.28 -21.25 -37.56
C PHE A 98 -0.02 -21.88 -38.15
N ASN A 99 0.22 -23.15 -37.86
CA ASN A 99 1.27 -23.95 -38.51
C ASN A 99 2.68 -23.42 -38.34
N TYR A 100 3.00 -23.03 -37.12
CA TYR A 100 4.37 -22.67 -36.77
C TYR A 100 5.20 -23.95 -36.67
N PRO A 101 6.49 -23.87 -37.02
CA PRO A 101 7.34 -25.06 -36.97
C PRO A 101 7.67 -25.54 -35.54
N TRP A 102 7.93 -26.85 -35.42
CA TRP A 102 8.42 -27.48 -34.19
C TRP A 102 9.92 -27.73 -34.31
N ILE A 103 10.68 -27.37 -33.28
CA ILE A 103 12.11 -27.64 -33.21
C ILE A 103 12.37 -28.43 -31.92
N PHE A 104 12.84 -29.66 -32.09
CA PHE A 104 13.13 -30.56 -30.99
C PHE A 104 14.62 -30.59 -30.70
N PHE A 105 14.96 -30.58 -29.41
CA PHE A 105 16.36 -30.55 -28.96
C PHE A 105 16.62 -31.73 -28.05
N ASN A 106 17.82 -32.28 -28.15
CA ASN A 106 18.23 -33.39 -27.30
C ASN A 106 19.76 -33.45 -27.30
N ASP A 107 20.33 -33.97 -26.21
CA ASP A 107 21.79 -34.14 -26.14
C ASP A 107 22.25 -35.32 -27.02
N LYS A 108 21.38 -36.34 -27.16
CA LYS A 108 21.58 -37.49 -28.07
C LYS A 108 20.82 -37.30 -29.40
N PRO A 109 21.17 -38.12 -30.44
CA PRO A 109 20.44 -38.09 -31.71
C PRO A 109 19.00 -38.61 -31.59
N PHE A 110 18.08 -38.01 -32.34
CA PHE A 110 16.71 -38.53 -32.38
C PHE A 110 16.62 -39.76 -33.29
N THR A 111 15.83 -40.74 -32.88
CA THR A 111 15.60 -41.95 -33.69
C THR A 111 14.69 -41.63 -34.86
N GLU A 112 14.72 -42.49 -35.88
CA GLU A 112 13.82 -42.35 -37.02
C GLU A 112 12.36 -42.51 -36.63
N GLU A 113 12.09 -43.34 -35.61
CA GLU A 113 10.73 -43.49 -35.10
C GLU A 113 10.22 -42.16 -34.50
N PHE A 114 11.08 -41.50 -33.71
CA PHE A 114 10.77 -40.19 -33.14
C PHE A 114 10.43 -39.19 -34.25
N LYS A 115 11.27 -39.13 -35.28
CA LYS A 115 11.05 -38.21 -36.40
C LYS A 115 9.75 -38.49 -37.15
N LYS A 116 9.49 -39.76 -37.44
CA LYS A 116 8.28 -40.16 -38.17
C LYS A 116 7.01 -39.85 -37.38
N ARG A 117 7.00 -40.26 -36.12
CA ARG A 117 5.83 -40.08 -35.25
C ARG A 117 5.51 -38.61 -34.96
N THR A 118 6.54 -37.80 -34.72
CA THR A 118 6.33 -36.37 -34.46
C THR A 118 5.82 -35.61 -35.69
N GLN A 119 6.47 -35.81 -36.83
CA GLN A 119 6.06 -35.13 -38.07
C GLN A 119 4.65 -35.51 -38.50
N ALA A 120 4.22 -36.74 -38.17
CA ALA A 120 2.86 -37.19 -38.46
C ALA A 120 1.75 -36.45 -37.69
N GLU A 121 2.09 -35.76 -36.61
CA GLU A 121 1.10 -35.02 -35.80
C GLU A 121 0.93 -33.56 -36.20
N THR A 122 1.66 -33.08 -37.20
CA THR A 122 1.60 -31.66 -37.56
C THR A 122 1.77 -31.49 -39.07
N LYS A 123 1.13 -30.46 -39.62
CA LYS A 123 1.32 -30.07 -41.02
C LYS A 123 2.50 -29.15 -41.16
N ALA A 124 2.98 -28.59 -40.05
CA ALA A 124 4.15 -27.71 -40.10
C ALA A 124 5.44 -28.51 -40.20
N LYS A 125 6.53 -27.81 -40.49
CA LYS A 125 7.85 -28.41 -40.59
C LYS A 125 8.34 -28.74 -39.18
N CYS A 126 8.99 -29.88 -39.02
CA CYS A 126 9.62 -30.31 -37.78
C CYS A 126 11.11 -30.35 -38.03
N TYR A 127 11.89 -29.92 -37.03
CA TYR A 127 13.34 -29.94 -37.10
C TYR A 127 13.87 -30.69 -35.89
N TYR A 128 15.01 -31.34 -36.06
CA TYR A 128 15.54 -32.26 -35.06
C TYR A 128 16.98 -31.85 -34.84
N GLU A 129 17.27 -31.37 -33.64
CA GLU A 129 18.54 -30.72 -33.35
C GLU A 129 19.20 -31.36 -32.15
N GLN A 130 20.53 -31.36 -32.18
CA GLN A 130 21.33 -31.90 -31.10
C GLN A 130 21.96 -30.75 -30.34
N VAL A 131 21.92 -30.82 -29.02
CA VAL A 131 22.57 -29.82 -28.18
C VAL A 131 24.09 -30.06 -28.30
N PRO A 132 24.88 -29.01 -28.63
CA PRO A 132 26.33 -29.25 -28.68
C PRO A 132 26.94 -29.53 -27.30
N LYS A 133 28.06 -30.24 -27.32
CA LYS A 133 28.81 -30.63 -26.11
C LYS A 133 29.09 -29.46 -25.18
N GLU A 134 29.53 -28.35 -25.76
CA GLU A 134 29.84 -27.13 -25.00
C GLU A 134 28.63 -26.46 -24.34
N HIS A 135 27.42 -26.79 -24.79
CA HIS A 135 26.18 -26.31 -24.16
C HIS A 135 25.57 -27.31 -23.19
N TRP A 136 26.22 -28.45 -22.97
CA TRP A 136 25.68 -29.55 -22.16
C TRP A 136 26.66 -30.09 -21.11
N ASP A 137 27.92 -30.33 -21.49
CA ASP A 137 28.94 -30.72 -20.53
C ASP A 137 29.11 -29.64 -19.47
N PRO A 138 29.28 -30.04 -18.19
CA PRO A 138 29.59 -29.01 -17.21
C PRO A 138 30.84 -28.22 -17.62
N PRO A 139 30.89 -26.91 -17.32
CA PRO A 139 32.10 -26.15 -17.67
C PRO A 139 33.34 -26.57 -16.86
N GLU A 140 34.52 -26.26 -17.41
CA GLU A 140 35.81 -26.71 -16.85
C GLU A 140 36.02 -26.43 -15.38
N TRP A 141 35.53 -25.27 -14.93
CA TRP A 141 35.74 -24.84 -13.55
C TRP A 141 34.93 -25.60 -12.49
N ILE A 142 33.98 -26.45 -12.90
CA ILE A 142 33.16 -27.20 -11.95
C ILE A 142 33.92 -28.44 -11.53
N ASN A 143 34.06 -28.61 -10.23
CA ASN A 143 34.71 -29.78 -9.65
C ASN A 143 33.66 -30.85 -9.44
N MET A 144 33.82 -31.99 -10.12
CA MET A 144 32.80 -33.05 -10.09
C MET A 144 32.68 -33.79 -8.76
N GLU A 145 33.77 -33.92 -7.98
CA GLU A 145 33.67 -34.42 -6.59
C GLU A 145 32.83 -33.53 -5.68
N LEU A 146 32.97 -32.21 -5.79
CA LEU A 146 32.15 -31.26 -5.04
C LEU A 146 30.71 -31.36 -5.49
N PHE A 147 30.51 -31.50 -6.81
CA PHE A 147 29.18 -31.76 -7.34
C PHE A 147 28.52 -32.99 -6.69
N ARG A 148 29.24 -34.11 -6.69
CA ARG A 148 28.68 -35.38 -6.16
C ARG A 148 28.40 -35.29 -4.65
N GLU A 149 29.22 -34.57 -3.89
CA GLU A 149 28.99 -34.40 -2.46
C GLU A 149 27.74 -33.57 -2.16
N SER A 150 27.59 -32.45 -2.84
CA SER A 150 26.41 -31.62 -2.62
C SER A 150 25.13 -32.31 -3.14
N ALA A 151 25.26 -33.05 -4.26
CA ALA A 151 24.14 -33.85 -4.79
C ALA A 151 23.66 -34.93 -3.80
N ALA A 152 24.59 -35.59 -3.13
CA ALA A 152 24.25 -36.57 -2.12
C ALA A 152 23.43 -35.94 -0.98
N ILE A 153 23.79 -34.73 -0.57
CA ILE A 153 23.06 -34.01 0.48
C ILE A 153 21.65 -33.61 0.01
N LEU A 154 21.52 -33.08 -1.21
CA LEU A 154 20.19 -32.72 -1.74
C LEU A 154 19.31 -33.97 -1.88
N THR A 155 19.90 -35.07 -2.33
CA THR A 155 19.20 -36.36 -2.40
C THR A 155 18.67 -36.79 -1.02
N GLU A 156 19.46 -36.62 0.02
CA GLU A 156 19.03 -36.96 1.38
CA GLU A 156 19.06 -36.93 1.39
C GLU A 156 17.92 -36.03 1.88
N GLN A 157 17.98 -34.75 1.54
CA GLN A 157 17.04 -33.76 2.09
C GLN A 157 15.75 -33.54 1.31
N LYS A 158 15.82 -33.56 -0.01
CA LYS A 158 14.71 -33.08 -0.84
C LYS A 158 13.63 -34.15 -1.03
N ILE A 159 12.39 -33.77 -0.79
CA ILE A 159 11.22 -34.67 -0.90
C ILE A 159 11.08 -35.23 -2.31
N GLN A 160 10.95 -36.56 -2.39
CA GLN A 160 10.70 -37.29 -3.64
C GLN A 160 11.67 -36.89 -4.74
N TYR A 161 12.95 -36.94 -4.39
CA TYR A 161 14.01 -36.45 -5.25
C TYR A 161 15.30 -37.24 -5.01
N SER A 162 15.85 -37.77 -6.10
CA SER A 162 17.17 -38.36 -6.10
C SER A 162 17.95 -37.69 -7.22
N ASP A 163 19.11 -37.15 -6.88
CA ASP A 163 19.81 -36.24 -7.78
C ASP A 163 20.35 -36.97 -9.02
N LYS A 164 20.32 -36.25 -10.14
CA LYS A 164 21.03 -36.67 -11.36
C LYS A 164 21.72 -35.46 -11.98
N LEU A 165 22.92 -35.67 -12.51
CA LEU A 165 23.65 -34.62 -13.22
C LEU A 165 22.80 -34.01 -14.34
N SER A 166 22.06 -34.87 -15.04
CA SER A 166 21.25 -34.43 -16.18
C SER A 166 20.19 -33.38 -15.82
N TYR A 167 19.66 -33.41 -14.58
CA TYR A 167 18.71 -32.39 -14.14
C TYR A 167 19.38 -31.03 -14.14
N HIS A 168 20.61 -31.00 -13.63
CA HIS A 168 21.39 -29.76 -13.56
C HIS A 168 21.74 -29.25 -14.95
N GLN A 169 22.09 -30.17 -15.85
CA GLN A 169 22.43 -29.81 -17.23
C GLN A 169 21.22 -29.23 -17.97
N MET A 170 20.05 -29.81 -17.73
CA MET A 170 18.77 -29.29 -18.28
C MET A 170 18.50 -27.88 -17.79
N CYS A 171 18.63 -27.65 -16.49
CA CYS A 171 18.42 -26.32 -15.91
C CYS A 171 19.39 -25.27 -16.46
N ARG A 172 20.64 -25.65 -16.57
CA ARG A 172 21.66 -24.75 -17.15
C ARG A 172 21.36 -24.45 -18.63
N TRP A 173 20.93 -25.48 -19.37
CA TRP A 173 20.61 -25.33 -20.81
C TRP A 173 19.45 -24.38 -21.03
N ASN A 174 18.36 -24.59 -20.30
CA ASN A 174 17.21 -23.67 -20.33
C ASN A 174 17.55 -22.27 -19.82
N SER A 175 18.47 -22.16 -18.87
CA SER A 175 18.85 -20.88 -18.29
C SER A 175 19.72 -20.00 -19.20
N GLY A 176 20.70 -20.61 -19.87
CA GLY A 176 21.68 -19.83 -20.64
C GLY A 176 22.08 -20.30 -22.04
N MET A 177 21.64 -21.48 -22.46
CA MET A 177 22.14 -22.10 -23.69
C MET A 177 21.15 -22.20 -24.83
N PHE A 178 19.87 -22.46 -24.56
CA PHE A 178 18.91 -22.66 -25.66
C PHE A 178 18.88 -21.51 -26.67
N TYR A 179 18.95 -20.29 -26.16
CA TYR A 179 18.95 -19.09 -26.99
C TYR A 179 20.29 -18.82 -27.73
N LYS A 180 21.33 -19.61 -27.44
CA LYS A 180 22.59 -19.59 -28.18
C LYS A 180 22.70 -20.72 -29.21
N HIS A 181 21.69 -21.57 -29.32
CA HIS A 181 21.75 -22.67 -30.26
C HIS A 181 21.63 -22.16 -31.73
N PRO A 182 22.52 -22.65 -32.63
CA PRO A 182 22.51 -22.19 -34.06
C PRO A 182 21.16 -22.28 -34.79
N ALA A 183 20.47 -23.39 -34.61
CA ALA A 183 19.08 -23.56 -35.06
C ALA A 183 18.11 -22.41 -34.78
N LEU A 184 18.31 -21.67 -33.69
CA LEU A 184 17.40 -20.57 -33.34
C LEU A 184 17.91 -19.19 -33.74
N LYS A 185 19.05 -19.13 -34.44
CA LYS A 185 19.71 -17.86 -34.76
C LYS A 185 18.79 -16.84 -35.44
N ASN A 186 18.01 -17.27 -36.42
CA ASN A 186 17.13 -16.38 -37.16
C ASN A 186 15.73 -16.24 -36.57
N TYR A 187 15.50 -16.85 -35.42
CA TYR A 187 14.22 -16.74 -34.71
C TYR A 187 14.28 -15.69 -33.61
N LYS A 188 13.16 -15.01 -33.39
CA LYS A 188 13.02 -14.04 -32.32
C LYS A 188 12.15 -14.56 -31.16
N TYR A 189 11.12 -15.36 -31.43
CA TYR A 189 10.19 -15.83 -30.38
C TYR A 189 10.18 -17.33 -30.31
N TYR A 190 9.94 -17.84 -29.11
CA TYR A 190 9.81 -19.27 -28.89
C TYR A 190 8.62 -19.53 -27.98
N TRP A 191 8.04 -20.73 -28.13
CA TRP A 191 7.03 -21.26 -27.21
C TRP A 191 7.62 -22.59 -26.76
N ARG A 192 8.10 -22.62 -25.52
CA ARG A 192 8.64 -23.82 -24.93
C ARG A 192 7.52 -24.77 -24.52
N VAL A 193 7.65 -26.02 -24.94
CA VAL A 193 6.65 -27.06 -24.69
C VAL A 193 7.37 -28.24 -24.03
N GLU A 194 6.79 -28.75 -22.95
CA GLU A 194 7.33 -29.93 -22.26
C GLU A 194 6.57 -31.16 -22.69
N PRO A 195 7.27 -32.33 -22.69
CA PRO A 195 6.71 -33.55 -23.21
C PRO A 195 5.38 -33.95 -22.69
N LYS A 196 5.13 -33.86 -21.38
CA LYS A 196 3.84 -34.36 -20.86
C LYS A 196 3.02 -33.24 -20.26
N VAL A 197 2.24 -32.56 -21.09
CA VAL A 197 1.38 -31.48 -20.64
C VAL A 197 0.08 -31.55 -21.40
N GLN A 198 -0.94 -30.85 -20.89
CA GLN A 198 -2.22 -30.73 -21.58
C GLN A 198 -2.52 -29.27 -21.89
N PHE A 199 -3.18 -29.06 -23.02
CA PHE A 199 -3.80 -27.78 -23.36
C PHE A 199 -5.29 -28.03 -23.53
N PHE A 200 -6.08 -27.15 -22.91
CA PHE A 200 -7.52 -27.34 -22.78
C PHE A 200 -8.38 -26.39 -23.59
N CYS A 201 -7.82 -25.28 -24.10
CA CYS A 201 -8.64 -24.19 -24.67
C CYS A 201 -8.24 -23.86 -26.09
N ASN A 202 -9.22 -23.74 -26.98
CA ASN A 202 -8.95 -23.23 -28.31
C ASN A 202 -8.47 -21.80 -28.17
N VAL A 203 -7.42 -21.47 -28.91
CA VAL A 203 -6.89 -20.12 -28.97
C VAL A 203 -6.93 -19.69 -30.44
N ASP A 204 -7.66 -18.62 -30.72
CA ASP A 204 -7.99 -18.22 -32.10
C ASP A 204 -7.24 -16.99 -32.59
N TYR A 205 -6.06 -16.72 -32.03
CA TYR A 205 -5.21 -15.64 -32.50
C TYR A 205 -3.76 -16.09 -32.45
N ASP A 206 -2.93 -15.43 -33.26
CA ASP A 206 -1.52 -15.75 -33.36
C ASP A 206 -0.80 -15.19 -32.11
N VAL A 207 -0.44 -16.07 -31.18
CA VAL A 207 0.15 -15.63 -29.90
C VAL A 207 1.51 -15.00 -30.10
N PHE A 208 2.25 -15.46 -31.10
CA PHE A 208 3.55 -14.91 -31.38
C PHE A 208 3.48 -13.47 -31.87
N ARG A 209 2.54 -13.20 -32.77
CA ARG A 209 2.36 -11.83 -33.27
C ARG A 209 1.64 -10.95 -32.26
N PHE A 210 0.82 -11.54 -31.41
CA PHE A 210 0.33 -10.83 -30.21
C PHE A 210 1.50 -10.26 -29.41
N MET A 211 2.50 -11.09 -29.15
CA MET A 211 3.70 -10.65 -28.41
C MET A 211 4.46 -9.57 -29.19
N GLU A 212 4.69 -9.84 -30.47
CA GLU A 212 5.49 -8.95 -31.30
C GLU A 212 4.87 -7.57 -31.45
N ASP A 213 3.58 -7.51 -31.73
CA ASP A 213 2.88 -6.24 -31.93
C ASP A 213 2.85 -5.37 -30.68
N ARG A 214 2.93 -6.00 -29.50
CA ARG A 214 2.96 -5.26 -28.24
C ARG A 214 4.35 -5.19 -27.60
N ASN A 215 5.39 -5.60 -28.34
CA ASN A 215 6.77 -5.67 -27.83
C ASN A 215 6.91 -6.41 -26.49
N LEU A 216 6.16 -7.49 -26.34
CA LEU A 216 6.19 -8.26 -25.11
C LEU A 216 7.42 -9.14 -25.04
N THR A 217 7.88 -9.36 -23.82
CA THR A 217 9.12 -10.08 -23.56
C THR A 217 8.86 -11.52 -23.18
N TYR A 218 7.78 -11.78 -22.45
CA TYR A 218 7.61 -13.09 -21.85
C TYR A 218 6.16 -13.33 -21.49
N GLY A 219 5.75 -14.58 -21.58
CA GLY A 219 4.39 -15.00 -21.27
C GLY A 219 4.40 -16.25 -20.43
N PHE A 220 3.54 -16.28 -19.40
CA PHE A 220 3.46 -17.40 -18.46
C PHE A 220 2.00 -17.78 -18.21
N THR A 221 1.78 -18.98 -17.69
CA THR A 221 0.44 -19.42 -17.23
C THR A 221 0.33 -19.66 -15.72
N ILE A 222 1.40 -20.16 -15.10
CA ILE A 222 1.40 -20.61 -13.70
C ILE A 222 2.56 -19.94 -12.96
N ASN A 223 2.34 -19.59 -11.69
CA ASN A 223 3.31 -18.86 -10.88
C ASN A 223 3.35 -19.56 -9.52
N LEU A 224 4.51 -20.13 -9.16
CA LEU A 224 4.65 -21.04 -8.00
C LEU A 224 5.78 -20.61 -7.05
N PHE A 225 5.68 -21.06 -5.79
CA PHE A 225 6.83 -21.11 -4.88
C PHE A 225 7.77 -22.25 -5.32
N ASP A 226 9.06 -22.10 -5.04
CA ASP A 226 10.04 -23.16 -5.27
C ASP A 226 10.50 -23.77 -3.94
N ASP A 227 11.29 -24.82 -4.04
CA ASP A 227 11.94 -25.42 -2.88
C ASP A 227 13.21 -24.59 -2.54
N PRO A 228 13.21 -23.87 -1.40
CA PRO A 228 14.40 -23.09 -1.00
C PRO A 228 15.72 -23.86 -0.98
N LYS A 229 15.67 -25.17 -0.71
CA LYS A 229 16.87 -26.02 -0.68
C LYS A 229 17.60 -26.09 -2.04
N THR A 230 16.88 -25.86 -3.15
CA THR A 230 17.50 -25.85 -4.48
C THR A 230 18.23 -24.56 -4.80
N VAL A 231 17.94 -23.48 -4.06
CA VAL A 231 18.41 -22.12 -4.40
C VAL A 231 19.01 -21.28 -3.26
N PRO A 232 19.64 -21.91 -2.24
CA PRO A 232 20.01 -21.06 -1.10
C PRO A 232 20.91 -19.84 -1.37
N THR A 233 21.89 -19.94 -2.27
CA THR A 233 22.77 -18.79 -2.57
C THR A 233 22.42 -18.06 -3.88
N LEU A 234 21.29 -18.39 -4.49
CA LEU A 234 20.91 -17.74 -5.75
C LEU A 234 20.71 -16.26 -5.57
N TRP A 235 19.93 -15.86 -4.56
CA TRP A 235 19.67 -14.45 -4.31
C TRP A 235 20.92 -13.71 -3.81
N PRO A 236 21.67 -14.32 -2.87
CA PRO A 236 22.97 -13.69 -2.55
C PRO A 236 23.86 -13.46 -3.78
N GLU A 237 23.96 -14.44 -4.67
CA GLU A 237 24.76 -14.28 -5.90
C GLU A 237 24.19 -13.22 -6.85
N THR A 238 22.86 -13.16 -6.93
CA THR A 238 22.18 -12.13 -7.71
C THR A 238 22.51 -10.72 -7.21
N LYS A 239 22.46 -10.53 -5.88
CA LYS A 239 22.81 -9.24 -5.29
C LYS A 239 24.26 -8.84 -5.55
N LYS A 240 25.17 -9.82 -5.54
CA LYS A 240 26.57 -9.57 -5.92
C LYS A 240 26.67 -9.07 -7.36
N PHE A 241 25.95 -9.74 -8.26
CA PHE A 241 25.89 -9.30 -9.65
C PHE A 241 25.35 -7.88 -9.80
N LEU A 242 24.26 -7.57 -9.08
CA LEU A 242 23.66 -6.23 -9.14
C LEU A 242 24.60 -5.14 -8.61
N ALA A 243 25.31 -5.43 -7.51
CA ALA A 243 26.28 -4.47 -6.96
C ALA A 243 27.39 -4.14 -7.97
N ALA A 244 27.85 -5.13 -8.72
CA ALA A 244 28.83 -4.93 -9.77
C ALA A 244 28.28 -4.27 -11.03
N ASN A 245 26.97 -4.32 -11.25
CA ASN A 245 26.33 -3.79 -12.47
C ASN A 245 25.10 -2.94 -12.14
N PRO A 246 25.31 -1.79 -11.47
CA PRO A 246 24.17 -0.99 -10.99
C PRO A 246 23.27 -0.39 -12.07
N SER A 247 23.75 -0.26 -13.30
CA SER A 247 22.92 0.28 -14.39
C SER A 247 21.97 -0.76 -15.01
N TYR A 248 22.12 -2.04 -14.68
CA TYR A 248 21.30 -3.08 -15.32
C TYR A 248 19.85 -3.16 -14.80
N LEU A 249 19.62 -2.80 -13.55
CA LEU A 249 18.28 -2.90 -12.95
C LEU A 249 17.28 -2.02 -13.72
N SER A 250 16.16 -2.60 -14.15
CA SER A 250 15.16 -1.81 -14.87
C SER A 250 14.33 -0.94 -13.92
N SER A 251 13.72 0.09 -14.47
CA SER A 251 12.84 0.94 -13.68
C SER A 251 11.52 0.22 -13.32
N ASN A 252 10.89 -0.43 -14.29
CA ASN A 252 9.65 -1.17 -14.04
C ASN A 252 10.03 -2.61 -13.69
N ASN A 253 10.56 -2.78 -12.47
CA ASN A 253 11.08 -4.06 -12.01
C ASN A 253 10.13 -4.74 -11.03
N MET A 254 10.42 -6.00 -10.74
CA MET A 254 9.56 -6.81 -9.87
C MET A 254 10.19 -7.09 -8.50
N MET A 255 10.97 -6.13 -7.99
CA MET A 255 11.67 -6.31 -6.70
C MET A 255 10.74 -6.68 -5.55
N GLY A 256 9.57 -6.02 -5.49
CA GLY A 256 8.55 -6.35 -4.49
C GLY A 256 8.12 -7.82 -4.50
N TRP A 257 7.91 -8.36 -5.70
CA TRP A 257 7.56 -9.77 -5.87
C TRP A 257 8.72 -10.70 -5.55
N LEU A 258 9.89 -10.38 -6.09
CA LEU A 258 11.10 -11.20 -5.87
C LEU A 258 11.49 -11.29 -4.38
N THR A 259 11.25 -10.23 -3.61
CA THR A 259 11.67 -10.16 -2.20
C THR A 259 10.51 -10.26 -1.21
N ASP A 260 9.32 -10.60 -1.67
CA ASP A 260 8.16 -10.68 -0.81
C ASP A 260 8.36 -11.75 0.27
N ASP A 261 7.90 -11.45 1.49
CA ASP A 261 7.86 -12.41 2.59
C ASP A 261 6.48 -12.45 3.28
N SER A 262 5.45 -11.90 2.65
CA SER A 262 4.14 -11.72 3.29
C SER A 262 3.26 -12.98 3.24
N LEU A 263 3.55 -13.92 2.33
CA LEU A 263 2.73 -15.14 2.23
C LEU A 263 3.38 -16.31 2.94
N ARG A 264 4.65 -16.56 2.61
CA ARG A 264 5.38 -17.70 3.18
C ARG A 264 6.74 -17.19 3.62
N PRO A 265 6.79 -16.47 4.76
CA PRO A 265 8.06 -15.88 5.22
C PRO A 265 9.18 -16.88 5.46
N ASP A 266 8.88 -18.14 5.78
CA ASP A 266 9.92 -19.14 5.99
C ASP A 266 10.63 -19.52 4.68
N HIS A 267 9.93 -19.43 3.55
CA HIS A 267 10.56 -19.62 2.25
C HIS A 267 11.57 -18.53 1.98
N THR A 268 11.15 -17.28 2.20
CA THR A 268 12.00 -16.14 1.90
C THR A 268 13.25 -16.14 2.78
N GLU A 269 13.08 -16.49 4.07
CA GLU A 269 14.23 -16.65 4.97
C GLU A 269 15.17 -17.76 4.50
N ALA A 270 14.61 -18.92 4.18
CA ALA A 270 15.43 -20.08 3.77
C ALA A 270 16.18 -19.85 2.44
N ALA A 271 15.60 -19.04 1.55
CA ALA A 271 16.26 -18.68 0.29
C ALA A 271 16.99 -17.34 0.39
N ASN A 272 17.21 -16.86 1.63
CA ASN A 272 18.10 -15.73 1.92
C ASN A 272 17.71 -14.45 1.19
N GLY A 273 16.42 -14.13 1.21
CA GLY A 273 15.91 -12.87 0.67
C GLY A 273 15.02 -12.99 -0.57
N TYR A 274 15.07 -14.13 -1.25
CA TYR A 274 14.24 -14.38 -2.45
C TYR A 274 12.97 -15.15 -2.04
N SER A 275 11.82 -14.69 -2.51
CA SER A 275 10.52 -15.35 -2.16
C SER A 275 10.43 -16.79 -2.64
N THR A 276 11.29 -17.13 -3.61
CA THR A 276 11.31 -18.38 -4.37
C THR A 276 10.23 -18.43 -5.46
N CYS A 277 9.41 -17.39 -5.58
CA CYS A 277 8.36 -17.39 -6.57
C CYS A 277 8.93 -17.27 -7.97
N HIS A 278 8.29 -17.98 -8.90
CA HIS A 278 8.74 -18.02 -10.28
C HIS A 278 7.60 -18.32 -11.22
N PHE A 279 7.76 -17.83 -12.44
CA PHE A 279 6.95 -18.26 -13.56
C PHE A 279 7.30 -19.72 -13.82
N TRP A 280 6.28 -20.57 -13.96
CA TRP A 280 6.55 -21.99 -14.05
C TRP A 280 6.97 -22.37 -15.49
N SER A 281 8.29 -22.43 -15.66
CA SER A 281 8.95 -22.34 -16.96
C SER A 281 8.75 -23.52 -17.93
N ASN A 282 8.18 -24.64 -17.48
CA ASN A 282 7.77 -25.68 -18.41
C ASN A 282 6.87 -25.14 -19.53
N PHE A 283 6.07 -24.10 -19.25
CA PHE A 283 5.40 -23.27 -20.25
C PHE A 283 6.12 -21.93 -20.33
N GLU A 284 6.53 -21.50 -21.52
CA GLU A 284 7.01 -20.13 -21.76
C GLU A 284 6.71 -19.75 -23.19
N ILE A 285 6.28 -18.50 -23.39
CA ILE A 285 6.32 -17.86 -24.70
C ILE A 285 7.21 -16.63 -24.50
N GLY A 286 8.35 -16.56 -25.20
CA GLY A 286 9.34 -15.55 -24.88
C GLY A 286 10.05 -14.95 -26.07
N ASP A 287 10.65 -13.77 -25.84
CA ASP A 287 11.49 -13.05 -26.77
C ASP A 287 12.94 -13.52 -26.55
N LEU A 288 13.46 -14.29 -27.49
CA LEU A 288 14.84 -14.78 -27.43
C LEU A 288 15.85 -13.64 -27.29
N ASP A 289 15.55 -12.49 -27.89
CA ASP A 289 16.46 -11.35 -27.82
C ASP A 289 16.56 -10.73 -26.43
N PHE A 290 15.58 -10.95 -25.54
CA PHE A 290 15.75 -10.54 -24.16
C PHE A 290 16.88 -11.32 -23.52
N PHE A 291 16.82 -12.64 -23.64
CA PHE A 291 17.80 -13.53 -23.01
C PHE A 291 19.20 -13.41 -23.64
N ARG A 292 19.25 -13.16 -24.95
CA ARG A 292 20.50 -12.84 -25.65
C ARG A 292 21.09 -11.48 -25.29
N GLY A 293 20.28 -10.59 -24.71
CA GLY A 293 20.72 -9.24 -24.38
C GLY A 293 21.84 -9.19 -23.36
N GLU A 294 22.49 -8.03 -23.29
CA GLU A 294 23.64 -7.80 -22.42
C GLU A 294 23.35 -8.16 -20.96
N GLN A 295 22.23 -7.67 -20.47
CA GLN A 295 21.91 -7.75 -19.04
C GLN A 295 21.66 -9.21 -18.63
N TYR A 296 20.68 -9.85 -19.27
CA TYR A 296 20.35 -11.23 -18.89
C TYR A 296 21.52 -12.16 -19.12
N ASP A 297 22.18 -12.06 -20.27
CA ASP A 297 23.25 -12.99 -20.54
C ASP A 297 24.45 -12.81 -19.60
N ALA A 298 24.76 -11.57 -19.22
CA ALA A 298 25.81 -11.31 -18.20
C ALA A 298 25.40 -11.92 -16.85
N TYR A 299 24.11 -11.81 -16.52
CA TYR A 299 23.57 -12.45 -15.31
C TYR A 299 23.77 -13.96 -15.36
N PHE A 300 23.40 -14.59 -16.48
CA PHE A 300 23.58 -16.02 -16.62
C PHE A 300 25.06 -16.42 -16.44
N ASN A 301 25.97 -15.68 -17.09
CA ASN A 301 27.39 -16.03 -17.00
C ASN A 301 27.96 -15.86 -15.60
N HIS A 302 27.48 -14.84 -14.89
CA HIS A 302 27.80 -14.68 -13.47
C HIS A 302 27.39 -15.91 -12.68
N LEU A 303 26.15 -16.33 -12.83
CA LEU A 303 25.65 -17.54 -12.16
C LEU A 303 26.43 -18.80 -12.58
N ASP A 304 26.79 -18.87 -13.85
CA ASP A 304 27.54 -20.01 -14.38
C ASP A 304 28.92 -20.14 -13.72
N ARG A 305 29.56 -19.00 -13.48
CA ARG A 305 30.86 -18.97 -12.80
C ARG A 305 30.76 -19.25 -11.31
N ALA A 306 29.63 -18.89 -10.70
CA ALA A 306 29.41 -19.10 -9.28
C ALA A 306 29.24 -20.58 -8.94
N GLY A 307 28.78 -21.39 -9.90
CA GLY A 307 28.72 -22.85 -9.76
C GLY A 307 27.41 -23.43 -9.25
N GLY A 308 26.46 -22.57 -8.90
CA GLY A 308 25.22 -23.00 -8.29
C GLY A 308 24.27 -23.80 -9.15
N PHE A 309 24.44 -23.79 -10.48
CA PHE A 309 23.75 -24.75 -11.33
C PHE A 309 24.13 -26.19 -11.02
N PHE A 310 25.34 -26.40 -10.51
CA PHE A 310 25.81 -27.74 -10.18
C PHE A 310 25.95 -27.99 -8.69
N TYR A 311 26.50 -27.04 -7.93
CA TYR A 311 26.67 -27.23 -6.48
C TYR A 311 25.38 -27.03 -5.70
N GLU A 312 24.43 -26.34 -6.32
CA GLU A 312 23.04 -26.31 -5.84
C GLU A 312 22.21 -26.85 -7.00
N ARG A 313 20.89 -26.63 -7.04
CA ARG A 313 20.11 -27.07 -8.19
C ARG A 313 19.27 -25.90 -8.68
N TRP A 314 19.98 -24.84 -9.06
CA TRP A 314 19.31 -23.62 -9.52
C TRP A 314 18.47 -23.95 -10.75
N GLY A 315 17.15 -23.81 -10.60
CA GLY A 315 16.22 -24.08 -11.68
C GLY A 315 16.23 -22.96 -12.72
N ASP A 316 15.95 -23.30 -13.97
CA ASP A 316 15.74 -22.27 -14.99
C ASP A 316 14.54 -21.37 -14.69
N ALA A 317 13.55 -21.90 -14.00
CA ALA A 317 12.37 -21.07 -13.65
C ALA A 317 12.73 -19.89 -12.73
N PRO A 318 13.35 -20.17 -11.54
CA PRO A 318 13.76 -19.02 -10.74
C PRO A 318 14.78 -18.12 -11.45
N VAL A 319 15.71 -18.70 -12.21
CA VAL A 319 16.72 -17.90 -12.90
C VAL A 319 16.08 -16.99 -13.97
N HIS A 320 15.19 -17.54 -14.80
CA HIS A 320 14.40 -16.73 -15.73
C HIS A 320 13.59 -15.65 -15.03
N SER A 321 12.94 -16.04 -13.94
CA SER A 321 12.05 -15.13 -13.21
C SER A 321 12.79 -13.98 -12.58
N ILE A 322 13.94 -14.27 -11.96
CA ILE A 322 14.79 -13.21 -11.40
C ILE A 322 15.32 -12.31 -12.53
N GLY A 323 15.81 -12.92 -13.60
CA GLY A 323 16.31 -12.13 -14.75
C GLY A 323 15.26 -11.18 -15.32
N LEU A 324 14.04 -11.69 -15.53
CA LEU A 324 12.93 -10.86 -15.98
C LEU A 324 12.58 -9.79 -14.97
N GLY A 325 12.50 -10.19 -13.70
CA GLY A 325 12.12 -9.27 -12.64
C GLY A 325 13.12 -8.14 -12.36
N LEU A 326 14.38 -8.33 -12.73
CA LEU A 326 15.40 -7.30 -12.53
C LEU A 326 15.75 -6.49 -13.80
N PHE A 327 15.67 -7.14 -14.96
CA PHE A 327 16.17 -6.57 -16.23
C PHE A 327 15.14 -6.30 -17.30
N ALA A 328 13.95 -6.90 -17.21
CA ALA A 328 12.88 -6.60 -18.16
C ALA A 328 11.97 -5.49 -17.66
N ASP A 329 11.15 -4.99 -18.57
CA ASP A 329 10.05 -4.10 -18.24
C ASP A 329 8.87 -5.00 -17.85
N ALA A 330 8.41 -4.88 -16.59
CA ALA A 330 7.31 -5.74 -16.09
C ALA A 330 6.02 -5.56 -16.89
N ALA A 331 5.83 -4.40 -17.52
CA ALA A 331 4.66 -4.17 -18.39
C ALA A 331 4.70 -5.05 -19.63
N LYS A 332 5.88 -5.55 -20.00
CA LYS A 332 6.05 -6.44 -21.16
C LYS A 332 6.04 -7.94 -20.78
N VAL A 333 5.64 -8.27 -19.55
CA VAL A 333 5.44 -9.65 -19.12
C VAL A 333 3.93 -9.87 -19.03
N HIS A 334 3.46 -10.97 -19.60
CA HIS A 334 2.02 -11.18 -19.77
C HIS A 334 1.58 -12.52 -19.17
N TRP A 335 0.49 -12.48 -18.41
CA TRP A 335 -0.19 -13.70 -17.98
C TRP A 335 -1.13 -14.17 -19.07
N PHE A 336 -0.80 -15.30 -19.70
CA PHE A 336 -1.66 -15.94 -20.69
C PHE A 336 -2.80 -16.70 -20.00
N ARG A 337 -3.69 -15.96 -19.36
CA ARG A 337 -4.79 -16.55 -18.61
C ARG A 337 -5.72 -17.38 -19.49
N ASP A 338 -5.79 -17.03 -20.79
CA ASP A 338 -6.65 -17.72 -21.75
C ASP A 338 -6.09 -19.02 -22.34
N ILE A 339 -4.85 -19.38 -22.02
CA ILE A 339 -4.29 -20.65 -22.47
C ILE A 339 -4.48 -21.66 -21.34
N GLY A 340 -5.46 -22.53 -21.49
CA GLY A 340 -5.73 -23.60 -20.55
C GLY A 340 -4.56 -24.56 -20.57
N TYR A 341 -3.99 -24.83 -19.39
CA TYR A 341 -2.72 -25.56 -19.30
C TYR A 341 -2.65 -26.43 -18.05
N ASN A 342 -2.03 -27.60 -18.19
CA ASN A 342 -1.71 -28.49 -17.06
C ASN A 342 -0.36 -29.13 -17.27
N HIS A 343 0.50 -29.02 -16.25
CA HIS A 343 1.66 -29.90 -16.09
C HIS A 343 1.49 -30.39 -14.66
N ILE A 344 1.51 -31.70 -14.47
CA ILE A 344 1.16 -32.30 -13.17
C ILE A 344 2.00 -31.62 -12.08
N PRO A 345 1.42 -31.17 -10.96
CA PRO A 345 0.02 -31.33 -10.57
C PRO A 345 -0.81 -30.04 -10.65
N TYR A 346 -0.36 -29.05 -11.43
CA TYR A 346 -0.97 -27.71 -11.41
C TYR A 346 -1.62 -27.31 -12.71
N TYR A 347 -2.54 -26.34 -12.60
CA TYR A 347 -3.41 -25.94 -13.71
C TYR A 347 -3.51 -24.43 -13.84
N ASN A 348 -3.70 -23.99 -15.08
CA ASN A 348 -4.29 -22.71 -15.39
C ASN A 348 -5.53 -23.03 -16.23
N CYS A 349 -6.71 -22.97 -15.61
CA CYS A 349 -7.97 -23.30 -16.31
C CYS A 349 -8.93 -22.11 -16.27
N PRO A 350 -9.05 -21.37 -17.39
CA PRO A 350 -9.95 -20.22 -17.39
C PRO A 350 -11.40 -20.61 -17.61
N ASN A 351 -12.30 -19.74 -17.17
CA ASN A 351 -13.73 -19.87 -17.42
C ASN A 351 -14.01 -19.30 -18.82
N SER A 352 -14.02 -20.18 -19.80
CA SER A 352 -14.30 -19.81 -21.18
C SER A 352 -14.98 -20.95 -21.92
N PRO A 353 -15.96 -20.64 -22.80
CA PRO A 353 -16.55 -21.69 -23.61
C PRO A 353 -15.58 -22.28 -24.64
N LYS A 354 -14.40 -21.69 -24.82
CA LYS A 354 -13.39 -22.31 -25.67
C LYS A 354 -12.64 -23.48 -25.03
N CYS A 355 -12.85 -23.72 -23.73
CA CYS A 355 -12.11 -24.73 -22.98
C CYS A 355 -12.97 -25.94 -22.73
N SER A 356 -12.33 -27.07 -22.50
CA SER A 356 -13.03 -28.26 -22.03
C SER A 356 -12.05 -29.14 -21.25
N LYS A 357 -12.63 -29.99 -20.41
CA LYS A 357 -11.90 -31.00 -19.63
C LYS A 357 -10.94 -30.47 -18.56
N CYS A 358 -11.14 -29.22 -18.11
CA CYS A 358 -10.49 -28.73 -16.91
C CYS A 358 -11.52 -27.96 -16.08
N THR A 359 -11.30 -27.91 -14.78
CA THR A 359 -12.15 -27.20 -13.84
C THR A 359 -11.67 -25.76 -13.66
N PRO A 360 -12.48 -24.77 -14.10
CA PRO A 360 -12.07 -23.39 -13.96
C PRO A 360 -11.65 -23.00 -12.53
N GLY A 361 -10.48 -22.36 -12.40
CA GLY A 361 -10.00 -21.91 -11.12
C GLY A 361 -9.50 -22.95 -10.12
N GLN A 362 -9.46 -24.23 -10.49
CA GLN A 362 -8.88 -25.27 -9.64
CA GLN A 362 -8.87 -25.25 -9.60
C GLN A 362 -7.38 -25.27 -9.91
N PHE A 363 -6.60 -24.84 -8.92
CA PHE A 363 -5.15 -24.67 -9.06
C PHE A 363 -4.39 -26.02 -9.14
N TYR A 364 -4.86 -27.02 -8.39
CA TYR A 364 -4.11 -28.25 -8.20
C TYR A 364 -5.01 -29.48 -8.23
N ALA A 365 -4.40 -30.63 -8.51
CA ALA A 365 -5.02 -31.94 -8.31
C ALA A 365 -4.10 -32.76 -7.41
N GLY A 366 -4.65 -33.31 -6.33
CA GLY A 366 -3.88 -34.04 -5.34
C GLY A 366 -4.27 -33.63 -3.95
N ALA A 367 -3.35 -33.82 -3.01
CA ALA A 367 -3.62 -33.52 -1.60
C ALA A 367 -3.72 -32.02 -1.37
N PRO A 368 -4.52 -31.61 -0.36
CA PRO A 368 -4.75 -30.18 -0.15
C PRO A 368 -3.53 -29.37 0.27
N PHE A 369 -2.46 -30.01 0.75
CA PHE A 369 -1.21 -29.27 1.03
C PHE A 369 -0.60 -28.60 -0.23
N LEU A 370 -1.00 -29.05 -1.42
CA LEU A 370 -0.52 -28.41 -2.67
C LEU A 370 -1.04 -26.99 -2.91
N ALA A 371 -2.16 -26.62 -2.28
CA ALA A 371 -2.79 -25.31 -2.49
C ALA A 371 -1.86 -24.11 -2.21
N LYS A 372 -1.04 -24.24 -1.17
CA LYS A 372 -0.10 -23.17 -0.79
C LYS A 372 1.04 -22.92 -1.76
N GLU A 373 1.18 -23.73 -2.81
CA GLU A 373 2.27 -23.53 -3.78
C GLU A 373 1.97 -22.44 -4.82
N ASP A 374 0.74 -21.97 -4.88
CA ASP A 374 0.34 -20.86 -5.76
C ASP A 374 0.92 -19.54 -5.27
N CYS A 375 1.73 -18.87 -6.09
CA CYS A 375 2.28 -17.56 -5.73
C CYS A 375 1.60 -16.39 -6.44
N ARG A 376 0.57 -16.65 -7.23
CA ARG A 376 -0.11 -15.56 -7.96
C ARG A 376 -0.65 -14.45 -7.07
N PRO A 377 -1.14 -14.77 -5.83
CA PRO A 377 -1.61 -13.64 -5.03
C PRO A 377 -0.53 -12.60 -4.74
N SER A 378 0.72 -13.04 -4.63
CA SER A 378 1.83 -12.11 -4.48
C SER A 378 2.15 -11.42 -5.81
N TYR A 379 2.27 -12.20 -6.88
CA TYR A 379 2.55 -11.62 -8.21
C TYR A 379 1.48 -10.59 -8.65
N PHE A 380 0.21 -10.91 -8.41
CA PHE A 380 -0.88 -10.01 -8.79
C PHE A 380 -0.91 -8.72 -7.96
N LYS A 381 -0.55 -8.81 -6.68
CA LYS A 381 -0.42 -7.63 -5.82
C LYS A 381 0.76 -6.74 -6.25
N HIS A 382 1.94 -7.35 -6.40
CA HIS A 382 3.18 -6.57 -6.60
C HIS A 382 3.47 -6.17 -8.05
N VAL A 383 2.88 -6.88 -9.01
CA VAL A 383 3.20 -6.67 -10.43
C VAL A 383 1.90 -6.46 -11.21
N GLY A 384 0.99 -7.41 -11.18
CA GLY A 384 -0.35 -7.23 -11.76
C GLY A 384 -0.83 -8.42 -12.53
N MET A 385 -2.01 -8.27 -13.12
CA MET A 385 -2.72 -9.36 -13.81
C MET A 385 -2.76 -9.19 -15.33
N HIS A 386 -2.00 -8.20 -15.82
CA HIS A 386 -1.91 -7.90 -17.25
C HIS A 386 -1.17 -8.98 -18.03
N SER B 17 -25.20 -27.48 16.11
CA SER B 17 -24.56 -28.76 15.67
C SER B 17 -24.62 -28.90 14.15
N HIS B 18 -25.83 -28.83 13.61
CA HIS B 18 -26.07 -28.86 12.15
C HIS B 18 -25.92 -27.47 11.47
N GLY B 19 -25.19 -26.56 12.13
CA GLY B 19 -25.02 -25.20 11.63
C GLY B 19 -23.90 -25.06 10.60
N PRO B 20 -23.72 -23.84 10.07
CA PRO B 20 -22.74 -23.57 9.03
C PRO B 20 -21.29 -23.56 9.53
N SER B 21 -20.41 -24.25 8.82
CA SER B 21 -18.97 -24.20 9.07
C SER B 21 -18.36 -23.02 8.31
N PHE B 22 -17.64 -22.15 9.04
CA PHE B 22 -16.96 -20.98 8.46
C PHE B 22 -15.43 -21.09 8.64
N ILE B 23 -14.69 -20.41 7.76
CA ILE B 23 -13.22 -20.30 7.84
C ILE B 23 -12.86 -18.91 8.37
N LYS B 28 -14.96 -16.45 8.41
CA LYS B 28 -15.47 -15.55 7.38
C LYS B 28 -16.20 -16.31 6.27
N GLU B 29 -15.46 -17.17 5.57
CA GLU B 29 -15.93 -17.84 4.35
C GLU B 29 -16.72 -19.12 4.67
N TYR B 30 -17.97 -19.21 4.22
CA TYR B 30 -18.79 -20.42 4.41
C TYR B 30 -18.13 -21.62 3.73
N ASN B 31 -18.09 -22.75 4.45
CA ASN B 31 -17.42 -23.95 3.99
C ASN B 31 -18.23 -25.25 4.19
N GLY B 32 -19.54 -25.18 4.06
CA GLY B 32 -20.40 -26.36 4.24
C GLY B 32 -20.84 -26.57 5.67
N MET B 33 -21.39 -27.75 5.94
CA MET B 33 -21.94 -28.04 7.26
C MET B 33 -20.86 -28.44 8.26
N LYS B 34 -21.05 -28.06 9.53
CA LYS B 34 -20.10 -28.40 10.58
C LYS B 34 -20.27 -29.86 10.96
N ARG B 35 -21.48 -30.24 11.39
CA ARG B 35 -21.77 -31.63 11.75
C ARG B 35 -23.02 -32.11 11.02
N ASP B 36 -22.81 -33.02 10.08
CA ASP B 36 -23.88 -33.46 9.21
C ASP B 36 -24.80 -34.43 9.97
N PRO B 37 -26.13 -34.13 10.05
CA PRO B 37 -27.07 -35.06 10.72
C PRO B 37 -27.08 -36.46 10.12
N LEU B 38 -26.62 -36.60 8.87
CA LEU B 38 -26.44 -37.90 8.26
C LEU B 38 -25.49 -38.83 8.99
N LEU B 39 -24.61 -38.28 9.81
CA LEU B 39 -23.72 -39.10 10.64
C LEU B 39 -24.45 -39.80 11.76
N ASP B 40 -25.59 -39.28 12.19
CA ASP B 40 -26.37 -39.92 13.26
C ASP B 40 -27.00 -41.20 12.73
N PRO B 41 -27.23 -42.19 13.61
CA PRO B 41 -27.92 -43.41 13.20
C PRO B 41 -29.24 -43.04 12.54
N THR B 42 -29.38 -43.40 11.26
CA THR B 42 -30.50 -42.95 10.45
C THR B 42 -31.38 -44.16 10.19
N GLY B 43 -32.65 -44.06 10.58
CA GLY B 43 -33.61 -45.13 10.40
C GLY B 43 -34.79 -44.67 9.59
N GLU B 44 -35.91 -45.36 9.82
CA GLU B 44 -37.14 -45.11 9.09
C GLU B 44 -37.94 -44.01 9.73
N PRO B 45 -38.83 -43.35 8.97
CA PRO B 45 -39.72 -42.39 9.59
C PRO B 45 -40.70 -43.02 10.58
N GLU B 46 -41.32 -42.18 11.37
CA GLU B 46 -42.23 -42.62 12.42
C GLU B 46 -43.59 -42.97 11.82
N GLY B 47 -44.38 -43.73 12.57
CA GLY B 47 -45.75 -44.06 12.20
C GLY B 47 -45.87 -45.30 11.33
N HIS B 48 -47.08 -45.55 10.86
CA HIS B 48 -47.35 -46.74 10.09
C HIS B 48 -46.68 -46.71 8.72
N LEU B 49 -46.02 -47.80 8.38
CA LEU B 49 -45.32 -47.95 7.10
C LEU B 49 -45.85 -49.19 6.37
N TRP B 50 -46.05 -49.08 5.06
CA TRP B 50 -46.54 -50.19 4.26
C TRP B 50 -45.35 -51.02 3.72
N ARG B 51 -45.30 -52.30 4.13
CA ARG B 51 -44.19 -53.22 3.82
C ARG B 51 -44.55 -54.14 2.65
N ALA B 52 -43.54 -54.53 1.87
CA ALA B 52 -43.73 -55.43 0.74
C ALA B 52 -44.08 -56.87 1.17
N ASP B 53 -43.57 -57.32 2.32
CA ASP B 53 -43.86 -58.66 2.85
C ASP B 53 -45.28 -58.83 3.39
N ASP B 54 -45.96 -57.72 3.70
CA ASP B 54 -47.23 -57.71 4.42
C ASP B 54 -48.42 -57.30 3.55
N ASN B 55 -48.18 -57.00 2.28
CA ASN B 55 -49.20 -56.43 1.40
C ASN B 55 -48.95 -56.94 -0.01
N ASP B 56 -49.96 -56.92 -0.86
CA ASP B 56 -49.81 -57.41 -2.23
C ASP B 56 -49.23 -56.33 -3.13
N TYR B 57 -47.91 -56.40 -3.33
CA TYR B 57 -47.21 -55.54 -4.26
C TYR B 57 -46.75 -56.27 -5.53
N ALA B 58 -47.40 -57.40 -5.83
CA ALA B 58 -47.08 -58.16 -7.05
C ALA B 58 -47.27 -57.29 -8.30
N PRO B 59 -46.43 -57.50 -9.33
CA PRO B 59 -46.54 -56.67 -10.54
C PRO B 59 -47.92 -56.64 -11.22
N ASN B 60 -48.63 -57.76 -11.27
CA ASN B 60 -49.88 -57.81 -12.06
C ASN B 60 -51.16 -58.02 -11.24
N SER B 61 -51.17 -57.53 -10.01
CA SER B 61 -52.28 -57.76 -9.08
C SER B 61 -53.60 -57.10 -9.51
N ALA B 62 -54.71 -57.80 -9.28
CA ALA B 62 -56.03 -57.24 -9.53
C ALA B 62 -56.46 -56.22 -8.49
N HIS B 63 -55.89 -56.31 -7.28
CA HIS B 63 -56.24 -55.41 -6.18
C HIS B 63 -54.96 -55.04 -5.43
N SER B 64 -54.15 -54.27 -6.14
CA SER B 64 -52.81 -53.90 -5.72
C SER B 64 -52.82 -53.05 -4.46
N ALA B 65 -51.82 -53.23 -3.61
CA ALA B 65 -51.60 -52.32 -2.48
C ALA B 65 -50.96 -50.98 -2.91
N ARG B 66 -50.61 -50.82 -4.18
CA ARG B 66 -50.06 -49.57 -4.68
C ARG B 66 -51.09 -48.45 -4.74
N THR B 67 -50.64 -47.22 -4.49
CA THR B 67 -51.45 -46.05 -4.78
C THR B 67 -51.21 -45.61 -6.23
N ASN B 68 -51.87 -44.52 -6.62
CA ASN B 68 -51.78 -44.05 -8.01
C ASN B 68 -50.55 -43.14 -8.15
N ALA B 69 -49.40 -43.80 -8.25
CA ALA B 69 -48.10 -43.13 -8.33
C ALA B 69 -47.23 -43.80 -9.38
N ALA B 70 -46.25 -43.05 -9.88
CA ALA B 70 -45.34 -43.58 -10.89
C ALA B 70 -43.94 -43.02 -10.72
N LEU B 71 -42.97 -43.83 -11.13
CA LEU B 71 -41.59 -43.39 -11.34
C LEU B 71 -41.56 -42.74 -12.72
N ILE B 72 -41.00 -41.53 -12.83
CA ILE B 72 -40.98 -40.80 -14.10
C ILE B 72 -39.59 -40.28 -14.42
N SER B 73 -39.32 -40.14 -15.72
CA SER B 73 -38.03 -39.66 -16.18
C SER B 73 -38.17 -39.00 -17.54
N LEU B 74 -37.64 -37.78 -17.66
CA LEU B 74 -37.48 -37.14 -18.95
C LEU B 74 -36.11 -37.57 -19.42
N VAL B 75 -36.05 -38.34 -20.50
CA VAL B 75 -34.82 -39.02 -20.89
C VAL B 75 -34.76 -39.24 -22.40
N ARG B 76 -33.56 -39.09 -22.97
CA ARG B 76 -33.34 -39.26 -24.41
C ARG B 76 -32.87 -40.67 -24.72
N ASN B 77 -33.10 -41.14 -25.94
CA ASN B 77 -32.60 -42.46 -26.40
C ASN B 77 -31.09 -42.61 -26.17
N GLU B 78 -30.39 -41.52 -26.37
CA GLU B 78 -28.93 -41.50 -26.24
CA GLU B 78 -28.92 -41.41 -26.22
C GLU B 78 -28.45 -41.73 -24.79
N GLU B 79 -29.33 -41.53 -23.80
CA GLU B 79 -29.00 -41.73 -22.37
C GLU B 79 -29.34 -43.13 -21.83
N LEU B 80 -29.63 -44.08 -22.72
CA LEU B 80 -30.09 -45.42 -22.33
C LEU B 80 -29.18 -46.14 -21.34
N GLU B 81 -27.88 -46.22 -21.65
CA GLU B 81 -26.96 -46.97 -20.78
C GLU B 81 -26.91 -46.39 -19.36
N ASP B 82 -26.88 -45.07 -19.26
CA ASP B 82 -26.93 -44.39 -17.95
C ASP B 82 -28.27 -44.64 -17.25
N LEU B 83 -29.37 -44.60 -18.00
CA LEU B 83 -30.69 -44.89 -17.44
C LEU B 83 -30.77 -46.32 -16.88
N ILE B 84 -30.25 -47.29 -17.64
CA ILE B 84 -30.22 -48.70 -17.19
C ILE B 84 -29.48 -48.84 -15.86
N SER B 85 -28.35 -48.15 -15.72
CA SER B 85 -27.61 -48.18 -14.47
C SER B 85 -28.45 -47.65 -13.29
N THR B 86 -29.11 -46.52 -13.51
CA THR B 86 -30.01 -45.93 -12.54
C THR B 86 -31.19 -46.86 -12.17
N MET B 87 -31.83 -47.43 -13.19
CA MET B 87 -32.92 -48.40 -12.98
C MET B 87 -32.50 -49.57 -12.10
N LYS B 88 -31.34 -50.13 -12.40
CA LYS B 88 -30.83 -51.25 -11.60
C LYS B 88 -30.70 -50.90 -10.13
N ASP B 89 -30.20 -49.69 -9.84
CA ASP B 89 -30.07 -49.24 -8.45
C ASP B 89 -31.43 -49.06 -7.78
N LEU B 90 -32.34 -48.37 -8.46
CA LEU B 90 -33.64 -48.07 -7.86
C LEU B 90 -34.45 -49.35 -7.69
N GLU B 91 -34.37 -50.25 -8.66
CA GLU B 91 -35.01 -51.56 -8.56
C GLU B 91 -34.46 -52.39 -7.41
N ARG B 92 -33.13 -52.50 -7.32
CA ARG B 92 -32.50 -53.29 -6.26
C ARG B 92 -32.84 -52.77 -4.87
N THR B 93 -32.79 -51.45 -4.72
CA THR B 93 -32.98 -50.85 -3.40
C THR B 93 -34.44 -50.73 -3.01
N TRP B 94 -35.35 -50.62 -3.98
CA TRP B 94 -36.74 -50.29 -3.66
C TRP B 94 -37.78 -50.95 -4.57
N ASN B 95 -37.73 -50.67 -5.88
CA ASN B 95 -38.88 -51.00 -6.72
C ASN B 95 -39.07 -52.48 -7.04
N SER B 96 -38.04 -53.32 -6.85
CA SER B 96 -38.22 -54.75 -7.03
C SER B 96 -39.20 -55.32 -6.00
N LYS B 97 -39.34 -54.64 -4.87
CA LYS B 97 -40.32 -55.01 -3.84
C LYS B 97 -41.70 -54.39 -4.02
N PHE B 98 -41.79 -53.18 -4.59
CA PHE B 98 -43.07 -52.45 -4.67
C PHE B 98 -43.69 -52.39 -6.06
N ASN B 99 -42.85 -52.48 -7.08
CA ASN B 99 -43.28 -52.62 -8.47
C ASN B 99 -44.21 -51.53 -8.96
N TYR B 100 -43.84 -50.29 -8.66
CA TYR B 100 -44.51 -49.13 -9.23
C TYR B 100 -44.08 -48.98 -10.67
N PRO B 101 -44.99 -48.49 -11.54
CA PRO B 101 -44.65 -48.39 -12.95
C PRO B 101 -43.64 -47.29 -13.26
N TRP B 102 -42.90 -47.45 -14.36
CA TRP B 102 -42.02 -46.44 -14.91
C TRP B 102 -42.70 -45.77 -16.10
N ILE B 103 -42.72 -44.43 -16.13
CA ILE B 103 -43.21 -43.68 -17.27
C ILE B 103 -42.06 -42.81 -17.78
N PHE B 104 -41.62 -43.07 -19.02
CA PHE B 104 -40.54 -42.34 -19.66
C PHE B 104 -41.10 -41.31 -20.62
N PHE B 105 -40.51 -40.11 -20.61
CA PHE B 105 -40.96 -38.99 -21.41
C PHE B 105 -39.82 -38.48 -22.29
N ASN B 106 -40.14 -38.01 -23.47
CA ASN B 106 -39.13 -37.53 -24.43
C ASN B 106 -39.83 -36.70 -25.49
N ASP B 107 -39.15 -35.70 -26.02
CA ASP B 107 -39.70 -34.89 -27.11
C ASP B 107 -39.75 -35.68 -28.44
N LYS B 108 -38.84 -36.64 -28.60
CA LYS B 108 -38.79 -37.55 -29.77
C LYS B 108 -39.32 -38.93 -29.37
N PRO B 109 -39.71 -39.76 -30.37
CA PRO B 109 -40.14 -41.13 -30.05
C PRO B 109 -39.02 -42.01 -29.51
N PHE B 110 -39.35 -42.93 -28.62
CA PHE B 110 -38.35 -43.87 -28.11
C PHE B 110 -38.13 -45.00 -29.11
N THR B 111 -36.88 -45.44 -29.23
CA THR B 111 -36.54 -46.57 -30.10
C THR B 111 -37.02 -47.88 -29.49
N GLU B 112 -37.15 -48.89 -30.35
CA GLU B 112 -37.50 -50.23 -29.87
C GLU B 112 -36.43 -50.80 -28.95
N GLU B 113 -35.17 -50.48 -29.20
CA GLU B 113 -34.07 -50.88 -28.30
C GLU B 113 -34.26 -50.29 -26.88
N PHE B 114 -34.60 -49.00 -26.79
CA PHE B 114 -34.87 -48.34 -25.50
C PHE B 114 -35.98 -49.07 -24.73
N LYS B 115 -37.06 -49.41 -25.42
CA LYS B 115 -38.20 -50.08 -24.79
C LYS B 115 -37.84 -51.48 -24.30
N LYS B 116 -37.10 -52.24 -25.12
CA LYS B 116 -36.69 -53.59 -24.74
C LYS B 116 -35.76 -53.57 -23.54
N ARG B 117 -34.74 -52.72 -23.60
CA ARG B 117 -33.72 -52.67 -22.56
C ARG B 117 -34.28 -52.17 -21.21
N THR B 118 -35.10 -51.12 -21.24
CA THR B 118 -35.71 -50.61 -20.02
C THR B 118 -36.67 -51.61 -19.39
N GLN B 119 -37.54 -52.21 -20.21
CA GLN B 119 -38.50 -53.20 -19.69
C GLN B 119 -37.83 -54.45 -19.11
N ALA B 120 -36.67 -54.85 -19.65
CA ALA B 120 -35.87 -55.94 -19.08
C ALA B 120 -35.31 -55.67 -17.66
N GLU B 121 -35.28 -54.41 -17.21
CA GLU B 121 -34.74 -54.09 -15.88
C GLU B 121 -35.79 -54.04 -14.77
N THR B 122 -37.06 -54.29 -15.10
CA THR B 122 -38.14 -54.18 -14.11
C THR B 122 -39.24 -55.21 -14.38
N LYS B 123 -39.88 -55.68 -13.30
CA LYS B 123 -41.08 -56.51 -13.41
C LYS B 123 -42.32 -55.63 -13.50
N ALA B 124 -42.17 -54.33 -13.20
CA ALA B 124 -43.30 -53.39 -13.28
C ALA B 124 -43.58 -53.03 -14.73
N LYS B 125 -44.76 -52.45 -15.00
CA LYS B 125 -45.07 -51.97 -16.34
C LYS B 125 -44.29 -50.69 -16.68
N CYS B 126 -43.81 -50.60 -17.91
CA CYS B 126 -43.14 -49.42 -18.45
C CYS B 126 -44.02 -48.78 -19.52
N TYR B 127 -44.06 -47.45 -19.53
CA TYR B 127 -44.81 -46.68 -20.50
C TYR B 127 -43.86 -45.67 -21.14
N TYR B 128 -44.13 -45.37 -22.41
CA TYR B 128 -43.21 -44.63 -23.26
C TYR B 128 -44.00 -43.52 -23.91
N GLU B 129 -43.76 -42.28 -23.46
CA GLU B 129 -44.63 -41.17 -23.78
C GLU B 129 -43.85 -40.08 -24.50
N GLN B 130 -44.55 -39.36 -25.36
CA GLN B 130 -43.95 -38.26 -26.08
C GLN B 130 -44.53 -36.98 -25.53
N VAL B 131 -43.66 -35.99 -25.33
CA VAL B 131 -44.07 -34.67 -24.86
C VAL B 131 -44.74 -33.97 -26.02
N PRO B 132 -45.97 -33.46 -25.83
CA PRO B 132 -46.61 -32.80 -26.97
C PRO B 132 -45.91 -31.47 -27.31
N LYS B 133 -46.02 -31.07 -28.56
CA LYS B 133 -45.31 -29.89 -29.03
C LYS B 133 -45.71 -28.63 -28.27
N GLU B 134 -46.98 -28.52 -27.86
CA GLU B 134 -47.44 -27.37 -27.06
C GLU B 134 -46.86 -27.32 -25.62
N HIS B 135 -46.25 -28.43 -25.17
CA HIS B 135 -45.53 -28.48 -23.91
C HIS B 135 -44.01 -28.40 -24.10
N TRP B 136 -43.55 -28.17 -25.34
CA TRP B 136 -42.11 -28.22 -25.66
C TRP B 136 -41.63 -27.04 -26.47
N ASP B 137 -42.34 -26.69 -27.54
CA ASP B 137 -42.02 -25.51 -28.35
C ASP B 137 -42.09 -24.28 -27.45
N PRO B 138 -41.15 -23.33 -27.64
CA PRO B 138 -41.29 -22.07 -26.93
C PRO B 138 -42.64 -21.42 -27.24
N PRO B 139 -43.28 -20.78 -26.25
CA PRO B 139 -44.54 -20.08 -26.53
C PRO B 139 -44.36 -18.94 -27.54
N GLU B 140 -45.44 -18.55 -28.20
CA GLU B 140 -45.31 -17.61 -29.34
C GLU B 140 -44.96 -16.18 -28.94
N TRP B 141 -45.10 -15.82 -27.67
CA TRP B 141 -44.61 -14.53 -27.18
C TRP B 141 -43.09 -14.45 -27.02
N ILE B 142 -42.38 -15.58 -27.09
CA ILE B 142 -40.92 -15.56 -26.94
C ILE B 142 -40.29 -15.20 -28.26
N ASN B 143 -39.41 -14.20 -28.25
CA ASN B 143 -38.70 -13.78 -29.45
C ASN B 143 -37.39 -14.56 -29.50
N MET B 144 -37.19 -15.32 -30.56
CA MET B 144 -36.04 -16.24 -30.62
C MET B 144 -34.69 -15.54 -30.84
N GLU B 145 -34.72 -14.36 -31.45
CA GLU B 145 -33.49 -13.57 -31.59
C GLU B 145 -33.04 -13.03 -30.21
N LEU B 146 -33.98 -12.66 -29.35
CA LEU B 146 -33.68 -12.20 -27.99
C LEU B 146 -33.13 -13.38 -27.21
N PHE B 147 -33.75 -14.54 -27.41
CA PHE B 147 -33.28 -15.79 -26.81
C PHE B 147 -31.80 -16.07 -27.16
N ARG B 148 -31.48 -16.03 -28.45
CA ARG B 148 -30.11 -16.31 -28.90
C ARG B 148 -29.10 -15.30 -28.34
N GLU B 149 -29.49 -14.01 -28.27
CA GLU B 149 -28.62 -12.97 -27.71
C GLU B 149 -28.32 -13.22 -26.23
N SER B 150 -29.35 -13.47 -25.42
CA SER B 150 -29.10 -13.73 -24.00
C SER B 150 -28.34 -15.06 -23.80
N ALA B 151 -28.65 -16.07 -24.61
CA ALA B 151 -27.93 -17.36 -24.57
C ALA B 151 -26.43 -17.21 -24.84
N ALA B 152 -26.08 -16.36 -25.79
CA ALA B 152 -24.67 -16.08 -26.09
C ALA B 152 -23.93 -15.47 -24.88
N ILE B 153 -24.60 -14.58 -24.17
CA ILE B 153 -24.02 -13.98 -22.97
C ILE B 153 -23.85 -15.03 -21.86
N LEU B 154 -24.88 -15.86 -21.62
CA LEU B 154 -24.77 -16.90 -20.59
C LEU B 154 -23.68 -17.92 -20.94
N THR B 155 -23.58 -18.28 -22.21
CA THR B 155 -22.46 -19.13 -22.70
C THR B 155 -21.09 -18.53 -22.38
N GLU B 156 -20.95 -17.23 -22.59
CA GLU B 156 -19.69 -16.54 -22.29
C GLU B 156 -19.38 -16.50 -20.79
N GLN B 157 -20.41 -16.31 -19.97
CA GLN B 157 -20.23 -16.09 -18.54
C GLN B 157 -20.20 -17.33 -17.67
N LYS B 158 -21.03 -18.32 -17.96
CA LYS B 158 -21.32 -19.41 -17.02
C LYS B 158 -20.28 -20.53 -17.10
N ILE B 159 -19.79 -20.95 -15.95
CA ILE B 159 -18.75 -21.97 -15.84
C ILE B 159 -19.19 -23.31 -16.43
N GLN B 160 -18.35 -23.87 -17.30
CA GLN B 160 -18.56 -25.20 -17.88
C GLN B 160 -19.96 -25.34 -18.46
N TYR B 161 -20.33 -24.35 -19.27
CA TYR B 161 -21.69 -24.25 -19.78
C TYR B 161 -21.70 -23.59 -21.16
N SER B 162 -22.32 -24.27 -22.12
CA SER B 162 -22.58 -23.72 -23.45
C SER B 162 -24.08 -23.90 -23.68
N ASP B 163 -24.78 -22.80 -23.99
CA ASP B 163 -26.24 -22.79 -23.99
CA ASP B 163 -26.24 -22.82 -23.95
C ASP B 163 -26.82 -23.64 -25.10
N LYS B 164 -27.93 -24.32 -24.81
CA LYS B 164 -28.75 -25.02 -25.80
C LYS B 164 -30.20 -24.69 -25.49
N LEU B 165 -31.00 -24.45 -26.53
CA LEU B 165 -32.43 -24.23 -26.34
C LEU B 165 -33.08 -25.38 -25.56
N SER B 166 -32.65 -26.61 -25.81
CA SER B 166 -33.24 -27.79 -25.15
C SER B 166 -33.12 -27.75 -23.62
N TYR B 167 -32.09 -27.13 -23.08
CA TYR B 167 -31.94 -26.98 -21.62
C TYR B 167 -33.08 -26.13 -21.04
N HIS B 168 -33.42 -25.07 -21.75
CA HIS B 168 -34.48 -24.18 -21.34
C HIS B 168 -35.85 -24.86 -21.46
N GLN B 169 -36.04 -25.61 -22.55
CA GLN B 169 -37.26 -26.40 -22.76
C GLN B 169 -37.45 -27.46 -21.69
N MET B 170 -36.35 -28.11 -21.29
CA MET B 170 -36.37 -29.10 -20.19
C MET B 170 -36.78 -28.45 -18.87
N CYS B 171 -36.17 -27.29 -18.55
CA CYS B 171 -36.51 -26.56 -17.32
C CYS B 171 -37.97 -26.09 -17.30
N ARG B 172 -38.44 -25.57 -18.43
CA ARG B 172 -39.85 -25.19 -18.55
C ARG B 172 -40.78 -26.41 -18.40
N TRP B 173 -40.42 -27.54 -18.99
CA TRP B 173 -41.26 -28.75 -18.91
C TRP B 173 -41.39 -29.26 -17.48
N ASN B 174 -40.25 -29.39 -16.79
CA ASN B 174 -40.23 -29.76 -15.37
C ASN B 174 -40.94 -28.71 -14.50
N SER B 175 -40.87 -27.44 -14.88
CA SER B 175 -41.49 -26.37 -14.08
C SER B 175 -43.01 -26.32 -14.19
N GLY B 176 -43.54 -26.50 -15.39
CA GLY B 176 -44.97 -26.27 -15.65
C GLY B 176 -45.77 -27.25 -16.47
N MET B 177 -45.11 -28.21 -17.12
CA MET B 177 -45.77 -29.05 -18.12
C MET B 177 -45.94 -30.51 -17.75
N PHE B 178 -45.00 -31.09 -16.99
CA PHE B 178 -45.04 -32.55 -16.74
C PHE B 178 -46.33 -32.97 -16.06
N TYR B 179 -46.79 -32.15 -15.13
CA TYR B 179 -48.04 -32.42 -14.42
C TYR B 179 -49.32 -32.17 -15.23
N LYS B 180 -49.18 -31.61 -16.43
CA LYS B 180 -50.27 -31.47 -17.39
C LYS B 180 -50.25 -32.55 -18.48
N HIS B 181 -49.29 -33.47 -18.44
CA HIS B 181 -49.22 -34.49 -19.47
C HIS B 181 -50.39 -35.48 -19.30
N PRO B 182 -51.09 -35.81 -20.40
CA PRO B 182 -52.25 -36.73 -20.30
C PRO B 182 -51.98 -38.09 -19.63
N ALA B 183 -50.86 -38.70 -19.97
CA ALA B 183 -50.34 -39.91 -19.29
C ALA B 183 -50.35 -39.89 -17.75
N LEU B 184 -50.19 -38.72 -17.15
CA LEU B 184 -50.21 -38.60 -15.68
C LEU B 184 -51.55 -38.18 -15.10
N LYS B 185 -52.57 -38.04 -15.95
CA LYS B 185 -53.88 -37.51 -15.55
C LYS B 185 -54.48 -38.22 -14.33
N ASN B 186 -54.39 -39.54 -14.27
CA ASN B 186 -54.98 -40.30 -13.17
C ASN B 186 -53.98 -40.66 -12.06
N TYR B 187 -52.82 -40.02 -12.06
CA TYR B 187 -51.82 -40.22 -11.01
C TYR B 187 -51.83 -39.03 -10.07
N LYS B 188 -51.53 -39.29 -8.81
CA LYS B 188 -51.40 -38.26 -7.80
C LYS B 188 -49.94 -37.98 -7.40
N TYR B 189 -49.11 -39.02 -7.29
CA TYR B 189 -47.71 -38.88 -6.88
C TYR B 189 -46.73 -39.32 -7.95
N TYR B 190 -45.54 -38.70 -7.95
CA TYR B 190 -44.46 -39.04 -8.89
C TYR B 190 -43.14 -39.10 -8.12
N TRP B 191 -42.22 -39.89 -8.65
CA TRP B 191 -40.85 -39.92 -8.18
C TRP B 191 -40.05 -39.66 -9.44
N ARG B 192 -39.49 -38.47 -9.53
CA ARG B 192 -38.68 -38.09 -10.68
C ARG B 192 -37.30 -38.74 -10.55
N VAL B 193 -36.85 -39.37 -11.64
CA VAL B 193 -35.57 -40.07 -11.70
C VAL B 193 -34.80 -39.55 -12.91
N GLU B 194 -33.53 -39.25 -12.70
CA GLU B 194 -32.66 -38.80 -13.79
C GLU B 194 -31.73 -39.94 -14.22
N PRO B 195 -31.27 -39.92 -15.48
CA PRO B 195 -30.25 -40.92 -15.86
C PRO B 195 -28.92 -40.65 -15.12
N LYS B 196 -28.15 -41.70 -14.90
CA LYS B 196 -26.84 -41.60 -14.28
C LYS B 196 -26.83 -41.20 -12.79
N VAL B 197 -27.85 -41.59 -12.05
CA VAL B 197 -27.83 -41.38 -10.60
C VAL B 197 -27.59 -42.71 -9.93
N GLN B 198 -27.18 -42.66 -8.66
CA GLN B 198 -27.01 -43.84 -7.85
C GLN B 198 -27.97 -43.81 -6.66
N PHE B 199 -28.44 -44.98 -6.26
CA PHE B 199 -29.15 -45.17 -5.00
C PHE B 199 -28.35 -46.16 -4.19
N PHE B 200 -28.15 -45.87 -2.91
CA PHE B 200 -27.23 -46.65 -2.07
C PHE B 200 -27.87 -47.49 -0.97
N CYS B 201 -29.12 -47.20 -0.62
CA CYS B 201 -29.75 -47.80 0.58
C CYS B 201 -31.03 -48.56 0.27
N ASN B 202 -31.16 -49.75 0.84
CA ASN B 202 -32.42 -50.46 0.81
C ASN B 202 -33.45 -49.61 1.54
N VAL B 203 -34.62 -49.46 0.92
CA VAL B 203 -35.75 -48.77 1.51
C VAL B 203 -36.88 -49.80 1.56
N ASP B 204 -37.39 -50.06 2.77
CA ASP B 204 -38.30 -51.19 3.04
C ASP B 204 -39.73 -50.77 3.35
N TYR B 205 -40.12 -49.58 2.89
CA TYR B 205 -41.51 -49.14 3.00
C TYR B 205 -41.91 -48.45 1.70
N ASP B 206 -43.22 -48.38 1.48
CA ASP B 206 -43.77 -47.74 0.30
C ASP B 206 -43.71 -46.22 0.48
N VAL B 207 -42.78 -45.55 -0.21
CA VAL B 207 -42.61 -44.09 -0.04
C VAL B 207 -43.82 -43.30 -0.52
N PHE B 208 -44.52 -43.80 -1.54
CA PHE B 208 -45.70 -43.14 -2.05
C PHE B 208 -46.88 -43.15 -1.06
N ARG B 209 -47.16 -44.28 -0.43
CA ARG B 209 -48.21 -44.35 0.60
C ARG B 209 -47.78 -43.66 1.89
N PHE B 210 -46.47 -43.60 2.12
CA PHE B 210 -45.91 -42.76 3.17
C PHE B 210 -46.33 -41.30 2.96
N MET B 211 -46.14 -40.78 1.75
CA MET B 211 -46.56 -39.41 1.39
C MET B 211 -48.08 -39.26 1.54
N GLU B 212 -48.81 -40.23 0.98
CA GLU B 212 -50.27 -40.17 0.95
C GLU B 212 -50.87 -40.16 2.36
N ASP B 213 -50.43 -41.10 3.20
CA ASP B 213 -50.94 -41.19 4.58
C ASP B 213 -50.70 -39.94 5.40
N ARG B 214 -49.62 -39.21 5.11
CA ARG B 214 -49.28 -38.01 5.87
C ARG B 214 -49.64 -36.72 5.12
N ASN B 215 -50.37 -36.83 4.00
CA ASN B 215 -50.72 -35.70 3.13
C ASN B 215 -49.53 -34.81 2.78
N LEU B 216 -48.38 -35.43 2.51
CA LEU B 216 -47.17 -34.70 2.17
C LEU B 216 -47.20 -34.22 0.73
N THR B 217 -46.54 -33.10 0.51
CA THR B 217 -46.52 -32.41 -0.77
C THR B 217 -45.27 -32.72 -1.57
N TYR B 218 -44.12 -32.84 -0.88
CA TYR B 218 -42.85 -32.92 -1.57
C TYR B 218 -41.78 -33.54 -0.70
N GLY B 219 -40.88 -34.27 -1.34
CA GLY B 219 -39.75 -34.87 -0.69
C GLY B 219 -38.48 -34.65 -1.50
N PHE B 220 -37.36 -34.43 -0.79
CA PHE B 220 -36.07 -34.10 -1.38
C PHE B 220 -34.96 -34.84 -0.63
N THR B 221 -33.79 -34.93 -1.25
CA THR B 221 -32.58 -35.48 -0.63
C THR B 221 -31.44 -34.48 -0.43
N ILE B 222 -31.27 -33.54 -1.37
CA ILE B 222 -30.12 -32.61 -1.39
C ILE B 222 -30.64 -31.18 -1.57
N ASN B 223 -29.95 -30.20 -0.97
CA ASN B 223 -30.37 -28.82 -0.93
C ASN B 223 -29.14 -27.99 -1.23
N LEU B 224 -29.16 -27.26 -2.35
CA LEU B 224 -27.99 -26.57 -2.89
C LEU B 224 -28.21 -25.10 -3.16
N PHE B 225 -27.09 -24.36 -3.22
CA PHE B 225 -27.06 -23.03 -3.84
C PHE B 225 -27.09 -23.21 -5.37
N ASP B 226 -27.62 -22.22 -6.06
CA ASP B 226 -27.64 -22.19 -7.52
C ASP B 226 -26.71 -21.06 -8.00
N ASP B 227 -26.53 -21.01 -9.31
CA ASP B 227 -25.78 -19.96 -9.96
C ASP B 227 -26.70 -18.75 -10.13
N PRO B 228 -26.40 -17.63 -9.43
CA PRO B 228 -27.24 -16.43 -9.56
C PRO B 228 -27.42 -15.91 -10.99
N LYS B 229 -26.45 -16.16 -11.86
CA LYS B 229 -26.54 -15.71 -13.26
C LYS B 229 -27.69 -16.36 -14.03
N THR B 230 -28.17 -17.52 -13.57
CA THR B 230 -29.29 -18.17 -14.22
C THR B 230 -30.65 -17.61 -13.81
N VAL B 231 -30.71 -16.85 -12.70
CA VAL B 231 -31.97 -16.43 -12.08
C VAL B 231 -32.06 -14.97 -11.64
N PRO B 232 -31.37 -14.03 -12.32
CA PRO B 232 -31.35 -12.69 -11.73
C PRO B 232 -32.71 -11.99 -11.50
N THR B 233 -33.68 -12.16 -12.41
CA THR B 233 -34.98 -11.52 -12.23
C THR B 233 -36.06 -12.48 -11.71
N LEU B 234 -35.69 -13.71 -11.32
CA LEU B 234 -36.68 -14.67 -10.83
C LEU B 234 -37.39 -14.18 -9.56
N TRP B 235 -36.61 -13.71 -8.59
CA TRP B 235 -37.20 -13.25 -7.32
C TRP B 235 -37.98 -11.94 -7.48
N PRO B 236 -37.42 -10.97 -8.22
CA PRO B 236 -38.26 -9.80 -8.53
C PRO B 236 -39.59 -10.13 -9.22
N GLU B 237 -39.56 -11.06 -10.18
CA GLU B 237 -40.80 -11.49 -10.84
C GLU B 237 -41.74 -12.22 -9.88
N THR B 238 -41.18 -12.99 -8.95
CA THR B 238 -41.96 -13.65 -7.93
C THR B 238 -42.69 -12.62 -7.03
N LYS B 239 -41.97 -11.61 -6.58
CA LYS B 239 -42.58 -10.52 -5.79
C LYS B 239 -43.71 -9.79 -6.54
N LYS B 240 -43.54 -9.57 -7.84
CA LYS B 240 -44.62 -8.98 -8.65
C LYS B 240 -45.88 -9.87 -8.64
N PHE B 241 -45.66 -11.18 -8.80
CA PHE B 241 -46.75 -12.15 -8.76
C PHE B 241 -47.45 -12.13 -7.40
N LEU B 242 -46.67 -12.11 -6.32
CA LEU B 242 -47.25 -12.08 -4.97
C LEU B 242 -48.08 -10.80 -4.71
N ALA B 243 -47.60 -9.65 -5.18
CA ALA B 243 -48.36 -8.40 -5.06
C ALA B 243 -49.71 -8.45 -5.77
N ALA B 244 -49.76 -9.12 -6.92
CA ALA B 244 -51.02 -9.28 -7.63
C ALA B 244 -51.93 -10.36 -7.00
N ASN B 245 -51.38 -11.28 -6.21
CA ASN B 245 -52.14 -12.42 -5.69
C ASN B 245 -51.83 -12.65 -4.21
N PRO B 246 -52.15 -11.67 -3.36
CA PRO B 246 -51.76 -11.74 -1.95
C PRO B 246 -52.39 -12.88 -1.13
N SER B 247 -53.50 -13.45 -1.59
CA SER B 247 -54.14 -14.55 -0.87
C SER B 247 -53.45 -15.90 -1.06
N TYR B 248 -52.52 -15.98 -2.01
CA TYR B 248 -51.86 -17.25 -2.32
C TYR B 248 -50.78 -17.66 -1.31
N LEU B 249 -50.22 -16.70 -0.58
CA LEU B 249 -49.08 -17.01 0.29
CA LEU B 249 -49.09 -16.95 0.35
C LEU B 249 -49.53 -17.85 1.50
N SER B 250 -48.86 -18.98 1.71
CA SER B 250 -49.17 -19.86 2.84
C SER B 250 -48.64 -19.24 4.14
N SER B 251 -49.26 -19.61 5.25
CA SER B 251 -48.77 -19.14 6.54
C SER B 251 -47.47 -19.88 6.97
N ASN B 252 -47.43 -21.21 6.80
CA ASN B 252 -46.25 -21.99 7.18
C ASN B 252 -45.33 -22.02 5.96
N ASN B 253 -44.69 -20.88 5.70
CA ASN B 253 -43.93 -20.67 4.47
C ASN B 253 -42.42 -20.69 4.77
N MET B 254 -41.60 -20.68 3.72
CA MET B 254 -40.16 -20.78 3.85
C MET B 254 -39.43 -19.47 3.47
N MET B 255 -40.07 -18.34 3.71
CA MET B 255 -39.53 -17.00 3.37
C MET B 255 -38.13 -16.76 3.95
N GLY B 256 -37.90 -17.21 5.19
CA GLY B 256 -36.58 -17.12 5.81
C GLY B 256 -35.49 -17.82 5.03
N TRP B 257 -35.79 -19.02 4.53
CA TRP B 257 -34.86 -19.80 3.72
C TRP B 257 -34.66 -19.18 2.34
N LEU B 258 -35.77 -18.83 1.70
CA LEU B 258 -35.73 -18.24 0.36
C LEU B 258 -35.00 -16.89 0.32
N THR B 259 -35.03 -16.13 1.43
CA THR B 259 -34.41 -14.78 1.46
C THR B 259 -33.17 -14.68 2.34
N ASP B 260 -32.66 -15.82 2.81
CA ASP B 260 -31.47 -15.84 3.67
C ASP B 260 -30.27 -15.21 2.95
N ASP B 261 -29.51 -14.43 3.71
CA ASP B 261 -28.24 -13.88 3.24
C ASP B 261 -27.08 -14.14 4.22
N SER B 262 -27.30 -15.01 5.20
CA SER B 262 -26.35 -15.21 6.28
C SER B 262 -25.19 -16.16 5.91
N LEU B 263 -25.36 -17.02 4.91
CA LEU B 263 -24.28 -17.95 4.52
C LEU B 263 -23.45 -17.43 3.38
N ARG B 264 -24.12 -17.01 2.32
CA ARG B 264 -23.44 -16.55 1.12
C ARG B 264 -24.13 -15.28 0.62
N PRO B 265 -23.90 -14.16 1.33
CA PRO B 265 -24.57 -12.89 0.99
C PRO B 265 -24.36 -12.45 -0.45
N ASP B 266 -23.19 -12.73 -1.02
CA ASP B 266 -22.96 -12.43 -2.43
CA ASP B 266 -22.87 -12.55 -2.44
C ASP B 266 -23.97 -13.10 -3.37
N HIS B 267 -24.39 -14.33 -3.09
CA HIS B 267 -25.41 -15.00 -3.90
C HIS B 267 -26.74 -14.29 -3.84
N THR B 268 -27.15 -13.96 -2.61
CA THR B 268 -28.43 -13.32 -2.38
C THR B 268 -28.49 -11.95 -3.05
N GLU B 269 -27.40 -11.19 -2.96
CA GLU B 269 -27.30 -9.91 -3.66
C GLU B 269 -27.36 -10.09 -5.18
N ALA B 270 -26.59 -11.03 -5.71
CA ALA B 270 -26.56 -11.30 -7.16
C ALA B 270 -27.91 -11.79 -7.72
N ALA B 271 -28.67 -12.53 -6.90
CA ALA B 271 -30.02 -12.98 -7.29
C ALA B 271 -31.14 -12.04 -6.77
N ASN B 272 -30.75 -10.82 -6.38
CA ASN B 272 -31.69 -9.75 -6.06
C ASN B 272 -32.70 -10.10 -4.97
N GLY B 273 -32.23 -10.72 -3.90
CA GLY B 273 -33.03 -11.01 -2.73
C GLY B 273 -33.34 -12.48 -2.50
N TYR B 274 -33.09 -13.34 -3.47
CA TYR B 274 -33.30 -14.79 -3.35
C TYR B 274 -31.96 -15.46 -3.02
N SER B 275 -31.95 -16.33 -2.02
CA SER B 275 -30.69 -17.02 -1.60
C SER B 275 -30.08 -17.89 -2.68
N THR B 276 -30.90 -18.27 -3.67
CA THR B 276 -30.63 -19.24 -4.74
C THR B 276 -30.73 -20.68 -4.25
N CYS B 277 -31.03 -20.90 -2.97
CA CYS B 277 -31.12 -22.24 -2.44
C CYS B 277 -32.34 -22.94 -2.99
N HIS B 278 -32.20 -24.23 -3.25
CA HIS B 278 -33.26 -25.02 -3.83
C HIS B 278 -33.11 -26.48 -3.46
N PHE B 279 -34.24 -27.16 -3.44
CA PHE B 279 -34.26 -28.60 -3.43
C PHE B 279 -33.69 -29.06 -4.76
N TRP B 280 -32.79 -30.05 -4.74
CA TRP B 280 -32.11 -30.44 -5.98
C TRP B 280 -32.97 -31.40 -6.78
N SER B 281 -33.71 -30.82 -7.72
CA SER B 281 -34.88 -31.44 -8.32
C SER B 281 -34.66 -32.66 -9.22
N ASN B 282 -33.41 -32.99 -9.53
CA ASN B 282 -33.13 -34.29 -10.17
C ASN B 282 -33.70 -35.47 -9.39
N PHE B 283 -33.76 -35.36 -8.07
CA PHE B 283 -34.54 -36.25 -7.22
C PHE B 283 -35.74 -35.45 -6.73
N GLU B 284 -36.96 -35.98 -6.91
CA GLU B 284 -38.15 -35.43 -6.27
C GLU B 284 -39.14 -36.55 -6.07
N ILE B 285 -39.82 -36.54 -4.93
CA ILE B 285 -41.05 -37.31 -4.74
C ILE B 285 -42.13 -36.30 -4.40
N GLY B 286 -43.16 -36.17 -5.25
CA GLY B 286 -44.09 -35.07 -5.11
C GLY B 286 -45.55 -35.38 -5.39
N ASP B 287 -46.40 -34.48 -4.88
CA ASP B 287 -47.84 -34.51 -5.10
C ASP B 287 -48.12 -33.67 -6.33
N LEU B 288 -48.50 -34.34 -7.41
CA LEU B 288 -48.85 -33.67 -8.66
C LEU B 288 -49.96 -32.63 -8.49
N ASP B 289 -50.89 -32.89 -7.57
CA ASP B 289 -52.00 -31.97 -7.34
C ASP B 289 -51.59 -30.65 -6.70
N PHE B 290 -50.45 -30.60 -6.00
CA PHE B 290 -49.91 -29.30 -5.60
C PHE B 290 -49.55 -28.45 -6.80
N PHE B 291 -48.79 -29.02 -7.74
CA PHE B 291 -48.35 -28.28 -8.91
C PHE B 291 -49.51 -27.94 -9.85
N ARG B 292 -50.51 -28.83 -9.91
CA ARG B 292 -51.76 -28.57 -10.65
C ARG B 292 -52.65 -27.52 -10.01
N GLY B 293 -52.42 -27.24 -8.72
CA GLY B 293 -53.23 -26.33 -7.95
C GLY B 293 -53.18 -24.90 -8.46
N GLU B 294 -54.18 -24.13 -8.05
CA GLU B 294 -54.38 -22.76 -8.53
C GLU B 294 -53.14 -21.91 -8.30
N GLN B 295 -52.60 -21.97 -7.08
CA GLN B 295 -51.49 -21.09 -6.69
C GLN B 295 -50.22 -21.37 -7.50
N TYR B 296 -49.73 -22.61 -7.43
CA TYR B 296 -48.49 -22.97 -8.16
C TYR B 296 -48.65 -22.77 -9.66
N ASP B 297 -49.74 -23.28 -10.23
CA ASP B 297 -49.90 -23.18 -11.69
C ASP B 297 -50.02 -21.73 -12.18
N ALA B 298 -50.68 -20.86 -11.41
CA ALA B 298 -50.71 -19.42 -11.75
C ALA B 298 -49.31 -18.78 -11.66
N TYR B 299 -48.55 -19.18 -10.63
CA TYR B 299 -47.15 -18.76 -10.51
C TYR B 299 -46.35 -19.19 -11.75
N PHE B 300 -46.47 -20.45 -12.14
CA PHE B 300 -45.80 -20.91 -13.35
C PHE B 300 -46.19 -20.08 -14.58
N ASN B 301 -47.49 -19.85 -14.77
CA ASN B 301 -47.95 -19.09 -15.96
C ASN B 301 -47.45 -17.65 -15.94
N HIS B 302 -47.38 -17.06 -14.76
CA HIS B 302 -46.75 -15.75 -14.59
C HIS B 302 -45.30 -15.76 -15.07
N LEU B 303 -44.53 -16.74 -14.60
CA LEU B 303 -43.14 -16.88 -15.01
C LEU B 303 -43.02 -17.16 -16.50
N ASP B 304 -43.92 -17.98 -17.03
CA ASP B 304 -43.94 -18.26 -18.46
C ASP B 304 -44.11 -16.98 -19.29
N ARG B 305 -45.02 -16.09 -18.86
CA ARG B 305 -45.26 -14.83 -19.57
C ARG B 305 -44.14 -13.81 -19.38
N ALA B 306 -43.43 -13.88 -18.25
CA ALA B 306 -42.28 -12.98 -18.00
C ALA B 306 -41.08 -13.28 -18.90
N GLY B 307 -40.93 -14.52 -19.36
CA GLY B 307 -39.92 -14.88 -20.37
C GLY B 307 -38.62 -15.47 -19.86
N GLY B 308 -38.43 -15.50 -18.55
CA GLY B 308 -37.15 -15.88 -17.98
C GLY B 308 -36.74 -17.33 -18.09
N PHE B 309 -37.67 -18.23 -18.47
CA PHE B 309 -37.28 -19.59 -18.85
C PHE B 309 -36.40 -19.58 -20.09
N PHE B 310 -36.55 -18.57 -20.94
CA PHE B 310 -35.82 -18.44 -22.19
C PHE B 310 -34.81 -17.30 -22.21
N TYR B 311 -35.17 -16.12 -21.73
CA TYR B 311 -34.23 -14.98 -21.71
C TYR B 311 -33.23 -15.05 -20.55
N GLU B 312 -33.56 -15.84 -19.53
CA GLU B 312 -32.60 -16.26 -18.50
C GLU B 312 -32.61 -17.80 -18.57
N ARG B 313 -32.10 -18.50 -17.56
CA ARG B 313 -32.17 -19.96 -17.54
C ARG B 313 -32.77 -20.43 -16.22
N TRP B 314 -33.99 -19.99 -15.95
CA TRP B 314 -34.66 -20.32 -14.72
C TRP B 314 -34.80 -21.83 -14.64
N GLY B 315 -34.16 -22.43 -13.63
CA GLY B 315 -34.22 -23.87 -13.44
C GLY B 315 -35.53 -24.28 -12.78
N ASP B 316 -35.95 -25.50 -13.06
CA ASP B 316 -37.12 -26.07 -12.39
C ASP B 316 -36.86 -26.25 -10.90
N ALA B 317 -35.60 -26.43 -10.50
CA ALA B 317 -35.29 -26.58 -9.08
C ALA B 317 -35.61 -25.31 -8.30
N PRO B 318 -35.04 -24.15 -8.69
CA PRO B 318 -35.44 -22.93 -7.97
C PRO B 318 -36.93 -22.57 -8.14
N VAL B 319 -37.51 -22.82 -9.31
CA VAL B 319 -38.94 -22.54 -9.51
C VAL B 319 -39.82 -23.42 -8.62
N HIS B 320 -39.56 -24.71 -8.56
CA HIS B 320 -40.27 -25.58 -7.60
C HIS B 320 -40.06 -25.15 -6.15
N SER B 321 -38.82 -24.79 -5.82
CA SER B 321 -38.46 -24.47 -4.44
C SER B 321 -39.14 -23.20 -3.96
N ILE B 322 -39.15 -22.18 -4.81
CA ILE B 322 -39.89 -20.95 -4.50
C ILE B 322 -41.40 -21.23 -4.39
N GLY B 323 -41.94 -21.98 -5.34
CA GLY B 323 -43.36 -22.33 -5.33
C GLY B 323 -43.77 -23.02 -4.05
N LEU B 324 -42.98 -24.02 -3.66
CA LEU B 324 -43.21 -24.74 -2.42
C LEU B 324 -43.06 -23.84 -1.22
N GLY B 325 -41.98 -23.06 -1.22
CA GLY B 325 -41.68 -22.16 -0.13
C GLY B 325 -42.69 -21.04 0.10
N LEU B 326 -43.42 -20.67 -0.94
CA LEU B 326 -44.44 -19.62 -0.84
C LEU B 326 -45.88 -20.13 -0.76
N PHE B 327 -46.17 -21.27 -1.38
CA PHE B 327 -47.56 -21.72 -1.52
C PHE B 327 -47.89 -23.02 -0.82
N ALA B 328 -46.88 -23.81 -0.43
CA ALA B 328 -47.12 -25.07 0.28
C ALA B 328 -47.05 -24.86 1.77
N ASP B 329 -47.49 -25.88 2.50
CA ASP B 329 -47.34 -25.96 3.94
C ASP B 329 -45.97 -26.61 4.18
N ALA B 330 -45.04 -25.87 4.77
CA ALA B 330 -43.68 -26.40 5.00
C ALA B 330 -43.64 -27.69 5.84
N ALA B 331 -44.65 -27.90 6.69
CA ALA B 331 -44.82 -29.15 7.43
C ALA B 331 -45.03 -30.38 6.53
N LYS B 332 -45.49 -30.16 5.30
CA LYS B 332 -45.73 -31.20 4.33
C LYS B 332 -44.58 -31.40 3.34
N VAL B 333 -43.43 -30.77 3.61
CA VAL B 333 -42.21 -31.00 2.85
C VAL B 333 -41.25 -31.83 3.72
N HIS B 334 -40.69 -32.89 3.14
CA HIS B 334 -39.95 -33.91 3.88
C HIS B 334 -38.56 -34.12 3.32
N TRP B 335 -37.58 -34.13 4.20
CA TRP B 335 -36.24 -34.56 3.85
C TRP B 335 -36.16 -36.08 3.93
N PHE B 336 -35.99 -36.72 2.77
CA PHE B 336 -35.83 -38.18 2.67
C PHE B 336 -34.38 -38.55 2.99
N ARG B 337 -34.00 -38.35 4.24
CA ARG B 337 -32.63 -38.57 4.67
C ARG B 337 -32.20 -40.02 4.53
N ASP B 338 -33.17 -40.95 4.62
CA ASP B 338 -32.91 -42.38 4.52
C ASP B 338 -32.76 -42.94 3.09
N ILE B 339 -33.00 -42.13 2.07
CA ILE B 339 -32.74 -42.55 0.68
C ILE B 339 -31.34 -42.09 0.28
N GLY B 340 -30.41 -43.04 0.27
CA GLY B 340 -29.04 -42.80 -0.15
C GLY B 340 -29.04 -42.44 -1.62
N TYR B 341 -28.43 -41.31 -1.97
CA TYR B 341 -28.56 -40.77 -3.32
C TYR B 341 -27.30 -40.07 -3.77
N ASN B 342 -26.98 -40.19 -5.07
CA ASN B 342 -25.91 -39.42 -5.69
C ASN B 342 -26.31 -39.02 -7.11
N HIS B 343 -26.13 -37.74 -7.41
CA HIS B 343 -26.08 -37.23 -8.78
C HIS B 343 -24.81 -36.40 -8.76
N ILE B 344 -23.89 -36.66 -9.69
CA ILE B 344 -22.56 -36.04 -9.68
C ILE B 344 -22.70 -34.52 -9.51
N PRO B 345 -21.98 -33.85 -8.60
CA PRO B 345 -20.94 -34.40 -7.71
C PRO B 345 -21.38 -34.48 -6.23
N TYR B 346 -22.69 -34.53 -5.95
CA TYR B 346 -23.19 -34.44 -4.57
C TYR B 346 -23.94 -35.70 -4.09
N TYR B 347 -24.01 -35.83 -2.77
CA TYR B 347 -24.49 -37.05 -2.11
C TYR B 347 -25.44 -36.73 -0.98
N ASN B 348 -26.38 -37.65 -0.74
CA ASN B 348 -27.07 -37.79 0.53
C ASN B 348 -26.79 -39.23 0.96
N CYS B 349 -25.84 -39.43 1.87
CA CYS B 349 -25.45 -40.76 2.33
C CYS B 349 -25.70 -40.87 3.83
N PRO B 350 -26.77 -41.56 4.25
CA PRO B 350 -27.02 -41.67 5.68
C PRO B 350 -26.23 -42.79 6.34
N ASN B 351 -26.08 -42.67 7.66
CA ASN B 351 -25.43 -43.69 8.46
C ASN B 351 -26.47 -44.76 8.81
N SER B 352 -26.54 -45.77 7.98
CA SER B 352 -27.45 -46.90 8.16
C SER B 352 -26.83 -48.19 7.64
N PRO B 353 -27.04 -49.31 8.36
CA PRO B 353 -26.64 -50.62 7.81
C PRO B 353 -27.39 -51.06 6.54
N LYS B 354 -28.46 -50.36 6.17
CA LYS B 354 -29.13 -50.61 4.90
C LYS B 354 -28.40 -50.05 3.68
N CYS B 355 -27.35 -49.24 3.91
CA CYS B 355 -26.62 -48.57 2.84
C CYS B 355 -25.29 -49.22 2.54
N SER B 356 -24.84 -49.08 1.31
CA SER B 356 -23.47 -49.47 0.97
C SER B 356 -22.93 -48.58 -0.16
N LYS B 357 -21.61 -48.55 -0.28
CA LYS B 357 -20.88 -47.86 -1.35
C LYS B 357 -20.98 -46.32 -1.34
N CYS B 358 -21.32 -45.75 -0.20
CA CYS B 358 -21.19 -44.29 -0.03
C CYS B 358 -20.67 -44.03 1.38
N THR B 359 -19.96 -42.91 1.52
CA THR B 359 -19.41 -42.49 2.79
C THR B 359 -20.43 -41.60 3.49
N PRO B 360 -20.94 -42.04 4.67
CA PRO B 360 -21.92 -41.22 5.35
C PRO B 360 -21.49 -39.78 5.64
N GLY B 361 -22.35 -38.84 5.34
CA GLY B 361 -22.11 -37.44 5.64
C GLY B 361 -21.07 -36.76 4.76
N GLN B 362 -20.58 -37.43 3.72
CA GLN B 362 -19.69 -36.81 2.74
C GLN B 362 -20.59 -36.19 1.67
N PHE B 363 -20.60 -34.87 1.63
CA PHE B 363 -21.53 -34.10 0.78
C PHE B 363 -21.14 -34.13 -0.70
N TYR B 364 -19.84 -34.11 -0.99
CA TYR B 364 -19.36 -33.95 -2.35
C TYR B 364 -18.19 -34.90 -2.63
N ALA B 365 -17.95 -35.13 -3.92
CA ALA B 365 -16.73 -35.77 -4.40
C ALA B 365 -16.14 -34.84 -5.45
N GLY B 366 -14.86 -34.50 -5.26
CA GLY B 366 -14.16 -33.57 -6.13
C GLY B 366 -13.36 -32.58 -5.32
N ALA B 367 -13.15 -31.40 -5.90
CA ALA B 367 -12.33 -30.38 -5.25
C ALA B 367 -13.07 -29.74 -4.08
N PRO B 368 -12.30 -29.31 -3.05
CA PRO B 368 -12.91 -28.84 -1.81
C PRO B 368 -13.73 -27.55 -1.92
N PHE B 369 -13.57 -26.78 -3.01
CA PHE B 369 -14.43 -25.61 -3.25
C PHE B 369 -15.92 -26.00 -3.41
N LEU B 370 -16.21 -27.27 -3.68
CA LEU B 370 -17.60 -27.75 -3.78
C LEU B 370 -18.36 -27.78 -2.45
N ALA B 371 -17.66 -27.79 -1.33
CA ALA B 371 -18.29 -27.87 0.00
C ALA B 371 -19.29 -26.76 0.30
N LYS B 372 -18.99 -25.55 -0.17
CA LYS B 372 -19.84 -24.39 0.08
C LYS B 372 -21.19 -24.39 -0.69
N GLU B 373 -21.40 -25.37 -1.56
CA GLU B 373 -22.66 -25.47 -2.33
C GLU B 373 -23.83 -26.08 -1.54
N ASP B 374 -23.55 -26.65 -0.37
CA ASP B 374 -24.57 -27.23 0.52
C ASP B 374 -25.35 -26.12 1.19
N CYS B 375 -26.66 -26.08 0.96
CA CYS B 375 -27.52 -25.09 1.62
C CYS B 375 -28.33 -25.65 2.78
N ARG B 376 -28.12 -26.91 3.16
CA ARG B 376 -28.89 -27.48 4.26
C ARG B 376 -28.74 -26.75 5.60
N PRO B 377 -27.55 -26.15 5.90
CA PRO B 377 -27.49 -25.42 7.18
C PRO B 377 -28.51 -24.28 7.27
N SER B 378 -28.80 -23.62 6.15
CA SER B 378 -29.83 -22.61 6.12
C SER B 378 -31.24 -23.25 6.20
N TYR B 379 -31.49 -24.26 5.36
CA TYR B 379 -32.80 -24.92 5.33
C TYR B 379 -33.16 -25.48 6.71
N PHE B 380 -32.20 -26.16 7.33
CA PHE B 380 -32.44 -26.80 8.63
C PHE B 380 -32.67 -25.79 9.76
N LYS B 381 -32.06 -24.62 9.66
CA LYS B 381 -32.24 -23.57 10.64
C LYS B 381 -33.60 -22.88 10.43
N HIS B 382 -33.93 -22.53 9.19
CA HIS B 382 -35.13 -21.74 8.88
C HIS B 382 -36.42 -22.55 8.74
N VAL B 383 -36.31 -23.82 8.38
CA VAL B 383 -37.48 -24.66 8.09
C VAL B 383 -37.47 -25.91 8.97
N GLY B 384 -36.40 -26.69 8.92
CA GLY B 384 -36.25 -27.85 9.81
C GLY B 384 -35.76 -29.09 9.11
N MET B 385 -35.66 -30.16 9.88
CA MET B 385 -35.06 -31.42 9.45
C MET B 385 -36.09 -32.53 9.32
N HIS B 386 -37.37 -32.17 9.39
CA HIS B 386 -38.49 -33.11 9.33
C HIS B 386 -38.69 -33.68 7.91
N SER C 15 17.71 2.78 28.44
CA SER C 15 17.56 1.74 29.52
C SER C 15 18.92 1.27 30.08
N GLN C 16 19.80 0.76 29.23
CA GLN C 16 21.14 0.31 29.67
C GLN C 16 22.23 1.27 29.20
N SER C 17 23.13 1.65 30.11
CA SER C 17 24.17 2.62 29.78
C SER C 17 25.16 2.10 28.72
N HIS C 18 25.32 0.77 28.65
CA HIS C 18 26.15 0.12 27.63
C HIS C 18 25.38 -0.18 26.33
N GLY C 19 24.16 0.34 26.22
CA GLY C 19 23.37 0.20 25.02
C GLY C 19 23.87 1.07 23.87
N PRO C 20 23.20 0.97 22.72
CA PRO C 20 23.61 1.67 21.52
C PRO C 20 23.25 3.17 21.53
N SER C 21 24.18 4.00 21.05
CA SER C 21 23.94 5.42 20.83
C SER C 21 23.41 5.60 19.42
N PHE C 22 22.48 6.54 19.26
CA PHE C 22 21.92 6.88 17.95
C PHE C 22 21.92 8.40 17.74
N ILE C 23 22.01 8.80 16.47
CA ILE C 23 22.08 10.19 16.06
C ILE C 23 20.69 10.75 15.69
N SER C 24 19.74 9.87 15.38
CA SER C 24 18.42 10.28 14.88
C SER C 24 17.31 9.58 15.61
N LYS C 25 16.10 10.07 15.39
CA LYS C 25 14.90 9.52 16.01
C LYS C 25 14.61 8.09 15.58
N GLY C 26 13.82 7.40 16.41
CA GLY C 26 13.45 6.01 16.17
C GLY C 26 14.62 5.05 16.24
N SER C 27 15.64 5.38 17.05
CA SER C 27 16.82 4.53 17.20
C SER C 27 17.42 4.16 15.82
N LYS C 28 17.69 5.19 15.03
CA LYS C 28 18.31 5.03 13.71
C LYS C 28 19.61 5.82 13.65
N GLU C 29 20.52 5.40 12.75
CA GLU C 29 21.82 6.03 12.54
C GLU C 29 22.75 5.78 13.73
N TYR C 30 23.35 4.59 13.73
CA TYR C 30 24.16 4.09 14.84
C TYR C 30 25.40 4.95 15.07
N ASN C 31 25.74 5.12 16.35
CA ASN C 31 26.77 6.05 16.80
C ASN C 31 27.71 5.43 17.87
N GLY C 32 27.83 4.11 17.86
CA GLY C 32 28.65 3.40 18.87
C GLY C 32 27.93 3.20 20.19
N MET C 33 28.69 2.93 21.25
CA MET C 33 28.10 2.70 22.58
C MET C 33 27.84 4.03 23.27
N LYS C 34 26.79 4.06 24.08
CA LYS C 34 26.45 5.26 24.87
C LYS C 34 27.51 5.55 25.92
N ARG C 35 27.68 4.59 26.83
CA ARG C 35 28.65 4.70 27.93
CA ARG C 35 28.66 4.70 27.92
C ARG C 35 29.42 3.40 28.07
N ASP C 36 30.73 3.49 27.96
CA ASP C 36 31.59 2.30 27.96
C ASP C 36 31.74 1.80 29.40
N PRO C 37 31.44 0.50 29.67
CA PRO C 37 31.73 -0.08 30.99
C PRO C 37 33.23 -0.01 31.39
N LEU C 38 34.13 0.11 30.40
CA LEU C 38 35.56 0.29 30.69
C LEU C 38 35.89 1.56 31.48
N LEU C 39 34.98 2.54 31.46
CA LEU C 39 35.10 3.74 32.29
C LEU C 39 35.04 3.43 33.80
N ASP C 40 34.30 2.39 34.17
CA ASP C 40 34.18 2.01 35.59
C ASP C 40 35.48 1.37 36.08
N PRO C 41 35.76 1.45 37.40
CA PRO C 41 36.95 0.77 37.93
C PRO C 41 36.92 -0.72 37.60
N THR C 42 37.96 -1.19 36.93
CA THR C 42 38.00 -2.51 36.32
C THR C 42 39.13 -3.27 36.97
N GLY C 43 38.85 -4.52 37.35
CA GLY C 43 39.84 -5.38 37.99
C GLY C 43 39.85 -6.79 37.41
N GLU C 44 40.36 -7.71 38.21
CA GLU C 44 40.57 -9.09 37.80
C GLU C 44 39.24 -9.82 37.82
N PRO C 45 39.13 -10.93 37.07
CA PRO C 45 37.90 -11.72 37.25
C PRO C 45 37.78 -12.30 38.66
N GLU C 46 36.56 -12.66 39.04
CA GLU C 46 36.27 -13.23 40.35
C GLU C 46 36.84 -14.63 40.48
N GLY C 47 37.01 -15.07 41.73
CA GLY C 47 37.36 -16.45 42.04
C GLY C 47 38.85 -16.68 42.14
N HIS C 48 39.23 -17.92 42.37
CA HIS C 48 40.64 -18.26 42.60
C HIS C 48 41.51 -18.07 41.35
N LEU C 49 42.66 -17.42 41.55
CA LEU C 49 43.61 -17.12 40.47
C LEU C 49 45.03 -17.56 40.85
N TRP C 50 45.86 -17.87 39.84
CA TRP C 50 47.24 -18.35 40.09
C TRP C 50 48.23 -17.21 39.90
N ARG C 51 49.05 -16.98 40.93
CA ARG C 51 50.02 -15.87 40.95
C ARG C 51 51.43 -16.37 40.67
N ALA C 52 52.25 -15.50 40.10
CA ALA C 52 53.65 -15.81 39.83
C ALA C 52 54.46 -15.98 41.12
N ASP C 53 54.16 -15.19 42.14
CA ASP C 53 54.99 -15.10 43.36
C ASP C 53 55.07 -16.38 44.20
N ASP C 54 53.99 -17.15 44.28
CA ASP C 54 53.97 -18.35 45.14
C ASP C 54 53.75 -19.65 44.38
N ASN C 55 54.14 -19.68 43.10
CA ASN C 55 54.19 -20.90 42.31
C ASN C 55 55.47 -20.88 41.48
N ASP C 56 55.88 -22.05 41.00
CA ASP C 56 57.12 -22.14 40.22
C ASP C 56 56.86 -21.91 38.72
N TYR C 57 57.04 -20.66 38.30
CA TYR C 57 56.94 -20.28 36.90
C TYR C 57 58.33 -19.97 36.30
N ALA C 58 59.38 -20.52 36.90
CA ALA C 58 60.73 -20.33 36.37
C ALA C 58 60.79 -20.86 34.93
N PRO C 59 61.54 -20.19 34.04
CA PRO C 59 61.67 -20.64 32.64
C PRO C 59 62.04 -22.11 32.48
N ASN C 60 62.98 -22.58 33.30
CA ASN C 60 63.42 -23.96 33.26
C ASN C 60 63.11 -24.55 34.61
N SER C 61 62.10 -25.42 34.63
CA SER C 61 61.67 -26.10 35.83
C SER C 61 61.32 -27.55 35.51
N ALA C 62 61.59 -28.44 36.45
CA ALA C 62 61.15 -29.82 36.36
C ALA C 62 59.63 -29.87 36.53
N HIS C 63 59.16 -29.31 37.65
CA HIS C 63 57.75 -29.29 38.03
C HIS C 63 57.19 -27.87 37.86
N SER C 64 57.03 -27.44 36.61
CA SER C 64 56.51 -26.10 36.28
C SER C 64 55.05 -25.94 36.70
N ALA C 65 54.65 -24.75 37.10
CA ALA C 65 53.25 -24.45 37.36
C ALA C 65 52.45 -24.17 36.07
N ARG C 66 53.11 -24.13 34.92
CA ARG C 66 52.42 -23.80 33.66
C ARG C 66 51.54 -24.96 33.20
N THR C 67 50.40 -24.63 32.61
CA THR C 67 49.60 -25.62 31.92
C THR C 67 50.09 -25.73 30.47
N ASN C 68 49.46 -26.61 29.69
CA ASN C 68 49.91 -26.86 28.32
C ASN C 68 49.32 -25.82 27.35
N ALA C 69 49.94 -24.64 27.36
CA ALA C 69 49.53 -23.49 26.56
C ALA C 69 50.72 -22.77 25.96
N ALA C 70 50.47 -22.03 24.88
CA ALA C 70 51.50 -21.25 24.21
C ALA C 70 51.00 -19.93 23.67
N LEU C 71 51.89 -18.96 23.61
CA LEU C 71 51.69 -17.76 22.83
C LEU C 71 52.02 -18.11 21.39
N ILE C 72 51.15 -17.74 20.45
CA ILE C 72 51.40 -18.06 19.04
C ILE C 72 51.25 -16.85 18.16
N SER C 73 51.96 -16.86 17.02
CA SER C 73 51.88 -15.76 16.09
C SER C 73 52.20 -16.24 14.68
N LEU C 74 51.36 -15.86 13.72
CA LEU C 74 51.63 -16.05 12.31
C LEU C 74 52.30 -14.75 11.87
N VAL C 75 53.58 -14.85 11.52
CA VAL C 75 54.40 -13.65 11.36
C VAL C 75 55.50 -13.88 10.32
N ARG C 76 55.77 -12.85 9.52
CA ARG C 76 56.81 -12.90 8.48
C ARG C 76 58.11 -12.29 8.99
N ASN C 77 59.23 -12.67 8.39
CA ASN C 77 60.55 -12.12 8.75
C ASN C 77 60.57 -10.60 8.68
N GLU C 78 59.90 -10.10 7.65
CA GLU C 78 59.81 -8.67 7.41
CA GLU C 78 59.71 -8.67 7.36
C GLU C 78 59.06 -7.90 8.51
N GLU C 79 58.26 -8.60 9.34
CA GLU C 79 57.54 -7.98 10.45
C GLU C 79 58.29 -8.02 11.79
N LEU C 80 59.57 -8.38 11.76
CA LEU C 80 60.36 -8.55 12.98
C LEU C 80 60.34 -7.33 13.90
N GLU C 81 60.59 -6.14 13.38
CA GLU C 81 60.59 -4.91 14.21
C GLU C 81 59.29 -4.72 15.00
N ASP C 82 58.17 -4.81 14.30
CA ASP C 82 56.85 -4.69 14.94
C ASP C 82 56.59 -5.80 15.95
N LEU C 83 56.99 -7.03 15.61
CA LEU C 83 56.85 -8.16 16.53
C LEU C 83 57.63 -7.95 17.84
N ILE C 84 58.85 -7.41 17.72
CA ILE C 84 59.66 -7.08 18.90
C ILE C 84 58.91 -6.12 19.84
N SER C 85 58.29 -5.06 19.30
CA SER C 85 57.52 -4.10 20.13
C SER C 85 56.41 -4.79 20.88
N THR C 86 55.65 -5.62 20.16
CA THR C 86 54.56 -6.40 20.72
C THR C 86 55.06 -7.33 21.82
N MET C 87 56.10 -8.10 21.52
CA MET C 87 56.75 -8.97 22.50
C MET C 87 57.16 -8.24 23.78
N LYS C 88 57.76 -7.06 23.64
CA LYS C 88 58.17 -6.28 24.82
C LYS C 88 56.97 -5.91 25.68
N ASP C 89 55.87 -5.51 25.06
CA ASP C 89 54.65 -5.15 25.81
C ASP C 89 54.06 -6.36 26.55
N LEU C 90 53.93 -7.47 25.84
CA LEU C 90 53.29 -8.65 26.44
C LEU C 90 54.18 -9.28 27.52
N GLU C 91 55.49 -9.28 27.30
CA GLU C 91 56.45 -9.73 28.30
C GLU C 91 56.40 -8.85 29.54
N ARG C 92 56.50 -7.54 29.34
CA ARG C 92 56.49 -6.59 30.46
C ARG C 92 55.20 -6.69 31.29
N THR C 93 54.07 -6.72 30.61
CA THR C 93 52.77 -6.74 31.28
C THR C 93 52.42 -8.09 31.90
N TRP C 94 52.93 -9.18 31.32
CA TRP C 94 52.44 -10.51 31.68
C TRP C 94 53.47 -11.61 31.66
N ASN C 95 54.04 -11.92 30.50
CA ASN C 95 54.78 -13.16 30.35
C ASN C 95 56.15 -13.22 31.05
N SER C 96 56.72 -12.06 31.42
CA SER C 96 57.98 -12.09 32.20
C SER C 96 57.80 -12.77 33.56
N LYS C 97 56.56 -12.79 34.06
CA LYS C 97 56.25 -13.46 35.31
C LYS C 97 55.87 -14.94 35.12
N PHE C 98 55.26 -15.29 33.98
CA PHE C 98 54.75 -16.66 33.78
C PHE C 98 55.57 -17.52 32.83
N ASN C 99 56.28 -16.90 31.90
CA ASN C 99 57.22 -17.60 31.00
C ASN C 99 56.61 -18.74 30.18
N TYR C 100 55.41 -18.49 29.64
CA TYR C 100 54.83 -19.39 28.67
C TYR C 100 55.63 -19.30 27.36
N PRO C 101 55.75 -20.43 26.64
CA PRO C 101 56.51 -20.42 25.39
C PRO C 101 55.86 -19.64 24.26
N TRP C 102 56.70 -19.14 23.35
CA TRP C 102 56.27 -18.49 22.11
C TRP C 102 56.48 -19.47 20.96
N ILE C 103 55.47 -19.64 20.11
CA ILE C 103 55.60 -20.46 18.90
C ILE C 103 55.26 -19.59 17.71
N PHE C 104 56.23 -19.40 16.83
CA PHE C 104 56.08 -18.55 15.67
C PHE C 104 55.85 -19.43 14.44
N PHE C 105 54.95 -18.98 13.56
CA PHE C 105 54.57 -19.73 12.38
C PHE C 105 54.73 -18.87 11.14
N ASN C 106 55.17 -19.48 10.05
CA ASN C 106 55.34 -18.76 8.78
C ASN C 106 55.34 -19.79 7.66
N ASP C 107 54.88 -19.39 6.48
CA ASP C 107 54.96 -20.26 5.30
C ASP C 107 56.41 -20.39 4.79
N LYS C 108 57.23 -19.34 4.98
CA LYS C 108 58.67 -19.38 4.66
C LYS C 108 59.49 -19.73 5.92
N PRO C 109 60.75 -20.16 5.75
CA PRO C 109 61.63 -20.34 6.91
C PRO C 109 61.99 -19.02 7.61
N PHE C 110 62.16 -19.06 8.93
CA PHE C 110 62.58 -17.89 9.68
C PHE C 110 64.10 -17.71 9.57
N THR C 111 64.54 -16.46 9.50
CA THR C 111 65.97 -16.15 9.42
C THR C 111 66.63 -16.26 10.79
N GLU C 112 67.96 -16.38 10.79
CA GLU C 112 68.71 -16.46 12.05
CA GLU C 112 68.75 -16.43 12.03
C GLU C 112 68.53 -15.17 12.86
N GLU C 113 68.47 -14.03 12.18
CA GLU C 113 68.24 -12.74 12.84
C GLU C 113 66.89 -12.70 13.55
N PHE C 114 65.85 -13.19 12.88
CA PHE C 114 64.52 -13.33 13.49
C PHE C 114 64.58 -14.16 14.76
N LYS C 115 65.25 -15.30 14.69
CA LYS C 115 65.36 -16.22 15.81
C LYS C 115 66.10 -15.61 17.02
N LYS C 116 67.24 -14.96 16.75
CA LYS C 116 68.05 -14.35 17.81
C LYS C 116 67.34 -13.18 18.49
N ARG C 117 66.74 -12.31 17.69
CA ARG C 117 66.10 -11.10 18.19
C ARG C 117 64.83 -11.42 18.98
N THR C 118 64.03 -12.38 18.51
CA THR C 118 62.83 -12.79 19.25
C THR C 118 63.16 -13.49 20.55
N GLN C 119 64.09 -14.44 20.52
CA GLN C 119 64.48 -15.13 21.76
C GLN C 119 65.12 -14.18 22.79
N ALA C 120 65.77 -13.11 22.33
CA ALA C 120 66.35 -12.12 23.25
C ALA C 120 65.32 -11.27 24.01
N GLU C 121 64.05 -11.29 23.58
CA GLU C 121 62.99 -10.53 24.29
C GLU C 121 62.30 -11.31 25.40
N THR C 122 62.66 -12.57 25.60
CA THR C 122 61.93 -13.41 26.53
C THR C 122 62.86 -14.41 27.19
N LYS C 123 62.55 -14.77 28.44
CA LYS C 123 63.23 -15.86 29.15
C LYS C 123 62.61 -17.21 28.80
N ALA C 124 61.39 -17.20 28.25
CA ALA C 124 60.69 -18.43 27.88
C ALA C 124 61.29 -19.03 26.62
N LYS C 125 60.96 -20.30 26.39
CA LYS C 125 61.41 -21.00 25.20
C LYS C 125 60.65 -20.47 23.97
N CYS C 126 61.35 -20.31 22.85
CA CYS C 126 60.79 -19.89 21.57
C CYS C 126 60.94 -21.02 20.57
N TYR C 127 59.91 -21.23 19.76
CA TYR C 127 59.89 -22.25 18.73
C TYR C 127 59.56 -21.61 17.38
N TYR C 128 60.13 -22.17 16.33
CA TYR C 128 60.08 -21.56 15.01
C TYR C 128 59.59 -22.61 14.05
N GLU C 129 58.38 -22.42 13.53
CA GLU C 129 57.65 -23.45 12.82
C GLU C 129 57.27 -22.99 11.42
N GLN C 130 57.28 -23.94 10.49
CA GLN C 130 56.86 -23.65 9.13
C GLN C 130 55.49 -24.29 8.91
N VAL C 131 54.60 -23.55 8.23
CA VAL C 131 53.29 -24.08 7.88
C VAL C 131 53.50 -25.08 6.74
N PRO C 132 53.06 -26.34 6.90
CA PRO C 132 53.17 -27.30 5.80
C PRO C 132 52.42 -26.82 4.55
N LYS C 133 52.94 -27.16 3.37
CA LYS C 133 52.31 -26.77 2.10
C LYS C 133 50.83 -27.19 2.01
N GLU C 134 50.50 -28.37 2.51
CA GLU C 134 49.14 -28.86 2.54
C GLU C 134 48.17 -28.04 3.43
N HIS C 135 48.71 -27.29 4.40
CA HIS C 135 47.90 -26.33 5.18
C HIS C 135 47.94 -24.91 4.63
N TRP C 136 48.73 -24.66 3.59
CA TRP C 136 48.91 -23.30 3.09
C TRP C 136 48.43 -23.11 1.65
N ASP C 137 48.77 -24.03 0.76
CA ASP C 137 48.37 -23.92 -0.65
C ASP C 137 46.84 -23.96 -0.76
N PRO C 138 46.27 -23.24 -1.75
CA PRO C 138 44.83 -23.40 -1.93
C PRO C 138 44.47 -24.85 -2.22
N PRO C 139 43.34 -25.35 -1.68
CA PRO C 139 42.97 -26.72 -2.00
C PRO C 139 42.73 -26.96 -3.52
N GLU C 140 42.78 -28.23 -3.91
CA GLU C 140 42.75 -28.62 -5.33
C GLU C 140 41.48 -28.19 -6.07
N TRP C 141 40.38 -28.08 -5.35
CA TRP C 141 39.09 -27.71 -5.95
C TRP C 141 38.94 -26.22 -6.22
N ILE C 142 39.87 -25.38 -5.75
CA ILE C 142 39.80 -23.94 -6.05
C ILE C 142 40.36 -23.67 -7.45
N ASN C 143 39.60 -22.95 -8.26
CA ASN C 143 40.02 -22.57 -9.61
C ASN C 143 40.70 -21.21 -9.54
N MET C 144 41.97 -21.13 -9.94
CA MET C 144 42.73 -19.88 -9.76
C MET C 144 42.30 -18.73 -10.68
N GLU C 145 41.88 -19.03 -11.91
CA GLU C 145 41.23 -18.01 -12.76
C GLU C 145 40.00 -17.38 -12.11
N LEU C 146 39.15 -18.21 -11.48
CA LEU C 146 37.96 -17.71 -10.78
C LEU C 146 38.40 -16.85 -9.62
N PHE C 147 39.44 -17.30 -8.90
CA PHE C 147 40.04 -16.48 -7.85
C PHE C 147 40.45 -15.08 -8.36
N ARG C 148 41.27 -15.05 -9.42
CA ARG C 148 41.74 -13.77 -9.97
CA ARG C 148 41.73 -13.79 -10.03
C ARG C 148 40.56 -12.90 -10.45
N GLU C 149 39.59 -13.51 -11.14
CA GLU C 149 38.40 -12.77 -11.59
C GLU C 149 37.61 -12.15 -10.43
N SER C 150 37.31 -12.96 -9.41
CA SER C 150 36.55 -12.47 -8.23
C SER C 150 37.33 -11.42 -7.46
N ALA C 151 38.65 -11.58 -7.40
CA ALA C 151 39.53 -10.61 -6.76
C ALA C 151 39.47 -9.24 -7.45
N ALA C 152 39.49 -9.22 -8.77
CA ALA C 152 39.39 -7.97 -9.56
C ALA C 152 38.12 -7.16 -9.23
N ILE C 153 36.97 -7.83 -9.20
CA ILE C 153 35.68 -7.19 -8.89
C ILE C 153 35.70 -6.55 -7.48
N LEU C 154 36.29 -7.25 -6.52
CA LEU C 154 36.34 -6.79 -5.13
C LEU C 154 37.45 -5.74 -4.89
N THR C 155 38.57 -5.85 -5.62
CA THR C 155 39.57 -4.78 -5.66
C THR C 155 38.98 -3.50 -6.27
N GLU C 156 38.14 -3.66 -7.29
CA GLU C 156 37.44 -2.53 -7.91
C GLU C 156 36.42 -1.86 -6.98
N GLN C 157 35.79 -2.64 -6.09
CA GLN C 157 34.91 -2.09 -5.03
C GLN C 157 35.63 -1.66 -3.72
N LYS C 158 36.97 -1.50 -3.80
CA LYS C 158 37.77 -0.83 -2.77
C LYS C 158 37.83 -1.56 -1.41
N ILE C 159 37.63 -2.88 -1.39
CA ILE C 159 37.69 -3.64 -0.11
C ILE C 159 39.11 -4.13 0.15
N GLN C 160 39.48 -4.17 1.43
CA GLN C 160 40.89 -4.26 1.85
C GLN C 160 41.50 -5.65 1.70
N TYR C 161 42.75 -5.68 1.24
CA TYR C 161 43.55 -6.91 1.08
C TYR C 161 42.90 -7.96 0.16
N SER C 162 42.13 -7.50 -0.81
CA SER C 162 41.42 -8.38 -1.76
C SER C 162 42.38 -9.01 -2.76
N ASP C 163 43.33 -8.21 -3.23
CA ASP C 163 44.20 -8.57 -4.36
C ASP C 163 45.22 -9.69 -4.12
N LYS C 164 45.75 -9.82 -2.90
CA LYS C 164 46.82 -10.81 -2.67
C LYS C 164 46.32 -12.15 -2.15
N LEU C 165 46.73 -13.22 -2.84
CA LEU C 165 46.38 -14.58 -2.48
C LEU C 165 46.80 -14.94 -1.06
N SER C 166 47.94 -14.41 -0.60
CA SER C 166 48.46 -14.69 0.73
C SER C 166 47.51 -14.26 1.84
N TYR C 167 46.78 -13.16 1.66
CA TYR C 167 45.78 -12.73 2.65
C TYR C 167 44.66 -13.76 2.80
N HIS C 168 44.23 -14.36 1.70
CA HIS C 168 43.18 -15.40 1.70
C HIS C 168 43.70 -16.66 2.35
N GLN C 169 44.97 -16.97 2.07
CA GLN C 169 45.62 -18.11 2.66
C GLN C 169 45.76 -17.92 4.17
N MET C 170 46.08 -16.71 4.62
CA MET C 170 46.16 -16.38 6.04
CA MET C 170 46.16 -16.40 6.05
C MET C 170 44.82 -16.61 6.73
N CYS C 171 43.74 -16.07 6.13
CA CYS C 171 42.40 -16.21 6.73
C CYS C 171 42.02 -17.67 6.87
N ARG C 172 42.27 -18.43 5.81
CA ARG C 172 42.01 -19.87 5.81
C ARG C 172 42.83 -20.59 6.87
N TRP C 173 44.11 -20.24 7.00
CA TRP C 173 44.98 -20.91 7.97
C TRP C 173 44.50 -20.66 9.42
N ASN C 174 44.20 -19.40 9.73
CA ASN C 174 43.65 -19.01 11.04
C ASN C 174 42.27 -19.65 11.31
N SER C 175 41.47 -19.82 10.24
CA SER C 175 40.12 -20.41 10.35
C SER C 175 40.13 -21.90 10.63
N GLY C 176 40.98 -22.65 9.90
CA GLY C 176 40.96 -24.10 9.95
C GLY C 176 42.23 -24.91 10.13
N MET C 177 43.40 -24.29 10.05
CA MET C 177 44.64 -25.06 9.99
C MET C 177 45.60 -24.92 11.17
N PHE C 178 45.59 -23.79 11.87
CA PHE C 178 46.56 -23.58 12.96
C PHE C 178 46.45 -24.66 14.04
N TYR C 179 45.22 -25.04 14.34
CA TYR C 179 44.93 -26.04 15.38
C TYR C 179 45.24 -27.47 14.95
N LYS C 180 45.59 -27.67 13.68
CA LYS C 180 46.07 -28.96 13.16
C LYS C 180 47.60 -28.99 12.98
N HIS C 181 48.31 -27.91 13.30
CA HIS C 181 49.76 -27.91 13.12
C HIS C 181 50.39 -28.89 14.13
N PRO C 182 51.29 -29.77 13.67
CA PRO C 182 51.92 -30.76 14.58
C PRO C 182 52.55 -30.16 15.84
N ALA C 183 53.18 -29.00 15.70
CA ALA C 183 53.75 -28.25 16.83
C ALA C 183 52.80 -27.95 17.99
N LEU C 184 51.50 -27.82 17.69
CA LEU C 184 50.49 -27.55 18.71
C LEU C 184 49.80 -28.80 19.25
N LYS C 185 50.22 -29.98 18.78
CA LYS C 185 49.56 -31.25 19.09
C LYS C 185 49.34 -31.50 20.59
N ASN C 186 50.34 -31.23 21.42
CA ASN C 186 50.22 -31.46 22.87
C ASN C 186 49.76 -30.23 23.68
N TYR C 187 49.34 -29.17 22.99
CA TYR C 187 48.84 -27.97 23.64
C TYR C 187 47.31 -27.98 23.60
N LYS C 188 46.71 -27.46 24.67
CA LYS C 188 45.28 -27.26 24.78
C LYS C 188 44.86 -25.79 24.56
N TYR C 189 45.67 -24.84 25.02
CA TYR C 189 45.31 -23.41 24.96
C TYR C 189 46.32 -22.60 24.17
N TYR C 190 45.83 -21.56 23.51
CA TYR C 190 46.69 -20.66 22.76
C TYR C 190 46.29 -19.22 23.04
N TRP C 191 47.28 -18.32 22.92
CA TRP C 191 47.05 -16.89 22.92
C TRP C 191 47.68 -16.41 21.64
N ARG C 192 46.83 -16.00 20.71
CA ARG C 192 47.24 -15.49 19.42
C ARG C 192 47.66 -14.04 19.56
N VAL C 193 48.83 -13.72 19.02
CA VAL C 193 49.43 -12.40 19.11
C VAL C 193 49.80 -11.96 17.70
N GLU C 194 49.47 -10.73 17.35
CA GLU C 194 49.82 -10.16 16.05
C GLU C 194 50.98 -9.17 16.23
N PRO C 195 51.79 -8.98 15.17
CA PRO C 195 52.81 -7.91 15.23
C PRO C 195 52.17 -6.51 15.29
N LYS C 196 52.85 -5.57 15.92
CA LYS C 196 52.41 -4.18 16.02
C LYS C 196 51.11 -3.98 16.83
N VAL C 197 50.97 -4.73 17.91
CA VAL C 197 49.87 -4.45 18.84
C VAL C 197 50.50 -3.94 20.11
N GLN C 198 49.69 -3.30 20.95
CA GLN C 198 50.13 -2.85 22.25
C GLN C 198 49.30 -3.53 23.34
N PHE C 199 49.97 -3.78 24.46
CA PHE C 199 49.33 -4.16 25.71
C PHE C 199 49.66 -3.09 26.73
N PHE C 200 48.64 -2.62 27.44
CA PHE C 200 48.74 -1.45 28.31
C PHE C 200 48.69 -1.76 29.80
N CYS C 201 48.24 -2.95 30.20
CA CYS C 201 47.96 -3.22 31.60
C CYS C 201 48.74 -4.40 32.13
N ASN C 202 49.31 -4.25 33.32
CA ASN C 202 49.86 -5.40 34.03
C ASN C 202 48.73 -6.36 34.36
N VAL C 203 48.99 -7.65 34.12
CA VAL C 203 48.06 -8.71 34.43
C VAL C 203 48.82 -9.65 35.36
N ASP C 204 48.28 -9.87 36.55
CA ASP C 204 49.00 -10.58 37.62
C ASP C 204 48.44 -11.96 37.97
N TYR C 205 47.68 -12.55 37.05
CA TYR C 205 47.29 -13.95 37.18
C TYR C 205 47.61 -14.70 35.90
N ASP C 206 47.69 -16.02 36.02
CA ASP C 206 47.91 -16.91 34.88
C ASP C 206 46.59 -17.03 34.11
N VAL C 207 46.51 -16.34 32.97
CA VAL C 207 45.28 -16.31 32.16
C VAL C 207 44.95 -17.67 31.57
N PHE C 208 45.97 -18.50 31.27
CA PHE C 208 45.75 -19.83 30.75
C PHE C 208 45.12 -20.74 31.77
N ARG C 209 45.60 -20.68 33.00
CA ARG C 209 45.03 -21.48 34.07
C ARG C 209 43.68 -20.93 34.53
N PHE C 210 43.45 -19.64 34.36
CA PHE C 210 42.08 -19.10 34.49
C PHE C 210 41.13 -19.78 33.47
N MET C 211 41.55 -19.87 32.20
CA MET C 211 40.74 -20.56 31.16
C MET C 211 40.49 -22.02 31.57
N GLU C 212 41.56 -22.69 31.99
CA GLU C 212 41.48 -24.08 32.41
C GLU C 212 40.57 -24.30 33.62
N ASP C 213 40.77 -23.50 34.65
CA ASP C 213 40.03 -23.69 35.91
C ASP C 213 38.53 -23.46 35.70
N ARG C 214 38.20 -22.34 35.06
CA ARG C 214 36.79 -22.02 34.79
C ARG C 214 36.20 -22.82 33.63
N ASN C 215 37.05 -23.59 32.93
CA ASN C 215 36.67 -24.43 31.80
C ASN C 215 36.10 -23.64 30.63
N LEU C 216 36.77 -22.55 30.30
CA LEU C 216 36.34 -21.64 29.24
C LEU C 216 36.83 -22.07 27.87
N THR C 217 36.17 -21.55 26.84
CA THR C 217 36.43 -21.90 25.45
C THR C 217 37.20 -20.80 24.73
N TYR C 218 36.92 -19.54 25.04
CA TYR C 218 37.41 -18.44 24.23
C TYR C 218 37.34 -17.13 24.98
N GLY C 219 38.32 -16.27 24.70
CA GLY C 219 38.43 -14.96 25.31
C GLY C 219 38.74 -13.91 24.26
N PHE C 220 38.08 -12.75 24.38
CA PHE C 220 38.27 -11.65 23.42
C PHE C 220 38.43 -10.33 24.15
N THR C 221 38.86 -9.32 23.42
CA THR C 221 38.94 -7.94 23.93
C THR C 221 38.03 -6.95 23.18
N ILE C 222 37.91 -7.11 21.87
CA ILE C 222 37.25 -6.13 21.00
C ILE C 222 36.23 -6.87 20.10
N ASN C 223 35.10 -6.22 19.84
CA ASN C 223 33.97 -6.81 19.12
C ASN C 223 33.48 -5.80 18.07
N LEU C 224 33.61 -6.14 16.78
CA LEU C 224 33.44 -5.19 15.69
C LEU C 224 32.44 -5.65 14.64
N PHE C 225 31.93 -4.69 13.89
CA PHE C 225 31.25 -4.95 12.62
C PHE C 225 32.35 -5.20 11.58
N ASP C 226 31.98 -5.91 10.50
CA ASP C 226 32.88 -6.17 9.38
C ASP C 226 32.33 -5.48 8.14
N ASP C 227 33.12 -5.50 7.06
CA ASP C 227 32.66 -5.06 5.75
C ASP C 227 31.80 -6.19 5.17
N PRO C 228 30.48 -5.96 5.01
CA PRO C 228 29.61 -7.03 4.46
C PRO C 228 30.02 -7.53 3.07
N LYS C 229 30.68 -6.69 2.28
CA LYS C 229 31.14 -7.07 0.95
C LYS C 229 32.21 -8.16 0.94
N THR C 230 32.85 -8.40 2.09
CA THR C 230 33.82 -9.49 2.22
C THR C 230 33.17 -10.85 2.45
N VAL C 231 31.90 -10.86 2.88
CA VAL C 231 31.23 -12.08 3.35
C VAL C 231 29.78 -12.34 2.83
N PRO C 232 29.45 -11.95 1.58
CA PRO C 232 28.02 -12.06 1.22
C PRO C 232 27.38 -13.47 1.29
N THR C 233 28.11 -14.53 0.97
CA THR C 233 27.56 -15.89 1.03
C THR C 233 27.96 -16.69 2.28
N LEU C 234 28.66 -16.07 3.22
CA LEU C 234 29.11 -16.78 4.43
C LEU C 234 27.93 -17.29 5.26
N TRP C 235 26.99 -16.41 5.58
CA TRP C 235 25.82 -16.80 6.37
C TRP C 235 24.91 -17.79 5.63
N PRO C 236 24.61 -17.53 4.32
CA PRO C 236 23.92 -18.56 3.54
C PRO C 236 24.59 -19.94 3.57
N GLU C 237 25.92 -19.97 3.41
CA GLU C 237 26.66 -21.23 3.52
C GLU C 237 26.59 -21.84 4.92
N THR C 238 26.62 -20.99 5.93
CA THR C 238 26.49 -21.44 7.33
C THR C 238 25.14 -22.11 7.56
N LYS C 239 24.07 -21.49 7.04
CA LYS C 239 22.73 -22.09 7.14
C LYS C 239 22.62 -23.41 6.41
N LYS C 240 23.24 -23.53 5.24
CA LYS C 240 23.31 -24.80 4.53
C LYS C 240 23.98 -25.87 5.39
N PHE C 241 25.11 -25.52 6.01
CA PHE C 241 25.76 -26.44 6.93
C PHE C 241 24.85 -26.86 8.09
N LEU C 242 24.19 -25.91 8.73
CA LEU C 242 23.29 -26.20 9.87
C LEU C 242 22.13 -27.11 9.48
N ALA C 243 21.55 -26.86 8.30
CA ALA C 243 20.49 -27.72 7.75
C ALA C 243 20.94 -29.16 7.57
N ALA C 244 22.19 -29.36 7.14
CA ALA C 244 22.75 -30.70 7.01
C ALA C 244 23.17 -31.34 8.34
N ASN C 245 23.31 -30.55 9.40
CA ASN C 245 23.80 -31.04 10.72
C ASN C 245 23.00 -30.40 11.85
N PRO C 246 21.69 -30.64 11.90
CA PRO C 246 20.82 -29.91 12.84
C PRO C 246 21.13 -30.14 14.32
N SER C 247 21.75 -31.27 14.68
CA SER C 247 22.12 -31.52 16.09
C SER C 247 23.33 -30.72 16.57
N TYR C 248 24.04 -30.04 15.66
CA TYR C 248 25.26 -29.31 16.03
C TYR C 248 25.00 -28.00 16.77
N LEU C 249 23.83 -27.39 16.56
CA LEU C 249 23.51 -26.10 17.19
C LEU C 249 23.56 -26.22 18.70
N SER C 250 24.29 -25.31 19.33
CA SER C 250 24.40 -25.27 20.79
C SER C 250 23.10 -24.86 21.46
N SER C 251 22.84 -25.42 22.64
CA SER C 251 21.66 -25.03 23.43
C SER C 251 21.83 -23.68 24.14
N ASN C 252 23.07 -23.18 24.26
CA ASN C 252 23.30 -21.83 24.76
C ASN C 252 24.15 -21.09 23.71
N ASN C 253 23.46 -20.58 22.69
CA ASN C 253 24.12 -20.04 21.50
C ASN C 253 23.96 -18.53 21.40
N MET C 254 24.59 -17.91 20.41
CA MET C 254 24.58 -16.46 20.26
C MET C 254 23.81 -16.05 19.01
N MET C 255 22.79 -16.81 18.65
CA MET C 255 22.03 -16.54 17.41
C MET C 255 21.51 -15.10 17.32
N GLY C 256 21.07 -14.56 18.46
CA GLY C 256 20.60 -13.16 18.54
C GLY C 256 21.62 -12.11 18.13
N TRP C 257 22.86 -12.31 18.57
CA TRP C 257 23.98 -11.48 18.15
C TRP C 257 24.34 -11.68 16.66
N LEU C 258 24.40 -12.93 16.23
CA LEU C 258 24.80 -13.27 14.86
C LEU C 258 23.80 -12.74 13.81
N THR C 259 22.52 -12.66 14.17
CA THR C 259 21.48 -12.23 13.23
C THR C 259 20.90 -10.84 13.52
N ASP C 260 21.50 -10.09 14.44
CA ASP C 260 21.01 -8.77 14.82
C ASP C 260 20.97 -7.83 13.61
N ASP C 261 19.88 -7.07 13.50
CA ASP C 261 19.77 -6.00 12.50
C ASP C 261 19.28 -4.68 13.11
N SER C 262 19.34 -4.57 14.44
CA SER C 262 18.77 -3.42 15.12
C SER C 262 19.73 -2.24 15.13
N LEU C 263 21.05 -2.47 14.97
CA LEU C 263 22.01 -1.36 15.02
C LEU C 263 22.32 -0.82 13.62
N ARG C 264 22.69 -1.71 12.72
CA ARG C 264 23.12 -1.36 11.36
C ARG C 264 22.45 -2.31 10.37
N PRO C 265 21.12 -2.15 10.18
CA PRO C 265 20.34 -3.09 9.36
C PRO C 265 20.85 -3.25 7.92
N ASP C 266 21.43 -2.21 7.34
CA ASP C 266 22.00 -2.32 5.98
C ASP C 266 23.18 -3.31 5.93
N HIS C 267 23.95 -3.42 7.03
CA HIS C 267 25.02 -4.44 7.12
C HIS C 267 24.43 -5.83 7.09
N THR C 268 23.42 -6.06 7.92
CA THR C 268 22.79 -7.36 8.00
C THR C 268 22.14 -7.77 6.67
N GLU C 269 21.50 -6.82 5.97
CA GLU C 269 20.93 -7.11 4.66
CA GLU C 269 20.93 -7.05 4.64
C GLU C 269 22.03 -7.42 3.64
N ALA C 270 23.11 -6.64 3.61
CA ALA C 270 24.21 -6.90 2.66
C ALA C 270 24.92 -8.24 2.90
N ALA C 271 25.00 -8.67 4.15
CA ALA C 271 25.60 -9.96 4.47
C ALA C 271 24.53 -11.07 4.56
N ASN C 272 23.33 -10.79 4.06
CA ASN C 272 22.30 -11.80 3.86
C ASN C 272 21.91 -12.53 5.14
N GLY C 273 21.70 -11.78 6.22
CA GLY C 273 21.17 -12.30 7.46
C GLY C 273 22.15 -12.30 8.63
N TYR C 274 23.44 -12.13 8.35
CA TYR C 274 24.48 -12.07 9.38
C TYR C 274 24.80 -10.61 9.70
N SER C 275 24.84 -10.27 10.98
CA SER C 275 25.16 -8.91 11.45
C SER C 275 26.52 -8.38 11.00
N THR C 276 27.43 -9.29 10.65
CA THR C 276 28.88 -9.07 10.42
C THR C 276 29.69 -8.90 11.70
N CYS C 277 29.03 -8.96 12.86
CA CYS C 277 29.75 -8.74 14.10
C CYS C 277 30.66 -9.91 14.41
N HIS C 278 31.82 -9.60 14.96
CA HIS C 278 32.82 -10.62 15.23
C HIS C 278 33.73 -10.22 16.35
N PHE C 279 34.24 -11.22 17.07
CA PHE C 279 35.36 -11.05 17.98
C PHE C 279 36.56 -10.71 17.10
N TRP C 280 37.33 -9.69 17.49
CA TRP C 280 38.39 -9.21 16.61
C TRP C 280 39.62 -10.09 16.82
N SER C 281 39.73 -11.09 15.96
CA SER C 281 40.57 -12.26 16.16
C SER C 281 42.09 -12.06 16.20
N ASN C 282 42.59 -10.87 15.89
CA ASN C 282 44.03 -10.57 16.09
C ASN C 282 44.44 -10.80 17.55
N PHE C 283 43.53 -10.55 18.49
CA PHE C 283 43.65 -11.04 19.88
C PHE C 283 42.72 -12.24 20.04
N GLU C 284 43.26 -13.38 20.49
CA GLU C 284 42.41 -14.50 20.94
C GLU C 284 43.11 -15.26 22.04
N ILE C 285 42.36 -15.65 23.07
CA ILE C 285 42.80 -16.69 23.99
C ILE C 285 41.78 -17.80 23.84
N GLY C 286 42.22 -18.99 23.44
CA GLY C 286 41.31 -20.05 23.09
C GLY C 286 41.68 -21.46 23.47
N ASP C 287 40.64 -22.29 23.53
CA ASP C 287 40.75 -23.73 23.65
C ASP C 287 40.91 -24.34 22.25
N LEU C 288 42.11 -24.86 21.95
CA LEU C 288 42.38 -25.51 20.69
C LEU C 288 41.43 -26.69 20.46
N ASP C 289 41.01 -27.38 21.52
CA ASP C 289 40.12 -28.53 21.39
C ASP C 289 38.67 -28.17 21.00
N PHE C 290 38.25 -26.92 21.17
CA PHE C 290 37.00 -26.49 20.59
C PHE C 290 37.10 -26.53 19.06
N PHE C 291 38.13 -25.90 18.52
CA PHE C 291 38.30 -25.82 17.06
C PHE C 291 38.58 -27.17 16.43
N ARG C 292 39.28 -28.04 17.16
CA ARG C 292 39.53 -29.41 16.74
C ARG C 292 38.28 -30.29 16.82
N GLY C 293 37.27 -29.86 17.59
CA GLY C 293 36.05 -30.65 17.79
C GLY C 293 35.26 -30.91 16.51
N GLU C 294 34.41 -31.92 16.58
CA GLU C 294 33.63 -32.37 15.44
C GLU C 294 32.86 -31.23 14.76
N GLN C 295 32.21 -30.42 15.58
CA GLN C 295 31.28 -29.39 15.11
CA GLN C 295 31.28 -29.40 15.10
C GLN C 295 32.01 -28.26 14.38
N TYR C 296 32.94 -27.60 15.07
CA TYR C 296 33.68 -26.51 14.44
C TYR C 296 34.44 -26.97 13.20
N ASP C 297 35.16 -28.09 13.29
CA ASP C 297 36.01 -28.52 12.19
C ASP C 297 35.21 -28.95 10.96
N ALA C 298 34.04 -29.58 11.17
CA ALA C 298 33.13 -29.86 10.05
C ALA C 298 32.62 -28.56 9.41
N TYR C 299 32.31 -27.57 10.25
CA TYR C 299 31.93 -26.25 9.75
C TYR C 299 33.02 -25.66 8.86
N PHE C 300 34.25 -25.66 9.37
CA PHE C 300 35.39 -25.17 8.58
C PHE C 300 35.50 -25.90 7.25
N ASN C 301 35.45 -27.24 7.28
CA ASN C 301 35.58 -28.03 6.06
C ASN C 301 34.47 -27.72 5.04
N HIS C 302 33.25 -27.51 5.52
CA HIS C 302 32.14 -27.07 4.67
C HIS C 302 32.45 -25.72 4.01
N LEU C 303 32.90 -24.75 4.80
CA LEU C 303 33.31 -23.44 4.26
C LEU C 303 34.45 -23.55 3.25
N ASP C 304 35.40 -24.44 3.54
CA ASP C 304 36.56 -24.69 2.65
C ASP C 304 36.07 -25.17 1.27
N ARG C 305 35.11 -26.08 1.26
CA ARG C 305 34.53 -26.59 0.01
C ARG C 305 33.62 -25.59 -0.71
N ALA C 306 33.02 -24.67 0.03
CA ALA C 306 32.18 -23.61 -0.56
C ALA C 306 32.98 -22.58 -1.36
N GLY C 307 34.25 -22.39 -1.02
CA GLY C 307 35.18 -21.55 -1.81
C GLY C 307 35.31 -20.09 -1.43
N GLY C 308 34.47 -19.62 -0.49
CA GLY C 308 34.46 -18.23 -0.10
C GLY C 308 35.73 -17.66 0.54
N PHE C 309 36.60 -18.51 1.07
CA PHE C 309 37.92 -18.03 1.52
C PHE C 309 38.72 -17.42 0.35
N PHE C 310 38.47 -17.92 -0.87
CA PHE C 310 39.16 -17.44 -2.08
C PHE C 310 38.29 -16.61 -3.00
N TYR C 311 37.06 -17.05 -3.25
CA TYR C 311 36.16 -16.33 -4.16
C TYR C 311 35.47 -15.13 -3.51
N GLU C 312 35.43 -15.10 -2.18
CA GLU C 312 35.06 -13.87 -1.44
C GLU C 312 36.27 -13.56 -0.58
N ARG C 313 36.12 -12.82 0.54
CA ARG C 313 37.26 -12.53 1.41
CA ARG C 313 37.27 -12.52 1.43
C ARG C 313 36.87 -12.84 2.87
N TRP C 314 36.44 -14.07 3.10
CA TRP C 314 36.00 -14.46 4.43
C TRP C 314 37.17 -14.41 5.40
N GLY C 315 37.06 -13.54 6.40
CA GLY C 315 38.08 -13.43 7.44
C GLY C 315 37.95 -14.55 8.45
N ASP C 316 39.05 -14.85 9.11
CA ASP C 316 39.00 -15.79 10.23
C ASP C 316 38.19 -15.27 11.41
N ALA C 317 38.06 -13.95 11.55
CA ALA C 317 37.29 -13.39 12.68
C ALA C 317 35.79 -13.73 12.58
N PRO C 318 35.13 -13.41 11.45
CA PRO C 318 33.72 -13.83 11.34
C PRO C 318 33.52 -15.35 11.38
N VAL C 319 34.46 -16.10 10.82
CA VAL C 319 34.36 -17.56 10.81
C VAL C 319 34.47 -18.15 12.23
N HIS C 320 35.48 -17.72 12.99
CA HIS C 320 35.57 -18.08 14.40
C HIS C 320 34.33 -17.68 15.20
N SER C 321 33.86 -16.47 14.97
CA SER C 321 32.75 -15.88 15.72
C SER C 321 31.45 -16.61 15.47
N ILE C 322 31.18 -16.96 14.22
CA ILE C 322 29.99 -17.75 13.88
C ILE C 322 30.11 -19.16 14.45
N GLY C 323 31.29 -19.77 14.29
CA GLY C 323 31.55 -21.09 14.87
C GLY C 323 31.29 -21.14 16.38
N LEU C 324 31.84 -20.17 17.09
CA LEU C 324 31.63 -20.04 18.55
C LEU C 324 30.15 -19.74 18.87
N GLY C 325 29.57 -18.83 18.11
CA GLY C 325 28.19 -18.42 18.30
C GLY C 325 27.17 -19.51 18.07
N LEU C 326 27.51 -20.47 17.22
CA LEU C 326 26.64 -21.61 16.93
C LEU C 326 26.96 -22.89 17.68
N PHE C 327 28.24 -23.15 17.95
CA PHE C 327 28.66 -24.48 18.48
C PHE C 327 29.25 -24.48 19.89
N ALA C 328 29.63 -23.31 20.41
CA ALA C 328 30.15 -23.21 21.77
C ALA C 328 29.02 -22.93 22.75
N ASP C 329 29.32 -23.16 24.01
CA ASP C 329 28.46 -22.71 25.11
C ASP C 329 28.82 -21.26 25.34
N ALA C 330 27.87 -20.34 25.14
CA ALA C 330 28.11 -18.90 25.27
C ALA C 330 28.61 -18.49 26.66
N ALA C 331 28.23 -19.25 27.69
CA ALA C 331 28.73 -19.01 29.05
C ALA C 331 30.24 -19.25 29.20
N LYS C 332 30.84 -19.98 28.27
CA LYS C 332 32.27 -20.26 28.26
C LYS C 332 33.07 -19.32 27.38
N VAL C 333 32.44 -18.23 26.90
CA VAL C 333 33.15 -17.19 26.18
C VAL C 333 33.26 -15.98 27.12
N HIS C 334 34.46 -15.40 27.19
CA HIS C 334 34.81 -14.40 28.21
C HIS C 334 35.38 -13.14 27.58
N TRP C 335 34.86 -11.99 28.00
CA TRP C 335 35.41 -10.70 27.64
C TRP C 335 36.54 -10.36 28.62
N PHE C 336 37.78 -10.38 28.12
CA PHE C 336 38.96 -10.02 28.94
C PHE C 336 39.08 -8.51 29.03
N ARG C 337 38.15 -7.91 29.78
CA ARG C 337 38.05 -6.47 29.87
C ARG C 337 39.29 -5.86 30.53
N ASP C 338 39.94 -6.63 31.41
CA ASP C 338 41.15 -6.22 32.12
C ASP C 338 42.46 -6.28 31.32
N ILE C 339 42.44 -6.81 30.09
CA ILE C 339 43.64 -6.81 29.27
C ILE C 339 43.56 -5.61 28.34
N GLY C 340 44.35 -4.59 28.65
CA GLY C 340 44.42 -3.39 27.84
C GLY C 340 45.10 -3.70 26.53
N TYR C 341 44.48 -3.33 25.42
CA TYR C 341 44.89 -3.81 24.11
C TYR C 341 44.61 -2.78 23.04
N ASN C 342 45.51 -2.71 22.05
CA ASN C 342 45.32 -1.88 20.87
C ASN C 342 45.90 -2.59 19.66
N HIS C 343 45.09 -2.68 18.62
CA HIS C 343 45.54 -2.96 17.26
C HIS C 343 44.90 -1.84 16.49
N ILE C 344 45.70 -1.10 15.72
CA ILE C 344 45.20 0.10 15.02
C ILE C 344 43.93 -0.26 14.22
N PRO C 345 42.84 0.51 14.30
CA PRO C 345 42.68 1.74 15.09
C PRO C 345 41.82 1.61 16.36
N TYR C 346 41.66 0.39 16.91
CA TYR C 346 40.71 0.17 18.00
C TYR C 346 41.38 -0.25 19.30
N TYR C 347 40.65 -0.03 20.40
CA TYR C 347 41.15 -0.22 21.75
C TYR C 347 40.19 -0.96 22.64
N ASN C 348 40.76 -1.69 23.60
CA ASN C 348 40.09 -2.07 24.83
C ASN C 348 40.96 -1.51 25.94
N CYS C 349 40.56 -0.38 26.53
CA CYS C 349 41.35 0.28 27.57
C CYS C 349 40.54 0.39 28.86
N PRO C 350 40.85 -0.45 29.86
CA PRO C 350 40.12 -0.37 31.12
C PRO C 350 40.61 0.71 32.08
N ASN C 351 39.68 1.20 32.91
CA ASN C 351 40.00 2.12 33.97
C ASN C 351 40.56 1.32 35.15
N SER C 352 41.90 1.27 35.23
CA SER C 352 42.58 0.49 36.26
C SER C 352 43.94 1.11 36.59
N PRO C 353 44.34 1.10 37.87
CA PRO C 353 45.70 1.57 38.19
C PRO C 353 46.83 0.70 37.60
N LYS C 354 46.50 -0.52 37.17
CA LYS C 354 47.48 -1.38 36.46
C LYS C 354 47.78 -0.97 35.01
N CYS C 355 47.05 -0.01 34.47
CA CYS C 355 47.19 0.39 33.07
C CYS C 355 47.85 1.75 32.92
N SER C 356 48.50 1.96 31.77
CA SER C 356 49.00 3.28 31.41
C SER C 356 49.02 3.44 29.89
N LYS C 357 49.09 4.69 29.45
CA LYS C 357 49.25 5.08 28.04
C LYS C 357 48.05 4.83 27.13
N CYS C 358 46.88 4.54 27.69
CA CYS C 358 45.63 4.52 26.93
C CYS C 358 44.57 5.26 27.71
N THR C 359 43.59 5.80 26.99
CA THR C 359 42.50 6.54 27.58
C THR C 359 41.36 5.56 27.85
N PRO C 360 40.96 5.39 29.14
CA PRO C 360 39.89 4.43 29.41
C PRO C 360 38.60 4.68 28.63
N GLY C 361 38.04 3.63 28.04
CA GLY C 361 36.80 3.72 27.29
C GLY C 361 36.83 4.41 25.94
N GLN C 362 38.01 4.86 25.48
CA GLN C 362 38.15 5.40 24.12
CA GLN C 362 38.11 5.40 24.12
C GLN C 362 38.25 4.20 23.19
N PHE C 363 37.21 3.96 22.41
CA PHE C 363 37.13 2.83 21.50
C PHE C 363 38.04 2.92 20.28
N TYR C 364 38.19 4.12 19.72
CA TYR C 364 38.91 4.31 18.46
C TYR C 364 39.86 5.51 18.49
N ALA C 365 40.81 5.51 17.56
CA ALA C 365 41.67 6.66 17.30
C ALA C 365 41.59 6.89 15.79
N GLY C 366 41.18 8.09 15.40
CA GLY C 366 40.99 8.42 13.99
C GLY C 366 39.70 9.19 13.79
N ALA C 367 39.18 9.13 12.58
CA ALA C 367 37.98 9.88 12.20
C ALA C 367 36.75 9.43 13.00
N PRO C 368 35.81 10.36 13.29
CA PRO C 368 34.63 10.04 14.11
C PRO C 368 33.72 8.94 13.56
N PHE C 369 33.72 8.72 12.25
CA PHE C 369 32.94 7.60 11.67
C PHE C 369 33.36 6.20 12.13
N LEU C 370 34.56 6.06 12.71
CA LEU C 370 34.98 4.77 13.28
C LEU C 370 34.16 4.34 14.50
N ALA C 371 33.49 5.28 15.15
CA ALA C 371 32.64 5.00 16.32
C ALA C 371 31.57 3.94 16.06
N LYS C 372 31.04 3.90 14.83
CA LYS C 372 29.99 2.94 14.49
C LYS C 372 30.47 1.50 14.28
N GLU C 373 31.79 1.27 14.32
CA GLU C 373 32.31 -0.09 14.16
C GLU C 373 32.25 -0.94 15.42
N ASP C 374 31.96 -0.34 16.59
CA ASP C 374 31.84 -1.10 17.84
C ASP C 374 30.54 -1.91 17.86
N CYS C 375 30.66 -3.23 18.01
CA CYS C 375 29.47 -4.08 18.10
C CYS C 375 29.13 -4.59 19.51
N ARG C 376 29.88 -4.14 20.52
CA ARG C 376 29.62 -4.57 21.89
C ARG C 376 28.21 -4.25 22.40
N PRO C 377 27.60 -3.11 21.99
CA PRO C 377 26.21 -2.90 22.44
C PRO C 377 25.27 -4.03 22.05
N SER C 378 25.46 -4.63 20.87
CA SER C 378 24.70 -5.82 20.48
C SER C 378 25.14 -7.07 21.26
N TYR C 379 26.45 -7.28 21.34
CA TYR C 379 26.96 -8.46 22.04
C TYR C 379 26.56 -8.46 23.53
N PHE C 380 26.69 -7.31 24.19
CA PHE C 380 26.35 -7.20 25.60
C PHE C 380 24.84 -7.39 25.86
N LYS C 381 24.00 -6.98 24.92
CA LYS C 381 22.55 -7.20 25.00
C LYS C 381 22.19 -8.66 24.79
N HIS C 382 22.71 -9.28 23.71
CA HIS C 382 22.29 -10.63 23.31
C HIS C 382 23.02 -11.75 24.00
N VAL C 383 24.25 -11.50 24.44
CA VAL C 383 25.09 -12.56 25.01
C VAL C 383 25.48 -12.20 26.45
N GLY C 384 26.07 -11.03 26.65
CA GLY C 384 26.38 -10.53 27.98
C GLY C 384 27.79 -10.02 28.12
N MET C 385 28.13 -9.65 29.35
CA MET C 385 29.40 -8.98 29.67
C MET C 385 30.35 -9.84 30.50
N HIS C 386 30.05 -11.12 30.57
CA HIS C 386 30.78 -12.08 31.40
C HIS C 386 32.09 -12.48 30.73
N SER D 17 6.32 -1.39 35.40
CA SER D 17 5.76 -0.88 36.69
C SER D 17 5.66 0.64 36.64
N HIS D 18 6.79 1.30 36.37
CA HIS D 18 6.84 2.76 36.19
C HIS D 18 6.37 3.25 34.79
N GLY D 19 5.67 2.38 34.05
CA GLY D 19 5.21 2.70 32.70
C GLY D 19 4.00 3.61 32.65
N PRO D 20 3.54 3.92 31.42
CA PRO D 20 2.40 4.81 31.25
C PRO D 20 1.06 4.15 31.55
N SER D 21 0.14 4.94 32.11
CA SER D 21 -1.25 4.56 32.31
C SER D 21 -2.08 5.15 31.17
N PHE D 22 -2.85 4.30 30.48
CA PHE D 22 -3.77 4.72 29.42
C PHE D 22 -5.23 4.44 29.81
N ILE D 23 -6.17 5.03 29.05
CA ILE D 23 -7.62 4.75 29.19
C ILE D 23 -8.10 4.09 27.89
N SER D 27 -5.61 2.04 26.72
CA SER D 27 -4.64 1.91 25.64
C SER D 27 -4.74 3.03 24.57
N LYS D 28 -5.49 4.09 24.87
CA LYS D 28 -5.82 5.15 23.90
C LYS D 28 -5.41 6.55 24.41
N GLU D 29 -5.91 6.91 25.59
CA GLU D 29 -5.71 8.22 26.21
C GLU D 29 -4.69 8.12 27.37
N TYR D 30 -3.50 8.71 27.19
CA TYR D 30 -2.46 8.73 28.24
C TYR D 30 -2.99 9.46 29.49
N ASN D 31 -2.77 8.87 30.66
CA ASN D 31 -3.31 9.38 31.91
C ASN D 31 -2.29 9.42 33.07
N GLY D 32 -1.02 9.59 32.74
CA GLY D 32 0.03 9.67 33.74
C GLY D 32 0.63 8.32 34.09
N MET D 33 1.32 8.25 35.22
CA MET D 33 2.06 7.05 35.58
C MET D 33 1.18 6.01 36.25
N LYS D 34 1.43 4.73 35.95
CA LYS D 34 0.65 3.63 36.54
C LYS D 34 1.00 3.46 38.00
N ARG D 35 2.28 3.25 38.27
CA ARG D 35 2.79 3.09 39.62
CA ARG D 35 2.80 3.08 39.62
C ARG D 35 4.02 3.97 39.82
N ASP D 36 3.87 5.00 40.63
CA ASP D 36 4.91 6.00 40.86
C ASP D 36 6.01 5.42 41.76
N PRO D 37 7.29 5.43 41.31
CA PRO D 37 8.41 5.02 42.17
C PRO D 37 8.52 5.76 43.49
N LEU D 38 7.96 6.96 43.55
CA LEU D 38 7.91 7.72 44.80
C LEU D 38 7.16 6.99 45.92
N LEU D 39 6.27 6.06 45.57
CA LEU D 39 5.59 5.24 46.58
C LEU D 39 6.55 4.31 47.33
N ASP D 40 7.63 3.91 46.69
CA ASP D 40 8.61 3.03 47.33
C ASP D 40 9.31 3.76 48.46
N PRO D 41 9.75 3.01 49.49
CA PRO D 41 10.52 3.67 50.55
C PRO D 41 11.71 4.39 49.93
N THR D 42 11.79 5.69 50.15
CA THR D 42 12.74 6.52 49.43
C THR D 42 13.77 7.01 50.43
N GLY D 43 15.02 6.62 50.23
CA GLY D 43 16.11 7.00 51.11
C GLY D 43 17.14 7.83 50.37
N GLU D 44 18.36 7.77 50.87
CA GLU D 44 19.44 8.59 50.33
C GLU D 44 20.09 7.90 49.14
N PRO D 45 20.77 8.66 48.28
CA PRO D 45 21.52 8.01 47.21
C PRO D 45 22.72 7.24 47.78
N GLU D 46 23.31 6.36 46.97
CA GLU D 46 24.40 5.50 47.44
C GLU D 46 25.74 6.23 47.41
N GLY D 47 26.75 5.59 48.00
CA GLY D 47 28.09 6.15 48.07
C GLY D 47 28.26 7.08 49.24
N HIS D 48 29.41 7.75 49.28
CA HIS D 48 29.76 8.62 50.40
C HIS D 48 29.00 9.93 50.35
N LEU D 49 28.50 10.35 51.51
CA LEU D 49 27.72 11.58 51.64
C LEU D 49 28.31 12.44 52.74
N TRP D 50 28.38 13.76 52.49
CA TRP D 50 28.94 14.71 53.44
C TRP D 50 27.87 15.27 54.37
N ARG D 51 28.08 15.07 55.67
CA ARG D 51 27.12 15.40 56.72
C ARG D 51 27.50 16.69 57.41
N ALA D 52 26.48 17.39 57.93
CA ALA D 52 26.70 18.62 58.69
C ALA D 52 27.31 18.37 60.07
N ASP D 53 27.11 17.18 60.63
CA ASP D 53 27.62 16.83 61.97
CA ASP D 53 27.60 16.82 61.97
C ASP D 53 29.12 16.56 62.00
N ASP D 54 29.64 15.98 60.91
CA ASP D 54 31.03 15.55 60.79
C ASP D 54 32.00 16.56 60.19
N ASN D 55 31.51 17.72 59.77
CA ASN D 55 32.31 18.66 58.96
C ASN D 55 32.00 20.09 59.34
N ASP D 56 32.88 21.01 58.95
CA ASP D 56 32.69 22.42 59.26
C ASP D 56 31.84 23.11 58.19
N TYR D 57 30.57 23.36 58.52
CA TYR D 57 29.63 24.07 57.66
C TYR D 57 29.14 25.33 58.39
N ALA D 58 29.95 25.85 59.30
CA ALA D 58 29.60 27.09 60.01
C ALA D 58 29.47 28.23 59.01
N PRO D 59 28.58 29.20 59.27
CA PRO D 59 28.39 30.31 58.33
C PRO D 59 29.67 31.03 57.92
N ASN D 60 30.54 31.27 58.89
CA ASN D 60 31.83 31.87 58.65
C ASN D 60 32.89 30.87 59.03
N SER D 61 33.87 30.68 58.15
CA SER D 61 34.96 29.74 58.40
C SER D 61 36.08 29.91 57.38
N ALA D 62 37.31 29.75 57.85
CA ALA D 62 38.50 29.90 57.02
C ALA D 62 38.74 28.70 56.10
N HIS D 63 38.21 27.53 56.47
CA HIS D 63 38.43 26.30 55.70
C HIS D 63 37.14 25.47 55.63
N SER D 64 36.10 26.09 55.06
CA SER D 64 34.74 25.53 54.95
C SER D 64 34.72 24.16 54.31
N ALA D 65 33.78 23.31 54.73
CA ALA D 65 33.51 22.07 54.01
C ALA D 65 32.73 22.33 52.69
N ARG D 66 32.19 23.54 52.52
CA ARG D 66 31.39 23.88 51.35
C ARG D 66 32.22 23.97 50.09
N THR D 67 31.66 23.50 48.97
CA THR D 67 32.27 23.69 47.66
C THR D 67 31.83 25.04 47.10
N ASN D 68 32.31 25.38 45.91
CA ASN D 68 31.98 26.69 45.33
C ASN D 68 30.61 26.63 44.61
N ALA D 69 29.55 26.73 45.41
CA ALA D 69 28.17 26.61 44.95
C ALA D 69 27.33 27.65 45.64
N ALA D 70 26.20 28.01 45.03
CA ALA D 70 25.27 28.95 45.60
C ALA D 70 23.83 28.61 45.28
N LEU D 71 22.92 29.00 46.18
CA LEU D 71 21.49 29.04 45.92
C LEU D 71 21.22 30.32 45.16
N ILE D 72 20.52 30.24 44.03
CA ILE D 72 20.22 31.44 43.23
C ILE D 72 18.74 31.57 42.91
N SER D 73 18.29 32.81 42.75
CA SER D 73 16.92 33.08 42.40
C SER D 73 16.80 34.37 41.61
N LEU D 74 16.11 34.30 40.48
CA LEU D 74 15.70 35.48 39.75
C LEU D 74 14.37 35.89 40.37
N VAL D 75 14.33 37.04 41.03
CA VAL D 75 13.20 37.41 41.89
C VAL D 75 13.01 38.93 41.93
N ARG D 76 11.75 39.35 41.92
CA ARG D 76 11.40 40.77 41.99
C ARG D 76 11.09 41.15 43.42
N ASN D 77 11.21 42.46 43.71
CA ASN D 77 10.83 43.01 45.03
C ASN D 77 9.40 42.67 45.41
N GLU D 78 8.51 42.65 44.42
CA GLU D 78 7.09 42.36 44.66
CA GLU D 78 7.07 42.32 44.58
C GLU D 78 6.83 40.92 45.15
N GLU D 79 7.78 40.01 44.93
CA GLU D 79 7.64 38.59 45.28
C GLU D 79 8.25 38.24 46.64
N LEU D 80 8.57 39.27 47.45
CA LEU D 80 9.29 39.07 48.71
C LEU D 80 8.57 38.12 49.67
N GLU D 81 7.27 38.29 49.86
CA GLU D 81 6.54 37.46 50.82
C GLU D 81 6.59 35.98 50.44
N ASP D 82 6.37 35.70 49.16
CA ASP D 82 6.49 34.34 48.63
C ASP D 82 7.91 33.81 48.78
N LEU D 83 8.92 34.64 48.49
CA LEU D 83 10.32 34.23 48.62
C LEU D 83 10.67 33.84 50.04
N ILE D 84 10.17 34.60 51.02
CA ILE D 84 10.44 34.33 52.43
C ILE D 84 9.88 32.95 52.82
N SER D 85 8.68 32.65 52.37
CA SER D 85 8.06 31.35 52.64
C SER D 85 8.93 30.22 52.06
N THR D 86 9.38 30.40 50.81
CA THR D 86 10.31 29.46 50.17
C THR D 86 11.62 29.32 50.93
N MET D 87 12.26 30.45 51.26
CA MET D 87 13.51 30.45 52.03
C MET D 87 13.38 29.68 53.35
N LYS D 88 12.29 29.89 54.07
CA LYS D 88 12.04 29.16 55.32
C LYS D 88 12.06 27.65 55.12
N ASP D 89 11.37 27.19 54.06
CA ASP D 89 11.33 25.76 53.74
C ASP D 89 12.71 25.21 53.39
N LEU D 90 13.45 25.91 52.55
CA LEU D 90 14.75 25.41 52.11
C LEU D 90 15.75 25.44 53.26
N GLU D 91 15.69 26.50 54.07
CA GLU D 91 16.56 26.59 55.26
C GLU D 91 16.23 25.50 56.27
N ARG D 92 14.94 25.38 56.63
CA ARG D 92 14.51 24.36 57.59
C ARG D 92 14.92 22.95 57.15
N THR D 93 14.69 22.61 55.88
CA THR D 93 14.94 21.25 55.40
C THR D 93 16.40 20.97 55.10
N TRP D 94 17.17 21.98 54.72
CA TRP D 94 18.53 21.73 54.26
C TRP D 94 19.56 22.78 54.65
N ASN D 95 19.35 24.03 54.23
CA ASN D 95 20.46 25.00 54.28
C ASN D 95 20.85 25.51 55.68
N SER D 96 19.96 25.40 56.67
CA SER D 96 20.32 25.74 58.05
C SER D 96 21.49 24.90 58.56
N LYS D 97 21.69 23.72 57.98
CA LYS D 97 22.80 22.82 58.31
C LYS D 97 24.05 23.03 57.47
N PHE D 98 23.91 23.48 56.23
CA PHE D 98 25.05 23.59 55.30
C PHE D 98 25.48 25.04 55.03
N ASN D 99 24.55 25.99 55.14
CA ASN D 99 24.82 27.42 55.08
C ASN D 99 25.50 27.87 53.80
N TYR D 100 25.04 27.33 52.67
CA TYR D 100 25.48 27.83 51.36
C TYR D 100 24.88 29.20 51.12
N PRO D 101 25.62 30.08 50.41
CA PRO D 101 25.11 31.43 50.18
C PRO D 101 23.89 31.51 49.24
N TRP D 102 23.09 32.55 49.42
CA TRP D 102 22.00 32.92 48.52
C TRP D 102 22.44 34.12 47.65
N ILE D 103 22.23 34.03 46.33
CA ILE D 103 22.50 35.14 45.41
C ILE D 103 21.19 35.46 44.67
N PHE D 104 20.66 36.66 44.89
CA PHE D 104 19.41 37.07 44.26
C PHE D 104 19.69 37.96 43.06
N PHE D 105 18.91 37.77 42.00
CA PHE D 105 19.10 38.47 40.73
C PHE D 105 17.83 39.17 40.33
N ASN D 106 17.96 40.35 39.72
CA ASN D 106 16.80 41.14 39.30
C ASN D 106 17.22 42.17 38.27
N ASP D 107 16.32 42.52 37.35
CA ASP D 107 16.60 43.58 36.37
C ASP D 107 16.60 44.96 37.04
N LYS D 108 15.77 45.14 38.06
CA LYS D 108 15.73 46.34 38.89
C LYS D 108 16.55 46.17 40.18
N PRO D 109 16.99 47.28 40.81
CA PRO D 109 17.68 47.16 42.11
C PRO D 109 16.77 46.65 43.23
N PHE D 110 17.35 45.94 44.20
CA PHE D 110 16.60 45.42 45.36
C PHE D 110 16.46 46.48 46.45
N THR D 111 15.28 46.57 47.04
CA THR D 111 14.99 47.51 48.13
C THR D 111 15.67 47.06 49.43
N GLU D 112 15.80 47.98 50.38
CA GLU D 112 16.38 47.66 51.70
C GLU D 112 15.48 46.72 52.51
N GLU D 113 14.17 46.95 52.42
CA GLU D 113 13.14 46.02 52.91
C GLU D 113 13.44 44.58 52.45
N PHE D 114 13.66 44.40 51.15
CA PHE D 114 14.01 43.09 50.55
C PHE D 114 15.28 42.50 51.16
N LYS D 115 16.34 43.31 51.25
CA LYS D 115 17.64 42.83 51.77
C LYS D 115 17.57 42.47 53.25
N LYS D 116 16.79 43.22 54.03
CA LYS D 116 16.64 42.97 55.45
C LYS D 116 15.84 41.69 55.68
N ARG D 117 14.67 41.61 55.03
CA ARG D 117 13.76 40.48 55.20
C ARG D 117 14.40 39.15 54.76
N THR D 118 15.12 39.17 53.64
CA THR D 118 15.80 37.95 53.15
C THR D 118 16.95 37.50 54.05
N GLN D 119 17.84 38.42 54.40
CA GLN D 119 18.99 38.07 55.25
C GLN D 119 18.57 37.59 56.65
N ALA D 120 17.42 38.06 57.13
CA ALA D 120 16.85 37.60 58.39
C ALA D 120 16.51 36.10 58.42
N GLU D 121 16.28 35.50 57.25
CA GLU D 121 15.88 34.08 57.16
C GLU D 121 17.03 33.07 57.06
N THR D 122 18.27 33.52 57.07
CA THR D 122 19.40 32.63 56.86
C THR D 122 20.63 33.11 57.60
N LYS D 123 21.44 32.17 58.07
CA LYS D 123 22.73 32.46 58.68
C LYS D 123 23.84 32.58 57.63
N ALA D 124 23.59 32.11 56.41
CA ALA D 124 24.57 32.24 55.32
C ALA D 124 24.57 33.66 54.77
N LYS D 125 25.59 33.97 53.98
CA LYS D 125 25.66 35.27 53.32
C LYS D 125 24.65 35.39 52.18
N CYS D 126 24.02 36.56 52.07
CA CYS D 126 23.13 36.90 50.97
C CYS D 126 23.81 37.95 50.08
N TYR D 127 23.66 37.80 48.77
CA TYR D 127 24.16 38.77 47.80
C TYR D 127 23.01 39.22 46.92
N TYR D 128 23.06 40.49 46.50
CA TYR D 128 21.97 41.13 45.79
C TYR D 128 22.53 41.71 44.50
N GLU D 129 22.13 41.13 43.37
CA GLU D 129 22.78 41.39 42.08
C GLU D 129 21.79 41.94 41.08
N GLN D 130 22.30 42.73 40.14
CA GLN D 130 21.48 43.30 39.09
C GLN D 130 21.90 42.64 37.78
N VAL D 131 20.91 42.29 36.97
CA VAL D 131 21.18 41.69 35.66
C VAL D 131 21.65 42.83 34.77
N PRO D 132 22.81 42.70 34.12
CA PRO D 132 23.22 43.79 33.23
C PRO D 132 22.27 43.95 32.06
N LYS D 133 22.23 45.16 31.52
CA LYS D 133 21.32 45.51 30.43
C LYS D 133 21.54 44.63 29.19
N GLU D 134 22.79 44.29 28.90
CA GLU D 134 23.10 43.41 27.77
C GLU D 134 22.66 41.94 27.95
N HIS D 135 22.34 41.53 29.18
CA HIS D 135 21.77 40.20 29.47
C HIS D 135 20.24 40.23 29.63
N TRP D 136 19.61 41.37 29.37
CA TRP D 136 18.17 41.56 29.61
C TRP D 136 17.41 42.20 28.46
N ASP D 137 17.96 43.27 27.87
CA ASP D 137 17.35 43.88 26.69
C ASP D 137 17.35 42.86 25.57
N PRO D 138 16.28 42.83 24.75
CA PRO D 138 16.33 42.01 23.56
C PRO D 138 17.53 42.39 22.69
N PRO D 139 18.15 41.41 22.00
CA PRO D 139 19.28 41.78 21.15
C PRO D 139 18.88 42.65 19.95
N GLU D 140 19.89 43.31 19.38
CA GLU D 140 19.70 44.32 18.31
C GLU D 140 18.97 43.77 17.09
N TRP D 141 19.20 42.50 16.77
CA TRP D 141 18.58 41.88 15.60
C TRP D 141 17.10 41.54 15.76
N ILE D 142 16.54 41.64 16.97
CA ILE D 142 15.12 41.36 17.18
C ILE D 142 14.28 42.56 16.76
N ASN D 143 13.31 42.33 15.88
CA ASN D 143 12.41 43.38 15.44
C ASN D 143 11.20 43.37 16.37
N MET D 144 11.01 44.47 17.09
CA MET D 144 9.99 44.53 18.15
C MET D 144 8.55 44.56 17.64
N GLU D 145 8.36 45.03 16.41
CA GLU D 145 7.04 44.99 15.78
C GLU D 145 6.64 43.51 15.50
N LEU D 146 7.60 42.68 15.10
CA LEU D 146 7.35 41.26 14.81
C LEU D 146 7.09 40.55 16.13
N PHE D 147 7.86 40.91 17.15
CA PHE D 147 7.60 40.42 18.50
C PHE D 147 6.15 40.69 18.95
N ARG D 148 5.70 41.93 18.85
CA ARG D 148 4.36 42.27 19.33
CA ARG D 148 4.34 42.31 19.29
C ARG D 148 3.27 41.55 18.52
N GLU D 149 3.49 41.35 17.22
CA GLU D 149 2.54 40.62 16.39
C GLU D 149 2.43 39.13 16.76
N SER D 150 3.55 38.44 16.93
CA SER D 150 3.49 37.02 17.33
C SER D 150 3.00 36.88 18.77
N ALA D 151 3.35 37.84 19.62
CA ALA D 151 2.84 37.87 21.00
C ALA D 151 1.31 38.02 21.07
N ALA D 152 0.73 38.81 20.17
CA ALA D 152 -0.73 38.95 20.11
C ALA D 152 -1.39 37.61 19.79
N ILE D 153 -0.80 36.86 18.86
CA ILE D 153 -1.32 35.55 18.46
C ILE D 153 -1.21 34.54 19.60
N LEU D 154 -0.08 34.49 20.29
CA LEU D 154 0.07 33.57 21.42
C LEU D 154 -0.91 33.91 22.55
N THR D 155 -1.10 35.20 22.80
CA THR D 155 -2.09 35.66 23.76
C THR D 155 -3.50 35.15 23.42
N GLU D 156 -3.87 35.25 22.15
CA GLU D 156 -5.16 34.78 21.67
CA GLU D 156 -5.18 34.82 21.71
C GLU D 156 -5.29 33.27 21.82
N GLN D 157 -4.21 32.54 21.52
CA GLN D 157 -4.26 31.07 21.50
C GLN D 157 -4.05 30.33 22.81
N LYS D 158 -3.14 30.80 23.64
CA LYS D 158 -2.64 30.02 24.75
C LYS D 158 -3.54 30.14 25.99
N ILE D 159 -3.93 28.99 26.53
CA ILE D 159 -4.78 28.91 27.71
C ILE D 159 -4.17 29.66 28.89
N GLN D 160 -4.99 30.51 29.52
CA GLN D 160 -4.65 31.24 30.75
C GLN D 160 -3.29 31.93 30.62
N TYR D 161 -3.13 32.66 29.54
CA TYR D 161 -1.86 33.27 29.18
C TYR D 161 -2.09 34.57 28.43
N SER D 162 -1.47 35.64 28.91
CA SER D 162 -1.42 36.89 28.20
C SER D 162 0.04 37.30 28.15
N ASP D 163 0.53 37.56 26.96
CA ASP D 163 1.95 37.70 26.73
C ASP D 163 2.54 38.95 27.37
N LYS D 164 3.75 38.82 27.90
CA LYS D 164 4.56 39.94 28.38
C LYS D 164 5.98 39.72 27.90
N LEU D 165 6.60 40.80 27.45
CA LEU D 165 8.01 40.78 27.05
C LEU D 165 8.91 40.22 28.13
N SER D 166 8.66 40.58 29.38
CA SER D 166 9.46 40.13 30.51
C SER D 166 9.51 38.60 30.65
N TYR D 167 8.44 37.90 30.24
CA TYR D 167 8.44 36.43 30.25
C TYR D 167 9.51 35.89 29.31
N HIS D 168 9.60 36.50 28.13
CA HIS D 168 10.59 36.13 27.13
C HIS D 168 12.01 36.45 27.61
N GLN D 169 12.16 37.61 28.23
CA GLN D 169 13.45 38.02 28.80
C GLN D 169 13.92 37.07 29.91
N MET D 170 13.00 36.63 30.76
CA MET D 170 13.28 35.64 31.82
CA MET D 170 13.30 35.66 31.81
C MET D 170 13.78 34.33 31.21
N CYS D 171 13.05 33.82 30.22
CA CYS D 171 13.42 32.58 29.54
C CYS D 171 14.79 32.67 28.88
N ARG D 172 15.05 33.80 28.21
CA ARG D 172 16.37 34.02 27.60
C ARG D 172 17.47 34.09 28.67
N TRP D 173 17.19 34.77 29.77
CA TRP D 173 18.17 34.91 30.85
C TRP D 173 18.54 33.55 31.44
N ASN D 174 17.52 32.77 31.82
CA ASN D 174 17.76 31.40 32.32
C ASN D 174 18.42 30.48 31.29
N SER D 175 18.13 30.67 30.00
CA SER D 175 18.71 29.81 28.95
C SER D 175 20.19 30.06 28.67
N GLY D 176 20.58 31.34 28.65
CA GLY D 176 21.93 31.70 28.20
C GLY D 176 22.75 32.72 28.98
N MET D 177 22.13 33.43 29.92
CA MET D 177 22.78 34.59 30.55
C MET D 177 23.16 34.39 32.02
N PHE D 178 22.38 33.61 32.78
CA PHE D 178 22.67 33.50 34.23
C PHE D 178 24.09 33.02 34.52
N TYR D 179 24.56 32.06 33.73
CA TYR D 179 25.89 31.51 33.86
C TYR D 179 27.02 32.42 33.34
N LYS D 180 26.67 33.56 32.75
CA LYS D 180 27.63 34.61 32.34
C LYS D 180 27.64 35.79 33.31
N HIS D 181 26.84 35.77 34.37
CA HIS D 181 26.80 36.90 35.28
C HIS D 181 28.12 36.94 36.08
N PRO D 182 28.76 38.14 36.21
CA PRO D 182 30.06 38.20 36.91
C PRO D 182 30.05 37.65 38.34
N ALA D 183 29.01 37.96 39.10
CA ALA D 183 28.73 37.36 40.41
C ALA D 183 28.89 35.83 40.55
N LEU D 184 28.64 35.08 39.48
CA LEU D 184 28.80 33.62 39.50
C LEU D 184 30.12 33.11 38.94
N LYS D 185 31.03 34.03 38.58
CA LYS D 185 32.30 33.69 37.91
C LYS D 185 33.11 32.60 38.61
N ASN D 186 33.25 32.69 39.93
CA ASN D 186 34.05 31.72 40.70
C ASN D 186 33.24 30.53 41.27
N TYR D 187 31.96 30.42 40.89
CA TYR D 187 31.12 29.28 41.31
C TYR D 187 31.04 28.25 40.21
N LYS D 188 30.97 26.98 40.60
CA LYS D 188 30.78 25.87 39.67
C LYS D 188 29.35 25.31 39.68
N TYR D 189 28.70 25.27 40.85
CA TYR D 189 27.36 24.70 41.00
C TYR D 189 26.36 25.72 41.48
N TYR D 190 25.10 25.54 41.06
CA TYR D 190 24.00 26.40 41.47
C TYR D 190 22.78 25.54 41.79
N TRP D 191 21.94 26.04 42.67
CA TRP D 191 20.63 25.48 42.94
C TRP D 191 19.68 26.63 42.69
N ARG D 192 18.94 26.55 41.59
CA ARG D 192 17.93 27.54 41.25
C ARG D 192 16.67 27.32 42.10
N VAL D 193 16.18 28.41 42.68
CA VAL D 193 15.03 28.41 43.56
C VAL D 193 14.08 29.49 43.07
N GLU D 194 12.82 29.15 42.88
CA GLU D 194 11.81 30.13 42.52
C GLU D 194 11.07 30.60 43.76
N PRO D 195 10.55 31.83 43.73
CA PRO D 195 9.63 32.24 44.80
C PRO D 195 8.34 31.42 44.74
N LYS D 196 7.70 31.23 45.88
CA LYS D 196 6.46 30.45 45.95
C LYS D 196 6.69 29.01 45.48
N VAL D 197 7.57 28.31 46.18
CA VAL D 197 7.68 26.85 46.07
C VAL D 197 7.78 26.30 47.48
N GLN D 198 7.47 25.02 47.63
CA GLN D 198 7.61 24.35 48.93
C GLN D 198 8.66 23.24 48.85
N PHE D 199 9.33 23.02 49.97
CA PHE D 199 10.19 21.87 50.16
C PHE D 199 9.63 21.14 51.35
N PHE D 200 9.54 19.81 51.23
CA PHE D 200 8.81 18.99 52.19
C PHE D 200 9.66 18.07 53.04
N CYS D 201 10.91 17.79 52.63
CA CYS D 201 11.68 16.71 53.24
C CYS D 201 13.02 17.20 53.75
N ASN D 202 13.38 16.79 54.97
CA ASN D 202 14.73 17.01 55.46
C ASN D 202 15.72 16.28 54.56
N VAL D 203 16.78 16.98 54.18
CA VAL D 203 17.86 16.39 53.42
C VAL D 203 19.13 16.54 54.25
N ASP D 204 19.78 15.43 54.58
CA ASP D 204 20.86 15.43 55.57
C ASP D 204 22.23 15.19 54.96
N TYR D 205 22.39 15.52 53.68
CA TYR D 205 23.71 15.49 53.04
C TYR D 205 23.87 16.73 52.17
N ASP D 206 25.13 17.04 51.89
CA ASP D 206 25.49 18.19 51.08
C ASP D 206 25.22 17.81 49.62
N VAL D 207 24.13 18.34 49.04
CA VAL D 207 23.74 18.01 47.65
C VAL D 207 24.74 18.48 46.61
N PHE D 208 25.37 19.63 46.85
CA PHE D 208 26.40 20.15 45.94
C PHE D 208 27.64 19.25 45.89
N ARG D 209 28.11 18.76 47.03
CA ARG D 209 29.25 17.82 47.04
C ARG D 209 28.86 16.44 46.55
N PHE D 210 27.59 16.06 46.74
CA PHE D 210 27.05 14.89 46.05
C PHE D 210 27.27 15.02 44.52
N MET D 211 26.93 16.18 43.96
CA MET D 211 27.13 16.43 42.51
C MET D 211 28.62 16.36 42.17
N GLU D 212 29.41 17.09 42.94
CA GLU D 212 30.85 17.22 42.71
C GLU D 212 31.58 15.88 42.76
N ASP D 213 31.32 15.07 43.78
CA ASP D 213 32.01 13.76 43.92
C ASP D 213 31.70 12.78 42.80
N ARG D 214 30.52 12.89 42.19
CA ARG D 214 30.12 12.00 41.11
C ARG D 214 30.23 12.67 39.72
N ASN D 215 30.79 13.87 39.66
CA ASN D 215 30.91 14.65 38.42
C ASN D 215 29.57 14.83 37.68
N LEU D 216 28.52 15.08 38.45
CA LEU D 216 27.19 15.22 37.89
C LEU D 216 27.01 16.58 37.27
N THR D 217 26.18 16.61 36.22
CA THR D 217 25.93 17.82 35.45
C THR D 217 24.64 18.51 35.87
N TYR D 218 23.61 17.76 36.24
CA TYR D 218 22.29 18.37 36.43
C TYR D 218 21.39 17.47 37.25
N GLY D 219 20.54 18.10 38.06
CA GLY D 219 19.61 17.40 38.92
C GLY D 219 18.25 18.06 38.79
N PHE D 220 17.21 17.22 38.79
CA PHE D 220 15.83 17.66 38.59
C PHE D 220 14.91 16.92 39.54
N THR D 221 13.71 17.46 39.74
CA THR D 221 12.67 16.77 40.54
C THR D 221 11.45 16.34 39.72
N ILE D 222 11.03 17.15 38.75
CA ILE D 222 9.78 16.96 38.00
C ILE D 222 10.08 17.02 36.51
N ASN D 223 9.34 16.25 35.71
CA ASN D 223 9.57 16.11 34.28
C ASN D 223 8.19 16.20 33.63
N LEU D 224 7.99 17.23 32.79
CA LEU D 224 6.68 17.57 32.24
C LEU D 224 6.64 17.65 30.73
N PHE D 225 5.44 17.53 30.17
CA PHE D 225 5.16 17.96 28.80
C PHE D 225 5.05 19.47 28.79
N ASP D 226 5.33 20.09 27.65
CA ASP D 226 5.17 21.54 27.47
C ASP D 226 4.06 21.81 26.47
N ASP D 227 3.71 23.08 26.34
CA ASP D 227 2.77 23.53 25.34
C ASP D 227 3.49 23.66 23.99
N PRO D 228 3.13 22.84 23.01
CA PRO D 228 3.79 22.89 21.70
C PRO D 228 3.72 24.26 21.01
N LYS D 229 2.69 25.04 21.31
CA LYS D 229 2.54 26.37 20.71
C LYS D 229 3.65 27.33 21.12
N THR D 230 4.34 27.05 22.22
CA THR D 230 5.46 27.88 22.65
C THR D 230 6.77 27.55 21.93
N VAL D 231 6.84 26.39 21.26
CA VAL D 231 8.11 25.87 20.73
C VAL D 231 8.07 25.30 19.31
N PRO D 232 7.16 25.78 18.45
CA PRO D 232 7.05 25.07 17.17
C PRO D 232 8.33 24.92 16.31
N THR D 233 9.20 25.92 16.25
CA THR D 233 10.42 25.78 15.44
C THR D 233 11.67 25.49 16.27
N LEU D 234 11.51 25.18 17.57
CA LEU D 234 12.67 24.89 18.42
C LEU D 234 13.44 23.66 17.95
N TRP D 235 12.72 22.55 17.74
CA TRP D 235 13.35 21.33 17.28
C TRP D 235 13.91 21.45 15.85
N PRO D 236 13.13 22.05 14.92
CA PRO D 236 13.74 22.32 13.61
C PRO D 236 15.07 23.13 13.70
N GLU D 237 15.09 24.16 14.52
CA GLU D 237 16.31 24.97 14.68
C GLU D 237 17.44 24.18 15.35
N THR D 238 17.08 23.31 16.29
CA THR D 238 18.02 22.44 16.95
C THR D 238 18.67 21.49 15.94
N LYS D 239 17.86 20.90 15.07
CA LYS D 239 18.40 20.05 13.99
C LYS D 239 19.33 20.81 13.02
N LYS D 240 19.02 22.06 12.71
CA LYS D 240 19.91 22.91 11.90
C LYS D 240 21.27 23.10 12.59
N PHE D 241 21.24 23.40 13.89
CA PHE D 241 22.45 23.51 14.68
C PHE D 241 23.28 22.20 14.69
N LEU D 242 22.61 21.06 14.85
CA LEU D 242 23.32 19.77 14.87
C LEU D 242 23.95 19.43 13.52
N ALA D 243 23.23 19.72 12.43
CA ALA D 243 23.77 19.52 11.08
C ALA D 243 25.04 20.33 10.85
N ALA D 244 25.09 21.54 11.38
CA ALA D 244 26.28 22.40 11.26
C ALA D 244 27.43 22.02 12.22
N ASN D 245 27.12 21.28 13.28
CA ASN D 245 28.10 20.94 14.31
C ASN D 245 27.97 19.45 14.71
N PRO D 246 28.27 18.54 13.77
CA PRO D 246 28.03 17.11 14.01
C PRO D 246 28.90 16.45 15.11
N SER D 247 30.00 17.08 15.51
CA SER D 247 30.84 16.54 16.57
C SER D 247 30.33 16.85 17.98
N TYR D 248 29.28 17.66 18.09
CA TYR D 248 28.80 18.13 19.39
C TYR D 248 27.92 17.12 20.14
N LEU D 249 27.17 16.30 19.39
CA LEU D 249 26.28 15.29 19.97
C LEU D 249 27.06 14.31 20.86
N SER D 250 26.61 14.13 22.09
CA SER D 250 27.23 13.20 23.03
C SER D 250 26.84 11.77 22.68
N SER D 251 27.65 10.80 23.15
CA SER D 251 27.36 9.38 22.95
CA SER D 251 27.33 9.40 22.91
C SER D 251 26.17 8.96 23.80
N ASN D 252 26.21 9.30 25.09
CA ASN D 252 25.15 8.94 26.04
C ASN D 252 24.10 10.06 26.00
N ASN D 253 23.41 10.16 24.87
CA ASN D 253 22.45 11.24 24.62
C ASN D 253 21.02 10.77 24.90
N MET D 254 20.09 11.71 24.94
CA MET D 254 18.71 11.42 25.24
C MET D 254 17.79 11.55 24.01
N MET D 255 18.32 11.22 22.83
CA MET D 255 17.54 11.34 21.58
C MET D 255 16.19 10.62 21.63
N GLY D 256 16.17 9.42 22.23
CA GLY D 256 14.93 8.65 22.38
C GLY D 256 13.83 9.38 23.14
N TRP D 257 14.21 10.01 24.26
CA TRP D 257 13.31 10.82 25.07
C TRP D 257 12.90 12.10 24.34
N LEU D 258 13.89 12.81 23.80
CA LEU D 258 13.63 14.07 23.09
C LEU D 258 12.66 13.93 21.91
N THR D 259 12.71 12.80 21.23
CA THR D 259 11.91 12.57 20.01
C THR D 259 10.79 11.55 20.20
N ASP D 260 10.48 11.21 21.45
CA ASP D 260 9.43 10.25 21.73
C ASP D 260 8.06 10.75 21.25
N ASP D 261 7.28 9.83 20.69
CA ASP D 261 5.90 10.10 20.30
C ASP D 261 4.93 9.02 20.80
N SER D 262 5.38 8.20 21.75
CA SER D 262 4.61 7.04 22.19
C SER D 262 3.53 7.36 23.24
N LEU D 263 3.67 8.47 23.98
CA LEU D 263 2.66 8.84 24.98
C LEU D 263 1.63 9.83 24.46
N ARG D 264 2.12 10.92 23.87
CA ARG D 264 1.25 12.01 23.41
C ARG D 264 1.69 12.41 22.01
N PRO D 265 1.40 11.56 21.02
CA PRO D 265 1.91 11.79 19.66
C PRO D 265 1.51 13.13 19.04
N ASP D 266 0.36 13.68 19.44
CA ASP D 266 -0.05 14.99 18.93
C ASP D 266 0.87 16.12 19.40
N HIS D 267 1.45 16.00 20.60
CA HIS D 267 2.45 16.97 21.05
C HIS D 267 3.67 16.95 20.16
N THR D 268 4.16 15.75 19.88
CA THR D 268 5.36 15.57 19.08
C THR D 268 5.17 16.07 17.64
N GLU D 269 3.99 15.85 17.08
CA GLU D 269 3.73 16.40 15.75
CA GLU D 269 3.58 16.42 15.76
C GLU D 269 3.62 17.93 15.79
N ALA D 270 2.94 18.49 16.79
CA ALA D 270 2.74 19.94 16.90
C ALA D 270 4.06 20.67 17.15
N ALA D 271 4.98 20.03 17.87
CA ALA D 271 6.32 20.58 18.10
C ALA D 271 7.34 20.09 17.06
N ASN D 272 6.87 19.54 15.94
CA ASN D 272 7.70 19.19 14.79
C ASN D 272 8.89 18.28 15.08
N GLY D 273 8.60 17.22 15.86
CA GLY D 273 9.57 16.16 16.13
C GLY D 273 10.11 16.13 17.57
N TYR D 274 9.85 17.17 18.35
CA TYR D 274 10.25 17.19 19.76
C TYR D 274 9.07 16.81 20.63
N SER D 275 9.31 15.90 21.59
CA SER D 275 8.26 15.42 22.50
C SER D 275 7.63 16.51 23.36
N THR D 276 8.35 17.62 23.51
CA THR D 276 8.07 18.71 24.43
C THR D 276 8.43 18.39 25.88
N CYS D 277 8.89 17.17 26.18
CA CYS D 277 9.22 16.83 27.54
C CYS D 277 10.46 17.60 27.98
N HIS D 278 10.44 18.02 29.24
CA HIS D 278 11.51 18.79 29.82
C HIS D 278 11.61 18.56 31.32
N PHE D 279 12.82 18.69 31.82
CA PHE D 279 13.05 18.85 33.26
C PHE D 279 12.40 20.17 33.66
N TRP D 280 11.60 20.19 34.74
CA TRP D 280 10.87 21.40 35.11
C TRP D 280 11.79 22.42 35.85
N SER D 281 12.36 23.31 35.07
CA SER D 281 13.54 24.11 35.44
C SER D 281 13.37 25.11 36.58
N ASN D 282 12.15 25.35 37.08
CA ASN D 282 12.00 26.12 38.33
C ASN D 282 12.81 25.53 39.49
N PHE D 283 13.00 24.20 39.49
CA PHE D 283 14.00 23.53 40.33
C PHE D 283 15.12 23.09 39.41
N GLU D 284 16.35 23.47 39.73
CA GLU D 284 17.53 22.88 39.09
C GLU D 284 18.69 22.89 40.09
N ILE D 285 19.48 21.83 40.08
CA ILE D 285 20.81 21.84 40.68
C ILE D 285 21.76 21.48 39.54
N GLY D 286 22.66 22.39 39.18
CA GLY D 286 23.45 22.18 37.97
C GLY D 286 24.89 22.61 38.02
N ASP D 287 25.66 22.11 37.06
CA ASP D 287 27.05 22.46 36.85
C ASP D 287 27.09 23.62 35.86
N LEU D 288 27.42 24.80 36.38
CA LEU D 288 27.55 26.03 35.58
C LEU D 288 28.51 25.87 34.40
N ASP D 289 29.55 25.05 34.57
CA ASP D 289 30.53 24.82 33.51
C ASP D 289 30.00 23.99 32.35
N PHE D 290 28.94 23.19 32.55
CA PHE D 290 28.28 22.56 31.42
C PHE D 290 27.71 23.64 30.50
N PHE D 291 26.95 24.57 31.08
CA PHE D 291 26.26 25.59 30.28
C PHE D 291 27.26 26.59 29.66
N ARG D 292 28.33 26.90 30.40
CA ARG D 292 29.46 27.68 29.86
C ARG D 292 30.26 26.97 28.77
N GLY D 293 30.16 25.65 28.68
CA GLY D 293 30.89 24.87 27.71
C GLY D 293 30.63 25.25 26.27
N GLU D 294 31.54 24.82 25.39
CA GLU D 294 31.46 25.16 23.97
C GLU D 294 30.14 24.76 23.34
N GLN D 295 29.72 23.52 23.62
CA GLN D 295 28.57 22.92 22.97
C GLN D 295 27.28 23.62 23.36
N TYR D 296 27.01 23.69 24.66
CA TYR D 296 25.76 24.30 25.10
C TYR D 296 25.68 25.77 24.72
N ASP D 297 26.76 26.51 24.97
CA ASP D 297 26.74 27.93 24.72
C ASP D 297 26.62 28.27 23.22
N ALA D 298 27.26 27.48 22.36
CA ALA D 298 27.05 27.63 20.90
C ALA D 298 25.57 27.37 20.52
N TYR D 299 24.96 26.38 21.17
CA TYR D 299 23.55 26.06 20.96
C TYR D 299 22.68 27.25 21.37
N PHE D 300 22.92 27.78 22.57
CA PHE D 300 22.19 28.96 23.01
C PHE D 300 22.34 30.11 22.01
N ASN D 301 23.56 30.38 21.56
CA ASN D 301 23.77 31.49 20.65
C ASN D 301 23.07 31.29 19.31
N HIS D 302 23.06 30.05 18.81
CA HIS D 302 22.29 29.71 17.61
C HIS D 302 20.81 30.05 17.79
N LEU D 303 20.22 29.62 18.90
CA LEU D 303 18.83 29.90 19.20
C LEU D 303 18.57 31.39 19.35
N ASP D 304 19.51 32.08 20.01
CA ASP D 304 19.44 33.54 20.17
C ASP D 304 19.37 34.26 18.83
N ARG D 305 20.16 33.81 17.86
CA ARG D 305 20.14 34.39 16.51
C ARG D 305 18.89 34.01 15.69
N ALA D 306 18.32 32.84 15.98
CA ALA D 306 17.10 32.39 15.29
C ALA D 306 15.88 33.20 15.69
N GLY D 307 15.90 33.75 16.90
CA GLY D 307 14.86 34.69 17.33
C GLY D 307 13.68 34.09 18.08
N GLY D 308 13.67 32.78 18.25
CA GLY D 308 12.52 32.12 18.89
C GLY D 308 12.30 32.39 20.37
N PHE D 309 13.30 32.92 21.08
CA PHE D 309 13.05 33.44 22.44
C PHE D 309 12.04 34.58 22.44
N PHE D 310 11.94 35.32 21.33
CA PHE D 310 11.01 36.45 21.23
C PHE D 310 9.87 36.22 20.26
N TYR D 311 10.14 35.67 19.08
CA TYR D 311 9.08 35.43 18.09
C TYR D 311 8.22 34.20 18.41
N GLU D 312 8.77 33.29 19.22
CA GLU D 312 8.00 32.23 19.86
C GLU D 312 8.20 32.44 21.35
N ARG D 313 7.87 31.47 22.20
CA ARG D 313 8.14 31.63 23.62
C ARG D 313 8.96 30.45 24.15
N TRP D 314 10.12 30.27 23.56
CA TRP D 314 11.00 29.17 23.92
C TRP D 314 11.36 29.27 25.40
N GLY D 315 10.95 28.26 26.18
CA GLY D 315 11.20 28.24 27.61
C GLY D 315 12.61 27.80 27.92
N ASP D 316 13.16 28.27 29.02
CA ASP D 316 14.46 27.76 29.47
C ASP D 316 14.42 26.27 29.83
N ALA D 317 13.28 25.76 30.26
CA ALA D 317 13.15 24.32 30.56
C ALA D 317 13.37 23.45 29.32
N PRO D 318 12.57 23.66 28.24
CA PRO D 318 12.90 22.88 27.05
C PRO D 318 14.31 23.14 26.50
N VAL D 319 14.78 24.37 26.55
CA VAL D 319 16.12 24.66 26.01
C VAL D 319 17.22 23.96 26.83
N HIS D 320 17.15 24.05 28.15
CA HIS D 320 18.08 23.28 28.99
C HIS D 320 17.97 21.78 28.74
N SER D 321 16.73 21.29 28.65
CA SER D 321 16.50 19.84 28.52
C SER D 321 17.06 19.29 27.21
N ILE D 322 16.82 20.01 26.11
CA ILE D 322 17.41 19.63 24.82
C ILE D 322 18.94 19.74 24.88
N GLY D 323 19.46 20.82 25.43
CA GLY D 323 20.91 21.01 25.59
C GLY D 323 21.57 19.84 26.31
N LEU D 324 20.97 19.46 27.44
CA LEU D 324 21.46 18.33 28.22
C LEU D 324 21.32 17.03 27.47
N GLY D 325 20.16 16.84 26.85
CA GLY D 325 19.87 15.66 26.09
C GLY D 325 20.78 15.43 24.88
N LEU D 326 21.29 16.51 24.28
CA LEU D 326 22.19 16.39 23.13
C LEU D 326 23.68 16.46 23.46
N PHE D 327 24.06 17.19 24.50
CA PHE D 327 25.46 17.57 24.74
C PHE D 327 26.03 17.04 26.05
N ALA D 328 25.19 16.63 26.99
CA ALA D 328 25.65 16.06 28.25
C ALA D 328 25.67 14.53 28.17
N ASP D 329 26.35 13.96 29.14
CA ASP D 329 26.35 12.52 29.40
C ASP D 329 25.13 12.26 30.28
N ALA D 330 24.19 11.46 29.79
CA ALA D 330 22.92 11.19 30.51
C ALA D 330 23.12 10.50 31.86
N ALA D 331 24.22 9.77 32.01
CA ALA D 331 24.61 9.19 33.30
C ALA D 331 24.91 10.25 34.36
N LYS D 332 25.24 11.47 33.94
CA LYS D 332 25.49 12.58 34.86
C LYS D 332 24.28 13.49 35.13
N VAL D 333 23.09 13.05 34.71
CA VAL D 333 21.84 13.73 35.05
C VAL D 333 21.16 12.86 36.10
N HIS D 334 20.69 13.50 37.18
CA HIS D 334 20.19 12.79 38.36
C HIS D 334 18.78 13.25 38.72
N TRP D 335 17.89 12.30 38.98
CA TRP D 335 16.58 12.60 39.55
C TRP D 335 16.73 12.66 41.06
N PHE D 336 16.56 13.85 41.63
CA PHE D 336 16.56 14.06 43.10
C PHE D 336 15.21 13.65 43.69
N ARG D 337 14.93 12.36 43.63
CA ARG D 337 13.65 11.84 44.12
C ARG D 337 13.42 12.12 45.62
N ASP D 338 14.52 12.22 46.38
CA ASP D 338 14.46 12.46 47.82
C ASP D 338 14.25 13.92 48.25
N ILE D 339 14.23 14.85 47.30
CA ILE D 339 13.91 16.24 47.61
C ILE D 339 12.42 16.46 47.36
N GLY D 340 11.63 16.52 48.43
CA GLY D 340 10.20 16.79 48.33
C GLY D 340 10.00 18.21 47.85
N TYR D 341 9.22 18.38 46.79
CA TYR D 341 9.12 19.68 46.10
C TYR D 341 7.73 19.93 45.54
N ASN D 342 7.30 21.19 45.55
CA ASN D 342 6.06 21.62 44.89
C ASN D 342 6.24 23.02 44.33
N HIS D 343 5.92 23.18 43.05
CA HIS D 343 5.63 24.46 42.43
C HIS D 343 4.26 24.19 41.81
N ILE D 344 3.28 25.06 42.07
CA ILE D 344 1.92 24.69 41.72
C ILE D 344 1.86 24.47 40.19
N PRO D 345 1.15 23.45 39.71
CA PRO D 345 0.30 22.54 40.46
C PRO D 345 0.91 21.14 40.64
N TYR D 346 2.23 21.00 40.52
CA TYR D 346 2.87 19.69 40.51
C TYR D 346 3.81 19.43 41.67
N TYR D 347 4.06 18.14 41.92
CA TYR D 347 4.77 17.68 43.11
C TYR D 347 5.78 16.61 42.76
N ASN D 348 6.87 16.58 43.52
CA ASN D 348 7.67 15.39 43.71
C ASN D 348 7.62 15.13 45.22
N CYS D 349 6.83 14.15 45.65
CA CYS D 349 6.68 13.83 47.07
C CYS D 349 7.07 12.38 47.30
N PRO D 350 8.27 12.13 47.86
CA PRO D 350 8.69 10.76 48.11
C PRO D 350 8.12 10.19 49.39
N ASN D 351 8.09 8.87 49.47
CA ASN D 351 7.65 8.15 50.66
C ASN D 351 8.84 8.02 51.58
N SER D 352 8.93 8.91 52.54
CA SER D 352 10.02 8.91 53.50
C SER D 352 9.56 9.54 54.79
N PRO D 353 10.01 9.00 55.94
CA PRO D 353 9.70 9.64 57.23
C PRO D 353 10.37 11.01 57.43
N LYS D 354 11.32 11.37 56.57
CA LYS D 354 11.89 12.73 56.60
C LYS D 354 10.98 13.80 56.01
N CYS D 355 9.85 13.39 55.41
CA CYS D 355 8.94 14.32 54.73
C CYS D 355 7.68 14.56 55.53
N SER D 356 7.08 15.73 55.34
CA SER D 356 5.73 15.99 55.83
C SER D 356 4.98 16.95 54.92
N LYS D 357 3.65 16.92 55.03
CA LYS D 357 2.73 17.84 54.33
C LYS D 357 2.62 17.68 52.82
N CYS D 358 3.06 16.56 52.25
CA CYS D 358 2.75 16.21 50.87
C CYS D 358 2.33 14.75 50.85
N THR D 359 1.49 14.39 49.89
CA THR D 359 1.01 13.03 49.72
C THR D 359 1.96 12.29 48.79
N PRO D 360 2.58 11.19 49.27
CA PRO D 360 3.53 10.50 48.40
C PRO D 360 2.96 10.00 47.07
N GLY D 361 3.70 10.23 45.99
CA GLY D 361 3.28 9.81 44.68
C GLY D 361 2.12 10.55 44.04
N GLN D 362 1.61 11.63 44.66
CA GLN D 362 0.55 12.43 44.06
CA GLN D 362 0.54 12.42 44.04
C GLN D 362 1.21 13.50 43.19
N PHE D 363 1.08 13.36 41.88
CA PHE D 363 1.80 14.21 40.93
C PHE D 363 1.22 15.64 40.85
N TYR D 364 -0.09 15.78 41.01
CA TYR D 364 -0.77 17.05 40.76
C TYR D 364 -1.82 17.33 41.83
N ALA D 365 -2.14 18.61 41.99
CA ALA D 365 -3.32 19.06 42.74
C ALA D 365 -4.15 19.90 41.78
N GLY D 366 -5.42 19.54 41.62
CA GLY D 366 -6.31 20.23 40.71
C GLY D 366 -7.17 19.22 39.97
N ALA D 367 -7.60 19.62 38.77
CA ALA D 367 -8.51 18.80 37.96
C ALA D 367 -7.75 17.62 37.37
N PRO D 368 -8.46 16.49 37.13
CA PRO D 368 -7.80 15.27 36.69
C PRO D 368 -7.14 15.33 35.33
N PHE D 369 -7.51 16.29 34.47
CA PHE D 369 -6.80 16.45 33.19
C PHE D 369 -5.30 16.83 33.34
N LEU D 370 -4.88 17.27 34.53
CA LEU D 370 -3.46 17.55 34.79
C LEU D 370 -2.57 16.30 34.84
N ALA D 371 -3.16 15.11 35.10
CA ALA D 371 -2.39 13.86 35.24
C ALA D 371 -1.53 13.56 34.03
N LYS D 372 -2.03 13.88 32.83
CA LYS D 372 -1.30 13.60 31.60
C LYS D 372 -0.07 14.49 31.30
N GLU D 373 0.19 15.48 32.16
CA GLU D 373 1.36 16.35 31.99
C GLU D 373 2.67 15.73 32.47
N ASP D 374 2.60 14.61 33.21
CA ASP D 374 3.79 13.91 33.71
C ASP D 374 4.47 13.20 32.56
N CYS D 375 5.73 13.55 32.29
CA CYS D 375 6.51 12.86 31.26
C CYS D 375 7.51 11.85 31.80
N ARG D 376 7.51 11.63 33.11
CA ARG D 376 8.46 10.67 33.69
C ARG D 376 8.38 9.25 33.12
N PRO D 377 7.17 8.76 32.74
CA PRO D 377 7.16 7.41 32.15
C PRO D 377 8.02 7.28 30.89
N SER D 378 8.06 8.32 30.04
CA SER D 378 8.97 8.34 28.90
C SER D 378 10.45 8.48 29.33
N TYR D 379 10.73 9.43 30.20
CA TYR D 379 12.12 9.67 30.65
C TYR D 379 12.70 8.41 31.31
N PHE D 380 11.92 7.80 32.21
CA PHE D 380 12.36 6.59 32.91
C PHE D 380 12.60 5.42 31.95
N LYS D 381 11.80 5.29 30.90
CA LYS D 381 11.98 4.25 29.91
C LYS D 381 13.20 4.53 29.05
N HIS D 382 13.29 5.74 28.52
CA HIS D 382 14.33 6.06 27.53
C HIS D 382 15.68 6.44 28.11
N VAL D 383 15.71 6.88 29.37
CA VAL D 383 16.95 7.36 29.97
C VAL D 383 17.19 6.64 31.29
N GLY D 384 16.26 6.71 32.25
CA GLY D 384 16.39 5.96 33.48
C GLY D 384 15.97 6.73 34.71
N MET D 385 16.08 6.05 35.85
CA MET D 385 15.63 6.56 37.16
C MET D 385 16.78 6.91 38.10
N HIS D 386 17.99 6.87 37.58
CA HIS D 386 19.20 7.16 38.34
C HIS D 386 19.30 8.64 38.75
N SER E 15 1.46 -2.62 -8.63
CA SER E 15 -0.01 -2.39 -8.77
C SER E 15 -0.32 -1.34 -9.83
N GLN E 16 0.33 -0.18 -9.73
CA GLN E 16 0.11 0.92 -10.68
C GLN E 16 1.39 1.18 -11.49
N SER E 17 1.28 1.23 -12.82
CA SER E 17 2.46 1.37 -13.68
C SER E 17 3.19 2.71 -13.49
N HIS E 18 2.44 3.75 -13.10
CA HIS E 18 3.02 5.07 -12.79
C HIS E 18 3.45 5.22 -11.31
N GLY E 19 3.44 4.11 -10.57
CA GLY E 19 3.95 4.08 -9.21
C GLY E 19 5.46 4.15 -9.13
N PRO E 20 5.99 4.15 -7.90
CA PRO E 20 7.40 4.32 -7.66
C PRO E 20 8.23 3.04 -7.92
N SER E 21 9.40 3.22 -8.52
CA SER E 21 10.41 2.18 -8.67
C SER E 21 11.33 2.21 -7.45
N PHE E 22 11.71 1.02 -7.00
CA PHE E 22 12.66 0.86 -5.91
C PHE E 22 13.78 -0.10 -6.30
N ILE E 23 14.94 0.08 -5.67
CA ILE E 23 16.15 -0.69 -5.92
C ILE E 23 16.31 -1.85 -4.92
N SER E 24 15.65 -1.76 -3.76
CA SER E 24 15.83 -2.70 -2.65
C SER E 24 14.51 -3.23 -2.13
N LYS E 25 14.61 -4.29 -1.32
CA LYS E 25 13.47 -4.89 -0.65
C LYS E 25 12.69 -3.89 0.21
N GLY E 26 11.43 -4.23 0.48
CA GLY E 26 10.55 -3.43 1.33
C GLY E 26 10.22 -2.05 0.79
N SER E 27 10.24 -1.89 -0.54
CA SER E 27 9.99 -0.61 -1.18
C SER E 27 10.88 0.49 -0.59
N LYS E 28 12.19 0.24 -0.60
CA LYS E 28 13.22 1.18 -0.16
C LYS E 28 14.19 1.50 -1.29
N GLU E 29 14.88 2.65 -1.17
CA GLU E 29 15.83 3.19 -2.18
C GLU E 29 15.10 3.55 -3.48
N TYR E 30 14.47 4.72 -3.46
CA TYR E 30 13.66 5.22 -4.56
C TYR E 30 14.48 5.39 -5.85
N ASN E 31 13.86 5.05 -6.98
CA ASN E 31 14.55 4.94 -8.26
C ASN E 31 13.74 5.59 -9.39
N GLY E 32 12.89 6.57 -9.03
CA GLY E 32 12.03 7.26 -10.00
C GLY E 32 10.76 6.49 -10.28
N MET E 33 10.10 6.84 -11.39
CA MET E 33 8.84 6.20 -11.77
C MET E 33 9.10 4.87 -12.48
N LYS E 34 8.21 3.89 -12.29
CA LYS E 34 8.34 2.60 -12.96
C LYS E 34 8.13 2.72 -14.47
N ARG E 35 6.94 3.21 -14.86
CA ARG E 35 6.59 3.41 -16.26
C ARG E 35 5.90 4.76 -16.47
N ASP E 36 6.47 5.60 -17.32
CA ASP E 36 6.01 6.97 -17.48
C ASP E 36 4.76 7.00 -18.36
N PRO E 37 3.63 7.57 -17.88
CA PRO E 37 2.43 7.72 -18.73
C PRO E 37 2.65 8.53 -20.01
N LEU E 38 3.70 9.36 -20.04
CA LEU E 38 4.10 10.07 -21.24
C LEU E 38 4.51 9.16 -22.41
N LEU E 39 4.84 7.89 -22.12
CA LEU E 39 5.08 6.88 -23.15
C LEU E 39 3.83 6.55 -23.96
N ASP E 40 2.64 6.67 -23.36
CA ASP E 40 1.39 6.40 -24.05
C ASP E 40 1.05 7.52 -25.04
N PRO E 41 0.29 7.22 -26.11
CA PRO E 41 -0.12 8.28 -27.04
C PRO E 41 -0.88 9.38 -26.32
N THR E 42 -0.35 10.60 -26.43
CA THR E 42 -0.78 11.74 -25.64
C THR E 42 -1.34 12.79 -26.58
N GLY E 43 -2.46 13.39 -26.18
CA GLY E 43 -3.13 14.42 -26.99
C GLY E 43 -3.67 15.56 -26.16
N GLU E 44 -4.63 16.28 -26.74
CA GLU E 44 -5.17 17.49 -26.13
C GLU E 44 -6.10 17.14 -24.98
N PRO E 45 -6.37 18.12 -24.08
CA PRO E 45 -7.39 17.86 -23.05
C PRO E 45 -8.77 17.67 -23.66
N GLU E 46 -9.66 17.02 -22.93
CA GLU E 46 -11.03 16.80 -23.41
C GLU E 46 -11.84 18.09 -23.43
N GLY E 47 -12.91 18.07 -24.20
CA GLY E 47 -13.91 19.14 -24.21
C GLY E 47 -13.61 20.24 -25.21
N HIS E 48 -14.42 21.27 -25.17
CA HIS E 48 -14.35 22.34 -26.17
C HIS E 48 -13.08 23.20 -26.03
N LEU E 49 -12.38 23.38 -27.15
CA LEU E 49 -11.15 24.15 -27.21
C LEU E 49 -11.26 25.25 -28.27
N TRP E 50 -10.48 26.31 -28.09
CA TRP E 50 -10.50 27.46 -28.99
C TRP E 50 -9.30 27.39 -29.93
N ARG E 51 -9.57 27.47 -31.23
CA ARG E 51 -8.57 27.32 -32.29
C ARG E 51 -8.22 28.65 -32.93
N ALA E 52 -7.00 28.74 -33.45
CA ALA E 52 -6.55 29.92 -34.18
C ALA E 52 -7.25 30.09 -35.54
N ASP E 53 -7.53 28.98 -36.22
CA ASP E 53 -8.17 28.97 -37.56
C ASP E 53 -9.43 29.83 -37.68
N ASP E 54 -10.41 29.55 -36.82
CA ASP E 54 -11.75 30.14 -36.93
C ASP E 54 -12.05 31.17 -35.85
N ASN E 55 -11.00 31.86 -35.38
CA ASN E 55 -11.15 32.97 -34.45
C ASN E 55 -10.12 34.05 -34.76
N ASP E 56 -10.43 35.28 -34.35
CA ASP E 56 -9.57 36.43 -34.64
C ASP E 56 -8.48 36.58 -33.56
N TYR E 57 -7.34 35.96 -33.82
CA TYR E 57 -6.15 36.07 -32.97
C TYR E 57 -5.07 36.93 -33.64
N ALA E 58 -5.50 37.92 -34.44
CA ALA E 58 -4.55 38.81 -35.13
C ALA E 58 -3.85 39.69 -34.09
N PRO E 59 -2.54 39.99 -34.28
CA PRO E 59 -1.76 40.83 -33.36
C PRO E 59 -2.44 42.14 -32.93
N ASN E 60 -3.06 42.83 -33.88
CA ASN E 60 -3.75 44.10 -33.62
C ASN E 60 -5.16 44.01 -34.18
N SER E 61 -6.13 43.85 -33.27
CA SER E 61 -7.53 43.63 -33.65
C SER E 61 -8.47 44.39 -32.70
N ALA E 62 -9.53 44.96 -33.27
CA ALA E 62 -10.56 45.68 -32.49
C ALA E 62 -11.39 44.75 -31.60
N HIS E 63 -11.56 43.49 -32.03
CA HIS E 63 -12.36 42.50 -31.31
C HIS E 63 -11.58 41.17 -31.20
N SER E 64 -10.44 41.21 -30.50
CA SER E 64 -9.58 40.03 -30.35
C SER E 64 -10.27 38.86 -29.63
N ALA E 65 -9.95 37.64 -30.04
CA ALA E 65 -10.43 36.42 -29.34
C ALA E 65 -9.66 36.14 -28.04
N ARG E 66 -8.59 36.89 -27.77
CA ARG E 66 -7.73 36.65 -26.61
C ARG E 66 -8.42 37.06 -25.32
N THR E 67 -8.20 36.28 -24.25
CA THR E 67 -8.62 36.71 -22.92
C THR E 67 -7.51 37.57 -22.29
N ASN E 68 -7.76 38.06 -21.08
CA ASN E 68 -6.78 38.93 -20.39
C ASN E 68 -5.67 38.11 -19.71
N ALA E 69 -4.72 37.67 -20.55
CA ALA E 69 -3.60 36.85 -20.12
C ALA E 69 -2.31 37.30 -20.80
N ALA E 70 -1.18 36.93 -20.22
CA ALA E 70 0.13 37.31 -20.75
C ALA E 70 1.21 36.28 -20.47
N LEU E 71 2.17 36.23 -21.38
CA LEU E 71 3.42 35.52 -21.15
C LEU E 71 4.31 36.45 -20.35
N ILE E 72 4.88 35.95 -19.24
CA ILE E 72 5.74 36.76 -18.37
C ILE E 72 7.09 36.11 -18.11
N SER E 73 8.10 36.93 -17.89
CA SER E 73 9.44 36.43 -17.63
C SER E 73 10.21 37.43 -16.79
N LEU E 74 10.78 36.96 -15.68
CA LEU E 74 11.73 37.72 -14.89
C LEU E 74 13.08 37.39 -15.50
N VAL E 75 13.72 38.37 -16.11
CA VAL E 75 14.88 38.10 -16.95
C VAL E 75 15.82 39.31 -16.97
N ARG E 76 17.11 39.03 -17.02
CA ARG E 76 18.16 40.06 -17.04
C ARG E 76 18.63 40.32 -18.46
N ASN E 77 19.20 41.51 -18.69
CA ASN E 77 19.78 41.87 -19.99
C ASN E 77 20.81 40.84 -20.46
N GLU E 78 21.62 40.35 -19.53
CA GLU E 78 22.70 39.40 -19.83
CA GLU E 78 22.70 39.40 -19.84
C GLU E 78 22.21 38.01 -20.25
N GLU E 79 20.92 37.72 -20.06
CA GLU E 79 20.31 36.46 -20.48
C GLU E 79 19.54 36.56 -21.81
N LEU E 80 19.80 37.61 -22.59
CA LEU E 80 19.05 37.88 -23.82
C LEU E 80 19.13 36.71 -24.80
N GLU E 81 20.34 36.20 -25.01
CA GLU E 81 20.57 35.15 -26.00
C GLU E 81 19.74 33.91 -25.71
N ASP E 82 19.79 33.45 -24.47
CA ASP E 82 18.97 32.33 -24.00
C ASP E 82 17.47 32.61 -24.10
N LEU E 83 17.05 33.82 -23.73
CA LEU E 83 15.65 34.23 -23.86
C LEU E 83 15.16 34.16 -25.31
N ILE E 84 15.99 34.63 -26.25
CA ILE E 84 15.64 34.63 -27.67
C ILE E 84 15.35 33.20 -28.15
N SER E 85 16.22 32.26 -27.80
CA SER E 85 16.03 30.86 -28.14
C SER E 85 14.72 30.29 -27.56
N THR E 86 14.42 30.65 -26.31
CA THR E 86 13.17 30.26 -25.67
C THR E 86 11.96 30.85 -26.37
N MET E 87 12.01 32.15 -26.68
CA MET E 87 10.93 32.82 -27.41
C MET E 87 10.66 32.15 -28.74
N LYS E 88 11.73 31.80 -29.48
CA LYS E 88 11.59 31.12 -30.76
C LYS E 88 10.77 29.85 -30.62
N ASP E 89 11.12 29.01 -29.64
CA ASP E 89 10.40 27.75 -29.40
C ASP E 89 8.93 27.97 -29.08
N LEU E 90 8.65 28.88 -28.15
CA LEU E 90 7.27 29.11 -27.68
C LEU E 90 6.42 29.79 -28.75
N GLU E 91 7.03 30.70 -29.51
CA GLU E 91 6.37 31.30 -30.67
C GLU E 91 6.05 30.24 -31.73
N ARG E 92 7.06 29.46 -32.12
CA ARG E 92 6.88 28.43 -33.14
C ARG E 92 5.79 27.40 -32.75
N THR E 93 5.82 26.94 -31.50
CA THR E 93 4.89 25.89 -31.06
C THR E 93 3.50 26.37 -30.72
N TRP E 94 3.36 27.65 -30.39
CA TRP E 94 2.10 28.13 -29.85
C TRP E 94 1.79 29.58 -30.17
N ASN E 95 2.61 30.53 -29.70
CA ASN E 95 2.19 31.93 -29.67
C ASN E 95 2.15 32.66 -31.04
N SER E 96 2.80 32.11 -32.06
CA SER E 96 2.66 32.68 -33.42
C SER E 96 1.22 32.58 -33.93
N LYS E 97 0.47 31.58 -33.45
CA LYS E 97 -0.95 31.45 -33.76
C LYS E 97 -1.89 32.33 -32.91
N PHE E 98 -1.56 32.53 -31.63
CA PHE E 98 -2.49 33.20 -30.73
C PHE E 98 -2.12 34.63 -30.37
N ASN E 99 -0.83 34.95 -30.44
CA ASN E 99 -0.31 36.32 -30.27
C ASN E 99 -0.71 36.98 -28.95
N TYR E 100 -0.56 36.23 -27.87
CA TYR E 100 -0.66 36.81 -26.54
C TYR E 100 0.57 37.68 -26.27
N PRO E 101 0.42 38.74 -25.48
CA PRO E 101 1.56 39.63 -25.24
C PRO E 101 2.64 39.03 -24.34
N TRP E 102 3.88 39.50 -24.53
CA TRP E 102 5.00 39.19 -23.66
C TRP E 102 5.24 40.37 -22.74
N ILE E 103 5.36 40.12 -21.44
CA ILE E 103 5.71 41.15 -20.46
C ILE E 103 6.99 40.72 -19.74
N PHE E 104 8.04 41.52 -19.89
CA PHE E 104 9.34 41.22 -19.32
C PHE E 104 9.55 42.05 -18.05
N PHE E 105 10.14 41.42 -17.03
CA PHE E 105 10.38 42.06 -15.73
C PHE E 105 11.85 41.96 -15.36
N ASN E 106 12.36 42.99 -14.70
CA ASN E 106 13.75 43.05 -14.26
C ASN E 106 13.87 44.09 -13.14
N ASP E 107 14.81 43.87 -12.22
CA ASP E 107 15.08 44.88 -11.18
C ASP E 107 15.77 46.13 -11.77
N LYS E 108 16.60 45.94 -12.80
CA LYS E 108 17.22 47.05 -13.57
C LYS E 108 16.48 47.37 -14.88
N PRO E 109 16.75 48.55 -15.49
CA PRO E 109 16.16 48.83 -16.81
C PRO E 109 16.65 47.90 -17.92
N PHE E 110 15.78 47.65 -18.90
CA PHE E 110 16.18 46.86 -20.07
C PHE E 110 16.90 47.76 -21.08
N THR E 111 17.91 47.20 -21.75
CA THR E 111 18.65 47.93 -22.79
C THR E 111 17.81 48.02 -24.06
N GLU E 112 18.15 48.98 -24.92
CA GLU E 112 17.44 49.14 -26.18
C GLU E 112 17.61 47.92 -27.08
N GLU E 113 18.79 47.28 -27.04
CA GLU E 113 18.98 46.06 -27.84
C GLU E 113 18.16 44.87 -27.31
N PHE E 114 17.94 44.79 -25.99
CA PHE E 114 17.01 43.80 -25.42
C PHE E 114 15.61 44.01 -25.99
N LYS E 115 15.15 45.25 -26.01
CA LYS E 115 13.80 45.58 -26.49
C LYS E 115 13.61 45.29 -27.97
N LYS E 116 14.63 45.55 -28.77
CA LYS E 116 14.56 45.36 -30.21
C LYS E 116 14.64 43.89 -30.58
N ARG E 117 15.56 43.16 -29.93
CA ARG E 117 15.76 41.74 -30.22
C ARG E 117 14.56 40.89 -29.79
N THR E 118 13.97 41.19 -28.62
CA THR E 118 12.78 40.47 -28.16
C THR E 118 11.57 40.73 -29.04
N GLN E 119 11.31 42.00 -29.35
CA GLN E 119 10.19 42.37 -30.21
C GLN E 119 10.33 41.78 -31.63
N ALA E 120 11.56 41.55 -32.07
CA ALA E 120 11.81 40.93 -33.38
C ALA E 120 11.33 39.47 -33.46
N GLU E 121 11.23 38.77 -32.33
CA GLU E 121 10.85 37.35 -32.31
C GLU E 121 9.34 37.08 -32.23
N THR E 122 8.53 38.12 -32.10
CA THR E 122 7.08 37.95 -31.97
C THR E 122 6.33 39.05 -32.74
N LYS E 123 5.15 38.68 -33.25
CA LYS E 123 4.19 39.63 -33.80
C LYS E 123 3.35 40.28 -32.70
N ALA E 124 3.34 39.68 -31.51
CA ALA E 124 2.58 40.20 -30.39
C ALA E 124 3.23 41.43 -29.80
N LYS E 125 2.48 42.14 -28.96
CA LYS E 125 2.99 43.29 -28.22
C LYS E 125 3.94 42.82 -27.13
N CYS E 126 5.08 43.51 -26.98
CA CYS E 126 6.01 43.28 -25.89
C CYS E 126 6.01 44.46 -24.96
N TYR E 127 6.01 44.20 -23.65
CA TYR E 127 6.12 45.24 -22.63
C TYR E 127 7.38 45.00 -21.80
N TYR E 128 7.95 46.08 -21.29
CA TYR E 128 9.24 46.05 -20.59
C TYR E 128 9.07 46.77 -19.26
N GLU E 129 9.10 46.02 -18.17
CA GLU E 129 8.70 46.54 -16.86
C GLU E 129 9.82 46.41 -15.85
N GLN E 130 9.84 47.34 -14.90
CA GLN E 130 10.83 47.33 -13.86
C GLN E 130 10.16 46.99 -12.54
N VAL E 131 10.78 46.08 -11.79
CA VAL E 131 10.27 45.72 -10.48
C VAL E 131 10.49 46.89 -9.54
N PRO E 132 9.44 47.43 -8.91
CA PRO E 132 9.69 48.54 -7.98
C PRO E 132 10.52 48.11 -6.78
N LYS E 133 11.26 49.04 -6.19
CA LYS E 133 12.20 48.68 -5.11
C LYS E 133 11.48 48.16 -3.84
N GLU E 134 10.25 48.60 -3.61
CA GLU E 134 9.44 48.05 -2.50
C GLU E 134 9.02 46.58 -2.70
N HIS E 135 9.10 46.08 -3.94
CA HIS E 135 8.90 44.65 -4.27
C HIS E 135 10.19 43.85 -4.41
N TRP E 136 11.35 44.52 -4.40
CA TRP E 136 12.63 43.86 -4.61
C TRP E 136 13.56 43.93 -3.40
N ASP E 137 13.64 45.09 -2.76
CA ASP E 137 14.49 45.27 -1.57
C ASP E 137 14.05 44.32 -0.46
N PRO E 138 15.02 43.74 0.29
CA PRO E 138 14.61 42.98 1.49
C PRO E 138 13.76 43.85 2.42
N PRO E 139 12.73 43.27 3.07
CA PRO E 139 11.93 44.11 3.98
C PRO E 139 12.71 44.60 5.20
N GLU E 140 12.20 45.66 5.82
CA GLU E 140 12.84 46.35 6.95
C GLU E 140 13.25 45.42 8.09
N TRP E 141 12.43 44.41 8.35
CA TRP E 141 12.64 43.51 9.49
C TRP E 141 13.72 42.46 9.29
N ILE E 142 14.24 42.31 8.07
CA ILE E 142 15.31 41.37 7.79
C ILE E 142 16.66 41.97 8.17
N ASN E 143 17.43 41.26 8.97
CA ASN E 143 18.73 41.73 9.43
C ASN E 143 19.80 41.20 8.46
N MET E 144 20.51 42.11 7.79
CA MET E 144 21.47 41.71 6.76
C MET E 144 22.70 40.97 7.27
N GLU E 145 23.14 41.27 8.49
CA GLU E 145 24.18 40.47 9.17
C GLU E 145 23.74 39.00 9.31
N LEU E 146 22.55 38.79 9.86
CA LEU E 146 21.98 37.44 9.99
C LEU E 146 21.88 36.74 8.64
N PHE E 147 21.52 37.50 7.61
CA PHE E 147 21.47 36.95 6.26
C PHE E 147 22.84 36.41 5.80
N ARG E 148 23.89 37.23 5.93
CA ARG E 148 25.24 36.81 5.49
C ARG E 148 25.73 35.62 6.30
N GLU E 149 25.51 35.66 7.62
CA GLU E 149 25.85 34.55 8.52
C GLU E 149 25.19 33.22 8.14
N SER E 150 23.86 33.22 7.92
CA SER E 150 23.15 32.00 7.56
C SER E 150 23.49 31.52 6.13
N ALA E 151 23.79 32.47 5.24
CA ALA E 151 24.24 32.15 3.88
C ALA E 151 25.56 31.40 3.86
N ALA E 152 26.51 31.82 4.71
CA ALA E 152 27.82 31.14 4.83
C ALA E 152 27.70 29.69 5.33
N ILE E 153 26.75 29.43 6.24
CA ILE E 153 26.46 28.08 6.74
C ILE E 153 25.90 27.18 5.60
N LEU E 154 24.92 27.71 4.86
CA LEU E 154 24.35 27.02 3.69
C LEU E 154 25.35 26.86 2.53
N THR E 155 26.28 27.81 2.37
CA THR E 155 27.36 27.70 1.37
C THR E 155 28.40 26.61 1.74
N GLU E 156 28.68 26.45 3.04
CA GLU E 156 29.54 25.33 3.51
C GLU E 156 28.91 23.95 3.24
N GLN E 157 27.58 23.85 3.38
CA GLN E 157 26.83 22.62 3.08
C GLN E 157 26.40 22.49 1.59
N LYS E 158 27.01 23.29 0.70
CA LYS E 158 26.95 23.13 -0.77
C LYS E 158 25.56 23.26 -1.39
N ILE E 159 24.82 24.27 -0.93
CA ILE E 159 23.48 24.59 -1.46
C ILE E 159 23.62 25.58 -2.62
N GLN E 160 22.89 25.33 -3.71
CA GLN E 160 22.96 26.16 -4.92
C GLN E 160 22.35 27.56 -4.69
N TYR E 161 23.07 28.57 -5.15
CA TYR E 161 22.63 29.98 -5.10
C TYR E 161 22.32 30.52 -3.68
N SER E 162 22.97 29.94 -2.65
CA SER E 162 22.81 30.40 -1.27
C SER E 162 23.43 31.79 -1.05
N ASP E 163 24.60 31.98 -1.64
CA ASP E 163 25.44 33.16 -1.38
C ASP E 163 24.93 34.51 -1.93
N LYS E 164 24.24 34.52 -3.08
CA LYS E 164 23.79 35.78 -3.68
C LYS E 164 22.45 36.24 -3.13
N LEU E 165 22.40 37.47 -2.63
CA LEU E 165 21.15 38.08 -2.17
C LEU E 165 20.07 38.05 -3.26
N SER E 166 20.46 38.36 -4.50
CA SER E 166 19.51 38.44 -5.62
C SER E 166 18.71 37.15 -5.87
N TYR E 167 19.32 35.97 -5.66
CA TYR E 167 18.58 34.70 -5.76
C TYR E 167 17.44 34.62 -4.75
N HIS E 168 17.68 35.09 -3.53
CA HIS E 168 16.66 35.16 -2.47
C HIS E 168 15.58 36.16 -2.84
N GLN E 169 16.01 37.30 -3.40
CA GLN E 169 15.07 38.33 -3.85
C GLN E 169 14.18 37.82 -4.98
N MET E 170 14.74 37.05 -5.91
CA MET E 170 13.98 36.41 -7.00
CA MET E 170 13.97 36.43 -6.99
C MET E 170 12.93 35.48 -6.42
N CYS E 171 13.35 34.61 -5.48
CA CYS E 171 12.45 33.64 -4.86
C CYS E 171 11.28 34.35 -4.16
N ARG E 172 11.59 35.40 -3.43
CA ARG E 172 10.56 36.21 -2.79
C ARG E 172 9.63 36.88 -3.80
N TRP E 173 10.18 37.41 -4.87
CA TRP E 173 9.38 38.14 -5.86
C TRP E 173 8.39 37.19 -6.57
N ASN E 174 8.89 36.05 -7.00
CA ASN E 174 8.05 34.98 -7.56
C ASN E 174 7.01 34.46 -6.57
N SER E 175 7.35 34.42 -5.28
CA SER E 175 6.44 33.91 -4.24
C SER E 175 5.29 34.85 -3.90
N GLY E 176 5.56 36.15 -3.81
CA GLY E 176 4.57 37.10 -3.30
C GLY E 176 4.37 38.44 -3.97
N MET E 177 5.16 38.76 -5.00
CA MET E 177 5.20 40.12 -5.55
C MET E 177 4.81 40.26 -7.02
N PHE E 178 5.10 39.27 -7.87
CA PHE E 178 4.80 39.37 -9.31
C PHE E 178 3.32 39.72 -9.56
N TYR E 179 2.43 39.10 -8.79
CA TYR E 179 0.99 39.31 -8.94
C TYR E 179 0.47 40.64 -8.35
N LYS E 180 1.36 41.40 -7.70
CA LYS E 180 1.05 42.75 -7.22
C LYS E 180 1.64 43.84 -8.13
N HIS E 181 2.33 43.46 -9.18
CA HIS E 181 2.95 44.44 -10.06
C HIS E 181 1.87 45.20 -10.84
N PRO E 182 1.93 46.54 -10.87
CA PRO E 182 0.92 47.36 -11.57
C PRO E 182 0.59 46.93 -13.00
N ALA E 183 1.62 46.63 -13.77
CA ALA E 183 1.51 46.08 -15.12
C ALA E 183 0.59 44.87 -15.31
N LEU E 184 0.43 44.04 -14.27
CA LEU E 184 -0.44 42.85 -14.37
C LEU E 184 -1.84 43.07 -13.81
N LYS E 185 -2.13 44.31 -13.39
CA LYS E 185 -3.37 44.66 -12.71
C LYS E 185 -4.62 44.19 -13.44
N ASN E 186 -4.65 44.37 -14.76
CA ASN E 186 -5.83 44.04 -15.57
C ASN E 186 -5.80 42.63 -16.17
N TYR E 187 -4.78 41.84 -15.83
CA TYR E 187 -4.66 40.47 -16.31
C TYR E 187 -5.16 39.50 -15.26
N LYS E 188 -5.70 38.38 -15.70
CA LYS E 188 -6.11 37.28 -14.82
C LYS E 188 -5.18 36.06 -14.89
N TYR E 189 -4.69 35.72 -16.07
CA TYR E 189 -3.85 34.53 -16.25
C TYR E 189 -2.47 34.90 -16.72
N TYR E 190 -1.49 34.09 -16.33
CA TYR E 190 -0.10 34.27 -16.75
C TYR E 190 0.49 32.94 -17.15
N TRP E 191 1.46 32.99 -18.05
CA TRP E 191 2.31 31.86 -18.37
C TRP E 191 3.71 32.37 -18.07
N ARG E 192 4.31 31.83 -17.01
CA ARG E 192 5.68 32.17 -16.65
C ARG E 192 6.65 31.39 -17.52
N VAL E 193 7.62 32.11 -18.08
CA VAL E 193 8.59 31.55 -19.01
C VAL E 193 9.98 31.94 -18.49
N GLU E 194 10.90 30.98 -18.45
CA GLU E 194 12.28 31.22 -18.04
C GLU E 194 13.20 31.26 -19.26
N PRO E 195 14.30 32.04 -19.17
CA PRO E 195 15.30 31.99 -20.24
C PRO E 195 15.97 30.61 -20.30
N LYS E 196 16.32 30.16 -21.50
CA LYS E 196 17.01 28.86 -21.68
C LYS E 196 16.13 27.67 -21.29
N VAL E 197 14.95 27.61 -21.89
CA VAL E 197 14.09 26.45 -21.80
C VAL E 197 13.68 26.10 -23.21
N GLN E 198 13.31 24.85 -23.42
CA GLN E 198 12.86 24.37 -24.73
C GLN E 198 11.40 23.98 -24.67
N PHE E 199 10.71 24.20 -25.78
CA PHE E 199 9.36 23.70 -26.02
C PHE E 199 9.42 22.83 -27.27
N PHE E 200 8.87 21.62 -27.17
CA PHE E 200 9.04 20.57 -28.19
C PHE E 200 7.80 20.24 -29.01
N CYS E 201 6.61 20.67 -28.59
CA CYS E 201 5.36 20.22 -29.20
C CYS E 201 4.51 21.37 -29.64
N ASN E 202 3.95 21.26 -30.85
CA ASN E 202 2.91 22.20 -31.28
C ASN E 202 1.69 22.04 -30.38
N VAL E 203 1.12 23.17 -30.00
CA VAL E 203 -0.09 23.20 -29.20
C VAL E 203 -1.08 24.03 -30.00
N ASP E 204 -2.24 23.43 -30.32
CA ASP E 204 -3.18 24.01 -31.28
C ASP E 204 -4.48 24.51 -30.66
N TYR E 205 -4.45 24.78 -29.36
CA TYR E 205 -5.56 25.43 -28.67
C TYR E 205 -5.06 26.56 -27.81
N ASP E 206 -5.96 27.47 -27.49
CA ASP E 206 -5.67 28.59 -26.62
C ASP E 206 -5.64 28.08 -25.18
N VAL E 207 -4.43 27.88 -24.65
CA VAL E 207 -4.27 27.37 -23.27
C VAL E 207 -4.90 28.30 -22.22
N PHE E 208 -4.86 29.61 -22.46
CA PHE E 208 -5.42 30.56 -21.51
C PHE E 208 -6.93 30.49 -21.42
N ARG E 209 -7.60 30.36 -22.57
CA ARG E 209 -9.04 30.19 -22.58
C ARG E 209 -9.45 28.78 -22.12
N PHE E 210 -8.58 27.79 -22.30
CA PHE E 210 -8.78 26.48 -21.64
C PHE E 210 -8.86 26.63 -20.10
N MET E 211 -7.91 27.39 -19.53
CA MET E 211 -7.92 27.69 -18.08
C MET E 211 -9.19 28.42 -17.67
N GLU E 212 -9.54 29.43 -18.45
CA GLU E 212 -10.73 30.24 -18.20
C GLU E 212 -12.03 29.42 -18.28
N ASP E 213 -12.18 28.66 -19.35
CA ASP E 213 -13.43 27.90 -19.58
C ASP E 213 -13.64 26.82 -18.50
N ARG E 214 -12.60 26.06 -18.22
CA ARG E 214 -12.67 25.01 -17.19
C ARG E 214 -12.58 25.57 -15.78
N ASN E 215 -12.29 26.88 -15.66
CA ASN E 215 -12.19 27.60 -14.39
C ASN E 215 -11.06 27.02 -13.51
N LEU E 216 -9.90 26.84 -14.13
CA LEU E 216 -8.74 26.25 -13.46
C LEU E 216 -7.89 27.29 -12.76
N THR E 217 -7.06 26.82 -11.84
CA THR E 217 -6.21 27.66 -11.00
C THR E 217 -4.74 27.63 -11.41
N TYR E 218 -4.24 26.47 -11.82
CA TYR E 218 -2.82 26.30 -12.04
C TYR E 218 -2.53 25.12 -12.93
N GLY E 219 -1.47 25.26 -13.71
CA GLY E 219 -0.97 24.25 -14.61
C GLY E 219 0.51 24.06 -14.52
N PHE E 220 0.96 22.80 -14.53
CA PHE E 220 2.38 22.45 -14.39
C PHE E 220 2.77 21.40 -15.41
N THR E 221 4.07 21.21 -15.61
CA THR E 221 4.62 20.13 -16.43
C THR E 221 5.46 19.12 -15.68
N ILE E 222 6.22 19.56 -14.69
CA ILE E 222 7.24 18.76 -14.01
C ILE E 222 7.01 18.89 -12.49
N ASN E 223 7.26 17.80 -11.76
CA ASN E 223 6.98 17.70 -10.33
C ASN E 223 8.19 17.04 -9.67
N LEU E 224 8.91 17.79 -8.83
CA LEU E 224 10.22 17.37 -8.31
C LEU E 224 10.32 17.36 -6.78
N PHE E 225 11.26 16.58 -6.27
CA PHE E 225 11.78 16.76 -4.91
C PHE E 225 12.69 17.98 -4.89
N ASP E 226 12.83 18.59 -3.70
CA ASP E 226 13.76 19.71 -3.49
C ASP E 226 14.85 19.26 -2.53
N ASP E 227 15.84 20.14 -2.35
CA ASP E 227 16.87 19.96 -1.35
C ASP E 227 16.27 20.39 0.01
N PRO E 228 16.08 19.44 0.93
CA PRO E 228 15.46 19.82 2.23
C PRO E 228 16.25 20.84 3.06
N LYS E 229 17.56 20.93 2.84
CA LYS E 229 18.39 21.92 3.53
C LYS E 229 18.05 23.37 3.15
N THR E 230 17.31 23.57 2.06
CA THR E 230 16.83 24.91 1.67
C THR E 230 15.57 25.36 2.40
N VAL E 231 14.83 24.41 3.00
CA VAL E 231 13.50 24.65 3.56
C VAL E 231 13.20 24.04 4.95
N PRO E 232 14.20 23.91 5.84
CA PRO E 232 13.91 23.21 7.12
C PRO E 232 12.76 23.77 7.98
N THR E 233 12.60 25.09 8.06
CA THR E 233 11.47 25.68 8.84
C THR E 233 10.24 26.05 8.02
N LEU E 234 10.24 25.79 6.72
CA LEU E 234 9.09 26.16 5.88
C LEU E 234 7.79 25.48 6.33
N TRP E 235 7.82 24.15 6.50
CA TRP E 235 6.61 23.41 6.90
C TRP E 235 6.19 23.74 8.33
N PRO E 236 7.15 23.79 9.28
CA PRO E 236 6.77 24.31 10.61
C PRO E 236 6.09 25.70 10.60
N GLU E 237 6.60 26.63 9.79
CA GLU E 237 5.98 27.96 9.69
C GLU E 237 4.61 27.88 9.00
N THR E 238 4.50 26.99 8.01
CA THR E 238 3.22 26.77 7.34
C THR E 238 2.17 26.28 8.35
N LYS E 239 2.57 25.36 9.22
CA LYS E 239 1.63 24.86 10.24
C LYS E 239 1.24 25.94 11.27
N LYS E 240 2.17 26.82 11.63
CA LYS E 240 1.87 27.96 12.49
C LYS E 240 0.80 28.86 11.84
N PHE E 241 0.97 29.12 10.54
CA PHE E 241 0.00 29.90 9.78
C PHE E 241 -1.39 29.23 9.77
N LEU E 242 -1.40 27.92 9.52
CA LEU E 242 -2.65 27.16 9.52
C LEU E 242 -3.35 27.17 10.86
N ALA E 243 -2.60 27.00 11.95
CA ALA E 243 -3.19 27.05 13.29
C ALA E 243 -3.82 28.41 13.58
N ALA E 244 -3.23 29.50 13.07
CA ALA E 244 -3.81 30.84 13.24
C ALA E 244 -5.00 31.13 12.29
N ASN E 245 -5.14 30.34 11.23
CA ASN E 245 -6.19 30.55 10.22
C ASN E 245 -6.81 29.20 9.82
N PRO E 246 -7.49 28.53 10.76
CA PRO E 246 -7.98 27.17 10.49
C PRO E 246 -9.07 27.05 9.41
N SER E 247 -9.81 28.13 9.13
CA SER E 247 -10.81 28.10 8.05
C SER E 247 -10.20 28.15 6.64
N TYR E 248 -8.89 28.44 6.53
CA TYR E 248 -8.25 28.58 5.22
C TYR E 248 -8.01 27.28 4.48
N LEU E 249 -7.89 26.17 5.20
CA LEU E 249 -7.60 24.88 4.57
C LEU E 249 -8.71 24.46 3.59
N SER E 250 -8.32 24.18 2.37
CA SER E 250 -9.25 23.73 1.32
C SER E 250 -9.88 22.37 1.65
N SER E 251 -11.14 22.18 1.26
CA SER E 251 -11.80 20.87 1.43
C SER E 251 -11.37 19.83 0.38
N ASN E 252 -10.72 20.26 -0.69
CA ASN E 252 -10.12 19.33 -1.65
C ASN E 252 -8.66 19.72 -1.79
N ASN E 253 -7.85 19.23 -0.85
CA ASN E 253 -6.48 19.69 -0.70
C ASN E 253 -5.49 18.56 -1.02
N MET E 254 -4.20 18.88 -1.01
CA MET E 254 -3.16 17.93 -1.39
C MET E 254 -2.27 17.54 -0.20
N MET E 255 -2.85 17.48 1.01
CA MET E 255 -2.08 17.20 2.24
C MET E 255 -1.26 15.90 2.15
N GLY E 256 -1.84 14.87 1.52
CA GLY E 256 -1.16 13.58 1.37
C GLY E 256 0.14 13.67 0.58
N TRP E 257 0.12 14.46 -0.50
CA TRP E 257 1.31 14.71 -1.30
C TRP E 257 2.33 15.56 -0.52
N LEU E 258 1.84 16.61 0.14
CA LEU E 258 2.71 17.54 0.86
C LEU E 258 3.43 16.88 2.05
N THR E 259 2.79 15.90 2.67
CA THR E 259 3.35 15.23 3.86
C THR E 259 3.83 13.80 3.59
N ASP E 260 3.88 13.41 2.32
CA ASP E 260 4.31 12.05 1.96
C ASP E 260 5.74 11.74 2.44
N ASP E 261 5.93 10.54 2.98
CA ASP E 261 7.26 10.02 3.32
C ASP E 261 7.50 8.59 2.79
N SER E 262 6.67 8.13 1.86
CA SER E 262 6.75 6.77 1.35
CA SER E 262 6.75 6.77 1.32
C SER E 262 7.89 6.56 0.33
N LEU E 263 8.33 7.63 -0.34
CA LEU E 263 9.37 7.50 -1.37
C LEU E 263 10.76 7.81 -0.86
N ARG E 264 10.90 8.98 -0.23
CA ARG E 264 12.19 9.45 0.27
C ARG E 264 12.01 9.97 1.71
N PRO E 265 11.84 9.03 2.67
CA PRO E 265 11.51 9.45 4.04
C PRO E 265 12.55 10.36 4.68
N ASP E 266 13.83 10.24 4.29
CA ASP E 266 14.86 11.14 4.82
C ASP E 266 14.67 12.61 4.39
N HIS E 267 14.10 12.85 3.21
CA HIS E 267 13.74 14.22 2.79
C HIS E 267 12.68 14.79 3.70
N THR E 268 11.62 14.03 3.91
CA THR E 268 10.50 14.46 4.70
C THR E 268 10.92 14.77 6.13
N GLU E 269 11.79 13.94 6.70
CA GLU E 269 12.30 14.17 8.06
CA GLU E 269 12.30 14.17 8.04
C GLU E 269 13.20 15.42 8.10
N ALA E 270 14.07 15.58 7.10
CA ALA E 270 14.97 16.74 7.05
C ALA E 270 14.23 18.08 6.85
N ALA E 271 13.09 18.03 6.15
CA ALA E 271 12.21 19.19 5.99
C ALA E 271 11.10 19.23 7.03
N ASN E 272 11.22 18.43 8.08
CA ASN E 272 10.33 18.50 9.25
C ASN E 272 8.85 18.35 8.92
N GLY E 273 8.53 17.36 8.11
CA GLY E 273 7.14 16.98 7.81
C GLY E 273 6.67 17.24 6.39
N TYR E 274 7.39 18.09 5.65
CA TYR E 274 7.10 18.37 4.23
C TYR E 274 7.94 17.46 3.34
N SER E 275 7.29 16.85 2.34
CA SER E 275 7.95 15.95 1.39
C SER E 275 9.07 16.61 0.57
N THR E 276 8.99 17.93 0.44
CA THR E 276 9.82 18.79 -0.43
C THR E 276 9.34 18.77 -1.88
N CYS E 277 8.27 18.02 -2.17
CA CYS E 277 7.79 17.93 -3.53
C CYS E 277 7.12 19.24 -3.95
N HIS E 278 7.32 19.60 -5.21
CA HIS E 278 6.84 20.87 -5.73
C HIS E 278 6.63 20.83 -7.24
N PHE E 279 5.66 21.61 -7.69
CA PHE E 279 5.54 21.92 -9.11
C PHE E 279 6.78 22.74 -9.46
N TRP E 280 7.44 22.40 -10.56
CA TRP E 280 8.69 23.05 -10.92
C TRP E 280 8.38 24.38 -11.63
N SER E 281 8.36 25.43 -10.81
CA SER E 281 7.71 26.70 -11.12
C SER E 281 8.36 27.54 -12.24
N ASN E 282 9.54 27.15 -12.72
CA ASN E 282 10.08 27.77 -13.97
C ASN E 282 9.05 27.74 -15.11
N PHE E 283 8.26 26.65 -15.18
CA PHE E 283 7.04 26.62 -15.98
C PHE E 283 5.86 26.79 -15.05
N GLU E 284 5.00 27.78 -15.31
CA GLU E 284 3.68 27.87 -14.69
C GLU E 284 2.67 28.50 -15.64
N ILE E 285 1.47 27.95 -15.66
CA ILE E 285 0.30 28.64 -16.21
C ILE E 285 -0.68 28.80 -15.05
N GLY E 286 -1.00 30.04 -14.67
CA GLY E 286 -1.76 30.26 -13.45
C GLY E 286 -2.79 31.36 -13.44
N ASP E 287 -3.67 31.26 -12.45
CA ASP E 287 -4.67 32.26 -12.16
C ASP E 287 -4.05 33.25 -11.17
N LEU E 288 -3.80 34.48 -11.63
CA LEU E 288 -3.27 35.53 -10.76
C LEU E 288 -4.17 35.82 -9.57
N ASP E 289 -5.49 35.69 -9.75
CA ASP E 289 -6.43 35.97 -8.67
C ASP E 289 -6.39 34.93 -7.53
N PHE E 290 -5.87 33.73 -7.79
CA PHE E 290 -5.61 32.78 -6.70
C PHE E 290 -4.53 33.36 -5.76
N PHE E 291 -3.41 33.74 -6.33
CA PHE E 291 -2.28 34.27 -5.55
C PHE E 291 -2.60 35.63 -4.87
N ARG E 292 -3.38 36.47 -5.55
CA ARG E 292 -3.88 37.70 -4.98
C ARG E 292 -4.91 37.48 -3.87
N GLY E 293 -5.51 36.30 -3.79
CA GLY E 293 -6.58 36.03 -2.84
C GLY E 293 -6.16 36.07 -1.38
N GLU E 294 -7.15 36.16 -0.51
CA GLU E 294 -6.94 36.31 0.92
C GLU E 294 -6.00 35.24 1.49
N GLN E 295 -6.26 33.98 1.13
CA GLN E 295 -5.57 32.84 1.72
C GLN E 295 -4.11 32.79 1.34
N TYR E 296 -3.84 32.74 0.03
CA TYR E 296 -2.48 32.64 -0.43
C TYR E 296 -1.64 33.85 -0.02
N ASP E 297 -2.19 35.05 -0.22
CA ASP E 297 -1.44 36.26 0.08
C ASP E 297 -1.17 36.42 1.58
N ALA E 298 -2.13 36.04 2.42
CA ALA E 298 -1.86 35.98 3.87
C ALA E 298 -0.74 34.98 4.21
N TYR E 299 -0.76 33.80 3.57
CA TYR E 299 0.31 32.82 3.68
C TYR E 299 1.66 33.42 3.32
N PHE E 300 1.72 34.07 2.15
CA PHE E 300 2.97 34.71 1.75
C PHE E 300 3.49 35.70 2.79
N ASN E 301 2.60 36.58 3.27
CA ASN E 301 2.99 37.61 4.23
C ASN E 301 3.51 37.01 5.54
N HIS E 302 2.88 35.93 5.97
CA HIS E 302 3.37 35.17 7.10
C HIS E 302 4.81 34.66 6.86
N LEU E 303 5.03 34.01 5.72
CA LEU E 303 6.38 33.53 5.39
C LEU E 303 7.39 34.68 5.29
N ASP E 304 6.93 35.81 4.76
CA ASP E 304 7.75 37.04 4.63
C ASP E 304 8.25 37.53 6.00
N ARG E 305 7.34 37.54 6.99
CA ARG E 305 7.67 37.94 8.36
C ARG E 305 8.51 36.89 9.09
N ALA E 306 8.39 35.62 8.70
CA ALA E 306 9.16 34.53 9.31
C ALA E 306 10.65 34.58 8.97
N GLY E 307 11.00 35.11 7.80
CA GLY E 307 12.40 35.38 7.43
C GLY E 307 13.10 34.34 6.56
N GLY E 308 12.44 33.20 6.33
CA GLY E 308 13.09 32.10 5.64
C GLY E 308 13.44 32.32 4.16
N PHE E 309 12.82 33.29 3.51
CA PHE E 309 13.29 33.68 2.16
C PHE E 309 14.75 34.15 2.20
N PHE E 310 15.18 34.72 3.32
CA PHE E 310 16.55 35.25 3.47
C PHE E 310 17.45 34.42 4.39
N TYR E 311 16.91 33.99 5.53
CA TYR E 311 17.69 33.22 6.51
C TYR E 311 17.79 31.73 6.18
N GLU E 312 16.90 31.24 5.33
CA GLU E 312 17.03 29.93 4.70
C GLU E 312 17.03 30.20 3.19
N ARG E 313 16.64 29.25 2.36
CA ARG E 313 16.63 29.49 0.91
C ARG E 313 15.33 29.00 0.30
N TRP E 314 14.22 29.49 0.84
CA TRP E 314 12.91 29.06 0.42
C TRP E 314 12.69 29.48 -1.04
N GLY E 315 12.50 28.50 -1.92
CA GLY E 315 12.22 28.75 -3.32
C GLY E 315 10.75 29.08 -3.50
N ASP E 316 10.45 29.81 -4.58
CA ASP E 316 9.06 30.02 -4.98
C ASP E 316 8.30 28.73 -5.35
N ALA E 317 9.00 27.72 -5.83
CA ALA E 317 8.34 26.47 -6.20
C ALA E 317 7.69 25.77 -4.98
N PRO E 318 8.46 25.50 -3.90
CA PRO E 318 7.80 24.92 -2.70
C PRO E 318 6.70 25.80 -2.09
N VAL E 319 6.91 27.12 -2.08
CA VAL E 319 5.94 28.05 -1.53
C VAL E 319 4.64 28.07 -2.36
N HIS E 320 4.74 28.16 -3.68
CA HIS E 320 3.54 28.04 -4.53
C HIS E 320 2.86 26.69 -4.33
N SER E 321 3.66 25.64 -4.28
CA SER E 321 3.12 24.27 -4.23
C SER E 321 2.35 24.02 -2.94
N ILE E 322 2.92 24.47 -1.82
CA ILE E 322 2.26 24.39 -0.51
C ILE E 322 1.00 25.24 -0.51
N GLY E 323 1.11 26.48 -1.01
CA GLY E 323 -0.06 27.34 -1.12
C GLY E 323 -1.22 26.73 -1.90
N LEU E 324 -0.90 26.20 -3.08
CA LEU E 324 -1.89 25.48 -3.90
C LEU E 324 -2.42 24.23 -3.22
N GLY E 325 -1.50 23.46 -2.63
CA GLY E 325 -1.83 22.23 -1.92
C GLY E 325 -2.70 22.42 -0.69
N LEU E 326 -2.65 23.61 -0.07
CA LEU E 326 -3.48 23.89 1.10
C LEU E 326 -4.72 24.73 0.80
N PHE E 327 -4.65 25.65 -0.17
CA PHE E 327 -5.70 26.66 -0.33
C PHE E 327 -6.47 26.60 -1.65
N ALA E 328 -5.96 25.89 -2.65
CA ALA E 328 -6.67 25.70 -3.92
C ALA E 328 -7.54 24.45 -3.85
N ASP E 329 -8.45 24.37 -4.82
CA ASP E 329 -9.19 23.14 -5.09
C ASP E 329 -8.29 22.28 -5.97
N ALA E 330 -7.89 21.11 -5.49
CA ALA E 330 -7.00 20.21 -6.24
C ALA E 330 -7.53 19.81 -7.63
N ALA E 331 -8.86 19.77 -7.80
CA ALA E 331 -9.49 19.53 -9.10
C ALA E 331 -9.19 20.62 -10.14
N LYS E 332 -8.81 21.81 -9.66
CA LYS E 332 -8.52 22.95 -10.53
C LYS E 332 -7.03 23.11 -10.85
N VAL E 333 -6.23 22.11 -10.50
CA VAL E 333 -4.82 22.06 -10.84
C VAL E 333 -4.66 20.99 -11.89
N HIS E 334 -3.94 21.34 -12.96
CA HIS E 334 -3.89 20.54 -14.18
C HIS E 334 -2.46 20.24 -14.60
N TRP E 335 -2.20 18.96 -14.91
CA TRP E 335 -0.94 18.53 -15.49
C TRP E 335 -1.01 18.73 -17.01
N PHE E 336 -0.24 19.70 -17.52
CA PHE E 336 -0.13 19.97 -18.97
C PHE E 336 0.82 18.98 -19.63
N ARG E 337 0.39 17.72 -19.66
CA ARG E 337 1.21 16.63 -20.18
C ARG E 337 1.52 16.81 -21.68
N ASP E 338 0.61 17.48 -22.40
CA ASP E 338 0.78 17.76 -23.83
C ASP E 338 1.73 18.90 -24.20
N ILE E 339 2.24 19.65 -23.22
CA ILE E 339 3.24 20.67 -23.49
C ILE E 339 4.63 20.09 -23.28
N GLY E 340 5.32 19.80 -24.37
CA GLY E 340 6.69 19.29 -24.31
C GLY E 340 7.61 20.37 -23.78
N TYR E 341 8.41 20.04 -22.76
CA TYR E 341 9.15 21.05 -22.00
C TYR E 341 10.48 20.53 -21.46
N ASN E 342 11.49 21.40 -21.48
CA ASN E 342 12.77 21.11 -20.85
C ASN E 342 13.34 22.39 -20.22
N HIS E 343 13.75 22.27 -18.96
CA HIS E 343 14.65 23.20 -18.31
C HIS E 343 15.71 22.25 -17.74
N ILE E 344 16.99 22.51 -17.98
CA ILE E 344 17.99 21.48 -17.68
C ILE E 344 17.92 21.17 -16.16
N PRO E 345 17.99 19.90 -15.74
CA PRO E 345 18.21 18.71 -16.57
C PRO E 345 16.95 17.84 -16.79
N TYR E 346 15.75 18.40 -16.59
CA TYR E 346 14.52 17.59 -16.56
C TYR E 346 13.58 17.90 -17.72
N TYR E 347 12.68 16.95 -18.00
CA TYR E 347 11.81 16.99 -19.18
C TYR E 347 10.39 16.58 -18.86
N ASN E 348 9.45 17.19 -19.58
CA ASN E 348 8.13 16.62 -19.81
C ASN E 348 8.01 16.42 -21.34
N CYS E 349 8.16 15.18 -21.80
CA CYS E 349 8.14 14.87 -23.24
C CYS E 349 7.05 13.84 -23.56
N PRO E 350 5.91 14.30 -24.09
CA PRO E 350 4.85 13.33 -24.42
C PRO E 350 5.08 12.58 -25.73
N ASN E 351 4.53 11.37 -25.81
CA ASN E 351 4.48 10.61 -27.04
C ASN E 351 3.34 11.17 -27.90
N SER E 352 3.71 12.02 -28.86
CA SER E 352 2.75 12.69 -29.72
C SER E 352 3.36 13.03 -31.07
N PRO E 353 2.58 12.92 -32.16
CA PRO E 353 3.10 13.31 -33.47
C PRO E 353 3.37 14.82 -33.57
N LYS E 354 2.79 15.63 -32.68
CA LYS E 354 3.06 17.06 -32.61
C LYS E 354 4.43 17.44 -32.03
N CYS E 355 5.18 16.47 -31.48
CA CYS E 355 6.47 16.74 -30.84
C CYS E 355 7.66 16.25 -31.65
N SER E 356 8.79 16.92 -31.46
CA SER E 356 10.08 16.42 -31.94
C SER E 356 11.23 16.89 -31.05
N LYS E 357 12.37 16.23 -31.21
CA LYS E 357 13.64 16.55 -30.52
C LYS E 357 13.71 16.19 -29.03
N CYS E 358 12.73 15.44 -28.51
CA CYS E 358 12.83 14.86 -27.16
C CYS E 358 12.39 13.41 -27.18
N THR E 359 12.93 12.63 -26.26
CA THR E 359 12.59 11.22 -26.13
C THR E 359 11.38 11.08 -25.22
N PRO E 360 10.25 10.53 -25.73
CA PRO E 360 9.10 10.46 -24.84
C PRO E 360 9.37 9.66 -23.57
N GLY E 361 8.94 10.19 -22.42
CA GLY E 361 9.11 9.52 -21.14
C GLY E 361 10.49 9.57 -20.48
N GLN E 362 11.49 10.17 -21.12
CA GLN E 362 12.81 10.35 -20.50
CA GLN E 362 12.80 10.35 -20.48
C GLN E 362 12.73 11.58 -19.58
N PHE E 363 12.77 11.33 -18.27
CA PHE E 363 12.61 12.37 -17.26
C PHE E 363 13.84 13.28 -17.13
N TYR E 364 15.04 12.72 -17.29
CA TYR E 364 16.29 13.44 -17.00
C TYR E 364 17.34 13.23 -18.08
N ALA E 365 18.27 14.18 -18.17
CA ALA E 365 19.50 14.05 -18.97
C ALA E 365 20.67 14.30 -18.03
N GLY E 366 21.54 13.29 -17.90
CA GLY E 366 22.71 13.38 -17.04
C GLY E 366 22.87 12.10 -16.26
N ALA E 367 23.46 12.23 -15.07
CA ALA E 367 23.83 11.08 -14.25
C ALA E 367 22.61 10.29 -13.77
N PRO E 368 22.77 8.96 -13.54
CA PRO E 368 21.61 8.13 -13.17
C PRO E 368 20.93 8.49 -11.85
N PHE E 369 21.67 9.11 -10.91
CA PHE E 369 21.07 9.53 -9.64
C PHE E 369 19.94 10.59 -9.80
N LEU E 370 19.89 11.29 -10.93
CA LEU E 370 18.80 12.25 -11.19
C LEU E 370 17.40 11.62 -11.25
N ALA E 371 17.30 10.32 -11.54
CA ALA E 371 16.01 9.62 -11.61
C ALA E 371 15.18 9.76 -10.34
N LYS E 372 15.85 9.81 -9.19
CA LYS E 372 15.13 9.87 -7.91
C LYS E 372 14.50 11.24 -7.57
N GLU E 373 14.73 12.25 -8.40
CA GLU E 373 14.15 13.58 -8.19
C GLU E 373 12.73 13.76 -8.74
N ASP E 374 12.22 12.77 -9.46
CA ASP E 374 10.83 12.81 -9.95
C ASP E 374 9.87 12.53 -8.81
N CYS E 375 8.97 13.45 -8.52
CA CYS E 375 7.94 13.25 -7.48
C CYS E 375 6.56 12.89 -8.02
N ARG E 376 6.42 12.76 -9.34
CA ARG E 376 5.12 12.39 -9.92
C ARG E 376 4.51 11.08 -9.41
N PRO E 377 5.32 10.05 -9.12
CA PRO E 377 4.69 8.87 -8.52
C PRO E 377 3.88 9.19 -7.24
N SER E 378 4.35 10.12 -6.40
CA SER E 378 3.58 10.56 -5.23
C SER E 378 2.39 11.45 -5.62
N TYR E 379 2.64 12.44 -6.48
CA TYR E 379 1.58 13.35 -6.91
C TYR E 379 0.41 12.60 -7.57
N PHE E 380 0.73 11.69 -8.48
CA PHE E 380 -0.31 10.95 -9.19
C PHE E 380 -1.10 10.01 -8.26
N LYS E 381 -0.48 9.50 -7.22
CA LYS E 381 -1.18 8.68 -6.20
C LYS E 381 -2.11 9.53 -5.33
N HIS E 382 -1.57 10.61 -4.77
CA HIS E 382 -2.30 11.40 -3.76
C HIS E 382 -3.25 12.43 -4.34
N VAL E 383 -2.98 12.90 -5.56
CA VAL E 383 -3.76 13.98 -6.15
C VAL E 383 -4.38 13.52 -7.47
N GLY E 384 -3.56 13.07 -8.41
CA GLY E 384 -4.07 12.50 -9.66
C GLY E 384 -3.35 12.99 -10.89
N MET E 385 -3.82 12.55 -12.04
CA MET E 385 -3.17 12.78 -13.34
C MET E 385 -3.97 13.74 -14.23
N HIS E 386 -4.98 14.38 -13.64
CA HIS E 386 -5.92 15.26 -14.34
C HIS E 386 -5.29 16.62 -14.66
N SER F 15 -25.79 16.47 11.91
CA SER F 15 -24.45 16.99 11.49
C SER F 15 -24.56 17.98 10.34
N GLN F 16 -25.26 17.58 9.27
CA GLN F 16 -25.40 18.43 8.09
C GLN F 16 -26.77 19.08 8.02
N SER F 17 -26.76 20.39 7.79
CA SER F 17 -27.97 21.20 7.69
C SER F 17 -28.94 20.71 6.60
N HIS F 18 -28.38 20.30 5.47
CA HIS F 18 -29.13 19.75 4.32
C HIS F 18 -29.39 18.23 4.45
N GLY F 19 -29.18 17.68 5.64
CA GLY F 19 -29.45 16.28 5.91
C GLY F 19 -30.93 15.99 6.02
N PRO F 20 -31.26 14.71 6.22
CA PRO F 20 -32.65 14.33 6.28
C PRO F 20 -33.34 14.71 7.60
N SER F 21 -34.60 15.10 7.51
CA SER F 21 -35.45 15.36 8.66
C SER F 21 -36.26 14.09 8.96
N PHE F 22 -36.46 13.80 10.25
CA PHE F 22 -37.33 12.71 10.70
C PHE F 22 -38.28 13.24 11.76
N ILE F 23 -39.48 12.68 11.88
CA ILE F 23 -40.41 13.05 12.96
C ILE F 23 -40.81 11.84 13.81
N SER F 24 -41.66 12.04 14.82
CA SER F 24 -42.39 10.94 15.48
C SER F 24 -43.68 11.37 16.20
N LYS F 25 -44.82 11.09 15.57
CA LYS F 25 -46.15 11.16 16.22
C LYS F 25 -46.56 9.84 16.92
N GLY F 26 -45.59 8.98 17.25
CA GLY F 26 -45.86 7.61 17.71
C GLY F 26 -44.72 6.69 17.31
N SER F 27 -44.50 6.58 16.00
CA SER F 27 -43.34 5.89 15.41
C SER F 27 -42.65 6.81 14.40
N LYS F 28 -41.31 6.78 14.40
CA LYS F 28 -40.49 7.71 13.60
C LYS F 28 -40.60 7.46 12.07
N GLU F 29 -40.47 8.53 11.27
CA GLU F 29 -40.62 8.47 9.79
C GLU F 29 -39.89 9.63 9.06
N TYR F 30 -39.52 9.43 7.79
CA TYR F 30 -38.78 10.44 6.99
C TYR F 30 -39.66 11.66 6.66
N ASN F 31 -39.05 12.84 6.64
CA ASN F 31 -39.80 14.11 6.59
C ASN F 31 -39.19 15.15 5.64
N GLY F 32 -38.42 14.71 4.65
CA GLY F 32 -37.78 15.61 3.71
C GLY F 32 -36.48 16.18 4.27
N MET F 33 -36.08 17.33 3.77
CA MET F 33 -34.82 17.98 4.18
C MET F 33 -35.01 18.82 5.44
N LYS F 34 -33.96 18.88 6.27
CA LYS F 34 -34.00 19.69 7.48
C LYS F 34 -34.01 21.18 7.14
N ARG F 35 -32.93 21.62 6.48
CA ARG F 35 -32.77 23.01 6.06
C ARG F 35 -32.35 23.04 4.60
N ASP F 36 -33.18 23.69 3.79
CA ASP F 36 -32.93 23.75 2.36
C ASP F 36 -31.82 24.75 2.04
N PRO F 37 -30.74 24.33 1.34
CA PRO F 37 -29.71 25.29 0.93
C PRO F 37 -30.24 26.41 0.04
N LEU F 38 -31.40 26.20 -0.58
CA LEU F 38 -32.09 27.27 -1.31
C LEU F 38 -32.46 28.50 -0.46
N LEU F 39 -32.57 28.34 0.85
CA LEU F 39 -32.80 29.47 1.76
C LEU F 39 -31.62 30.46 1.83
N ASP F 40 -30.40 29.98 1.58
CA ASP F 40 -29.22 30.85 1.60
C ASP F 40 -29.23 31.74 0.35
N PRO F 41 -28.64 32.95 0.44
CA PRO F 41 -28.56 33.79 -0.76
C PRO F 41 -27.88 33.02 -1.89
N THR F 42 -28.55 32.94 -3.03
CA THR F 42 -28.14 32.07 -4.12
C THR F 42 -27.78 32.95 -5.31
N GLY F 43 -26.69 32.62 -5.97
CA GLY F 43 -26.26 33.37 -7.13
C GLY F 43 -25.86 32.49 -8.28
N GLU F 44 -25.06 33.06 -9.16
CA GLU F 44 -24.60 32.40 -10.38
C GLU F 44 -23.47 31.46 -10.03
N PRO F 45 -23.23 30.46 -10.90
CA PRO F 45 -22.05 29.62 -10.68
C PRO F 45 -20.77 30.44 -10.82
N GLU F 46 -19.71 29.97 -10.17
CA GLU F 46 -18.42 30.64 -10.21
C GLU F 46 -17.76 30.53 -11.58
N GLY F 47 -16.82 31.43 -11.86
CA GLY F 47 -16.02 31.39 -13.07
C GLY F 47 -16.58 32.24 -14.21
N HIS F 48 -15.91 32.18 -15.35
CA HIS F 48 -16.27 33.02 -16.49
C HIS F 48 -17.60 32.60 -17.10
N LEU F 49 -18.47 33.59 -17.33
CA LEU F 49 -19.79 33.38 -17.90
C LEU F 49 -19.98 34.30 -19.11
N TRP F 50 -20.87 33.91 -20.02
CA TRP F 50 -21.14 34.66 -21.25
C TRP F 50 -22.44 35.41 -21.09
N ARG F 51 -22.39 36.72 -21.38
CA ARG F 51 -23.51 37.65 -21.17
C ARG F 51 -24.13 38.09 -22.50
N ALA F 52 -25.43 38.36 -22.47
CA ALA F 52 -26.15 38.79 -23.68
C ALA F 52 -25.74 40.20 -24.14
N ASP F 53 -25.48 41.08 -23.17
CA ASP F 53 -25.25 42.51 -23.46
C ASP F 53 -23.95 42.84 -24.19
N ASP F 54 -22.90 42.01 -24.08
CA ASP F 54 -21.63 42.27 -24.80
C ASP F 54 -21.20 41.17 -25.79
N ASN F 55 -22.16 40.37 -26.26
CA ASN F 55 -21.93 39.40 -27.33
C ASN F 55 -23.13 39.45 -28.28
N ASP F 56 -22.93 38.98 -29.50
CA ASP F 56 -23.99 38.98 -30.51
C ASP F 56 -24.93 37.76 -30.37
N TYR F 57 -26.01 37.95 -29.64
CA TYR F 57 -27.07 36.94 -29.48
C TYR F 57 -28.34 37.32 -30.26
N ALA F 58 -28.18 38.11 -31.32
CA ALA F 58 -29.32 38.55 -32.13
C ALA F 58 -29.96 37.32 -32.78
N PRO F 59 -31.31 37.31 -32.90
CA PRO F 59 -32.05 36.18 -33.49
C PRO F 59 -31.52 35.67 -34.84
N ASN F 60 -31.13 36.61 -35.70
CA ASN F 60 -30.51 36.31 -36.99
C ASN F 60 -29.12 36.91 -36.92
N SER F 61 -28.11 36.14 -37.30
CA SER F 61 -26.73 36.62 -37.24
C SER F 61 -25.79 35.78 -38.11
N ALA F 62 -24.88 36.46 -38.80
CA ALA F 62 -23.83 35.81 -39.58
C ALA F 62 -22.79 35.13 -38.68
N HIS F 63 -22.50 35.76 -37.53
CA HIS F 63 -21.48 35.28 -36.59
C HIS F 63 -22.07 35.26 -35.17
N SER F 64 -23.03 34.36 -34.95
CA SER F 64 -23.76 34.28 -33.67
C SER F 64 -22.83 33.84 -32.53
N ALA F 65 -23.10 34.33 -31.32
CA ALA F 65 -22.40 33.87 -30.12
C ALA F 65 -22.96 32.55 -29.55
N ARG F 66 -24.09 32.07 -30.09
CA ARG F 66 -24.70 30.82 -29.62
C ARG F 66 -23.83 29.61 -29.95
N THR F 67 -23.79 28.64 -29.05
CA THR F 67 -23.20 27.33 -29.40
C THR F 67 -24.29 26.45 -30.05
N ASN F 68 -23.92 25.23 -30.45
CA ASN F 68 -24.87 24.33 -31.11
C ASN F 68 -25.77 23.62 -30.09
N ALA F 69 -26.78 24.35 -29.64
CA ALA F 69 -27.74 23.89 -28.66
C ALA F 69 -29.15 24.33 -29.01
N ALA F 70 -30.14 23.65 -28.42
CA ALA F 70 -31.54 23.96 -28.66
C ALA F 70 -32.39 23.67 -27.45
N LEU F 71 -33.47 24.42 -27.32
CA LEU F 71 -34.55 24.10 -26.40
C LEU F 71 -35.42 23.07 -27.13
N ILE F 72 -35.79 21.99 -26.43
CA ILE F 72 -36.60 20.93 -27.04
C ILE F 72 -37.81 20.59 -26.20
N SER F 73 -38.88 20.16 -26.87
CA SER F 73 -40.07 19.71 -26.17
C SER F 73 -40.79 18.62 -26.97
N LEU F 74 -41.15 17.53 -26.29
CA LEU F 74 -42.05 16.52 -26.83
C LEU F 74 -43.44 16.94 -26.38
N VAL F 75 -44.28 17.32 -27.33
CA VAL F 75 -45.50 18.03 -26.99
C VAL F 75 -46.58 17.79 -28.05
N ARG F 76 -47.82 17.67 -27.60
CA ARG F 76 -48.97 17.47 -28.49
C ARG F 76 -49.66 18.80 -28.80
N ASN F 77 -50.38 18.83 -29.93
CA ASN F 77 -51.19 19.99 -30.31
C ASN F 77 -52.14 20.38 -29.20
N GLU F 78 -52.72 19.36 -28.57
CA GLU F 78 -53.67 19.58 -27.48
CA GLU F 78 -53.62 19.48 -27.40
C GLU F 78 -53.11 20.39 -26.29
N GLU F 79 -51.80 20.36 -26.08
CA GLU F 79 -51.14 21.05 -24.96
C GLU F 79 -50.63 22.46 -25.30
N LEU F 80 -51.03 23.01 -26.45
CA LEU F 80 -50.55 24.30 -26.93
C LEU F 80 -50.62 25.42 -25.89
N GLU F 81 -51.74 25.52 -25.18
CA GLU F 81 -51.98 26.62 -24.25
C GLU F 81 -51.04 26.55 -23.03
N ASP F 82 -50.94 25.36 -22.45
CA ASP F 82 -49.97 25.11 -21.38
C ASP F 82 -48.53 25.37 -21.83
N LEU F 83 -48.20 24.97 -23.05
CA LEU F 83 -46.88 25.21 -23.64
C LEU F 83 -46.56 26.69 -23.77
N ILE F 84 -47.53 27.47 -24.26
CA ILE F 84 -47.38 28.93 -24.44
C ILE F 84 -46.98 29.59 -23.12
N SER F 85 -47.70 29.23 -22.06
CA SER F 85 -47.42 29.72 -20.72
C SER F 85 -45.96 29.43 -20.31
N THR F 86 -45.55 28.18 -20.48
CA THR F 86 -44.16 27.77 -20.27
C THR F 86 -43.19 28.59 -21.10
N MET F 87 -43.45 28.70 -22.41
CA MET F 87 -42.60 29.50 -23.30
C MET F 87 -42.48 30.96 -22.84
N LYS F 88 -43.58 31.55 -22.39
CA LYS F 88 -43.58 32.94 -21.87
C LYS F 88 -42.58 33.11 -20.72
N ASP F 89 -42.65 32.21 -19.75
CA ASP F 89 -41.73 32.21 -18.60
C ASP F 89 -40.27 32.03 -19.00
N LEU F 90 -39.98 31.03 -19.82
CA LEU F 90 -38.60 30.75 -20.23
C LEU F 90 -38.01 31.87 -21.09
N GLU F 91 -38.85 32.45 -21.94
CA GLU F 91 -38.44 33.62 -22.75
C GLU F 91 -38.18 34.85 -21.88
N ARG F 92 -39.12 35.17 -21.00
CA ARG F 92 -38.98 36.32 -20.09
C ARG F 92 -37.71 36.20 -19.23
N THR F 93 -37.53 35.04 -18.61
CA THR F 93 -36.40 34.83 -17.70
C THR F 93 -35.04 34.66 -18.36
N TRP F 94 -35.00 34.19 -19.61
CA TRP F 94 -33.75 33.77 -20.21
C TRP F 94 -33.63 33.95 -21.70
N ASN F 95 -34.48 33.25 -22.47
CA ASN F 95 -34.22 33.12 -23.91
C ASN F 95 -34.46 34.38 -24.76
N SER F 96 -35.25 35.34 -24.25
CA SER F 96 -35.39 36.65 -24.93
C SER F 96 -34.04 37.36 -25.07
N LYS F 97 -33.09 37.05 -24.17
CA LYS F 97 -31.74 37.59 -24.25
C LYS F 97 -30.80 36.77 -25.15
N PHE F 98 -30.93 35.45 -25.17
CA PHE F 98 -29.98 34.60 -25.89
C PHE F 98 -30.48 34.01 -27.22
N ASN F 99 -31.81 33.90 -27.37
CA ASN F 99 -32.45 33.50 -28.64
C ASN F 99 -31.98 32.16 -29.21
N TYR F 100 -31.85 31.16 -28.32
CA TYR F 100 -31.61 29.80 -28.77
C TYR F 100 -32.89 29.26 -29.44
N PRO F 101 -32.73 28.40 -30.46
CA PRO F 101 -33.91 27.85 -31.14
C PRO F 101 -34.75 26.89 -30.31
N TRP F 102 -36.04 26.86 -30.62
CA TRP F 102 -36.96 25.87 -30.09
C TRP F 102 -37.17 24.77 -31.14
N ILE F 103 -37.09 23.51 -30.71
CA ILE F 103 -37.41 22.37 -31.56
C ILE F 103 -38.47 21.55 -30.86
N PHE F 104 -39.65 21.48 -31.48
CA PHE F 104 -40.79 20.75 -30.97
C PHE F 104 -40.87 19.40 -31.67
N PHE F 105 -41.25 18.39 -30.90
CA PHE F 105 -41.34 17.01 -31.39
C PHE F 105 -42.71 16.46 -31.05
N ASN F 106 -43.24 15.63 -31.94
CA ASN F 106 -44.55 15.00 -31.75
C ASN F 106 -44.64 13.77 -32.66
N ASP F 107 -45.37 12.75 -32.24
CA ASP F 107 -45.61 11.59 -33.12
C ASP F 107 -46.58 11.96 -34.27
N LYS F 108 -47.52 12.88 -34.01
CA LYS F 108 -48.44 13.40 -35.03
C LYS F 108 -47.87 14.70 -35.64
N PRO F 109 -48.38 15.10 -36.84
CA PRO F 109 -48.01 16.43 -37.36
C PRO F 109 -48.54 17.57 -36.49
N PHE F 110 -47.79 18.67 -36.42
CA PHE F 110 -48.27 19.87 -35.73
C PHE F 110 -49.22 20.64 -36.64
N THR F 111 -50.28 21.19 -36.05
CA THR F 111 -51.24 22.03 -36.77
C THR F 111 -50.63 23.40 -37.08
N GLU F 112 -51.22 24.14 -38.02
CA GLU F 112 -50.72 25.47 -38.36
C GLU F 112 -50.93 26.47 -37.20
N GLU F 113 -51.99 26.29 -36.43
CA GLU F 113 -52.23 27.08 -35.23
C GLU F 113 -51.09 26.92 -34.21
N PHE F 114 -50.76 25.66 -33.90
CA PHE F 114 -49.62 25.34 -33.01
C PHE F 114 -48.38 26.12 -33.44
N LYS F 115 -48.06 26.07 -34.72
CA LYS F 115 -46.86 26.72 -35.26
C LYS F 115 -46.90 28.24 -35.15
N LYS F 116 -48.08 28.82 -35.41
CA LYS F 116 -48.27 30.26 -35.36
C LYS F 116 -48.17 30.80 -33.93
N ARG F 117 -48.86 30.14 -33.01
CA ARG F 117 -48.93 30.62 -31.64
C ARG F 117 -47.64 30.37 -30.85
N THR F 118 -46.92 29.27 -31.12
CA THR F 118 -45.60 29.04 -30.51
C THR F 118 -44.59 30.05 -31.03
N GLN F 119 -44.53 30.23 -32.35
CA GLN F 119 -43.60 31.18 -32.96
C GLN F 119 -43.87 32.63 -32.52
N ALA F 120 -45.11 32.93 -32.16
CA ALA F 120 -45.48 34.25 -31.63
C ALA F 120 -44.91 34.56 -30.24
N GLU F 121 -44.45 33.54 -29.50
CA GLU F 121 -43.89 33.77 -28.16
C GLU F 121 -42.37 33.98 -28.11
N THR F 122 -41.69 33.91 -29.26
CA THR F 122 -40.23 34.01 -29.29
C THR F 122 -39.74 34.71 -30.55
N LYS F 123 -38.58 35.34 -30.45
CA LYS F 123 -37.89 35.91 -31.62
C LYS F 123 -36.93 34.90 -32.23
N ALA F 124 -36.66 33.80 -31.51
CA ALA F 124 -35.76 32.76 -32.00
C ALA F 124 -36.45 31.92 -33.07
N LYS F 125 -35.65 31.20 -33.82
CA LYS F 125 -36.16 30.29 -34.85
C LYS F 125 -36.83 29.07 -34.18
N CYS F 126 -38.00 28.69 -34.68
CA CYS F 126 -38.75 27.54 -34.18
C CYS F 126 -38.74 26.47 -35.25
N TYR F 127 -38.66 25.20 -34.82
CA TYR F 127 -38.70 24.04 -35.72
C TYR F 127 -39.73 23.04 -35.23
N TYR F 128 -40.32 22.32 -36.18
CA TYR F 128 -41.47 21.47 -35.94
C TYR F 128 -41.17 20.11 -36.56
N GLU F 129 -40.99 19.10 -35.71
CA GLU F 129 -40.43 17.83 -36.14
C GLU F 129 -41.35 16.71 -35.78
N GLN F 130 -41.37 15.68 -36.61
CA GLN F 130 -42.17 14.50 -36.35
C GLN F 130 -41.25 13.36 -35.95
N VAL F 131 -41.65 12.64 -34.91
CA VAL F 131 -40.86 11.47 -34.48
C VAL F 131 -41.10 10.38 -35.52
N PRO F 132 -40.02 9.84 -36.11
CA PRO F 132 -40.26 8.78 -37.10
C PRO F 132 -40.85 7.52 -36.46
N LYS F 133 -41.51 6.74 -37.32
CA LYS F 133 -42.27 5.54 -36.94
C LYS F 133 -41.39 4.55 -36.15
N GLU F 134 -40.19 4.31 -36.66
CA GLU F 134 -39.21 3.43 -36.04
C GLU F 134 -38.68 3.89 -34.66
N HIS F 135 -38.84 5.17 -34.33
CA HIS F 135 -38.50 5.71 -33.01
C HIS F 135 -39.69 5.79 -32.05
N TRP F 136 -40.89 5.50 -32.54
CA TRP F 136 -42.10 5.65 -31.74
C TRP F 136 -42.86 4.33 -31.53
N ASP F 137 -43.05 3.56 -32.59
CA ASP F 137 -43.75 2.28 -32.50
C ASP F 137 -43.02 1.34 -31.55
N PRO F 138 -43.74 0.51 -30.79
CA PRO F 138 -43.05 -0.49 -29.98
C PRO F 138 -42.17 -1.37 -30.83
N PRO F 139 -40.97 -1.73 -30.34
CA PRO F 139 -40.14 -2.61 -31.17
C PRO F 139 -40.80 -3.98 -31.42
N GLU F 140 -40.34 -4.65 -32.48
CA GLU F 140 -40.96 -5.89 -32.98
C GLU F 140 -41.02 -7.03 -31.95
N TRP F 141 -40.05 -7.05 -31.02
CA TRP F 141 -39.99 -8.10 -29.99
C TRP F 141 -40.99 -7.92 -28.85
N ILE F 142 -41.66 -6.77 -28.78
CA ILE F 142 -42.67 -6.54 -27.74
C ILE F 142 -43.99 -7.17 -28.17
N ASN F 143 -44.61 -7.90 -27.26
CA ASN F 143 -45.87 -8.58 -27.53
C ASN F 143 -47.00 -7.73 -26.96
N MET F 144 -47.94 -7.31 -27.81
CA MET F 144 -48.97 -6.36 -27.37
C MET F 144 -49.99 -6.94 -26.40
N GLU F 145 -50.33 -8.22 -26.53
CA GLU F 145 -51.16 -8.89 -25.50
C GLU F 145 -50.53 -8.88 -24.09
N LEU F 146 -49.23 -9.19 -24.00
CA LEU F 146 -48.49 -9.12 -22.73
C LEU F 146 -48.52 -7.70 -22.20
N PHE F 147 -48.37 -6.72 -23.09
CA PHE F 147 -48.47 -5.33 -22.71
C PHE F 147 -49.80 -5.01 -22.02
N ARG F 148 -50.90 -5.38 -22.67
CA ARG F 148 -52.24 -5.07 -22.16
CA ARG F 148 -52.24 -5.08 -22.15
C ARG F 148 -52.53 -5.81 -20.85
N GLU F 149 -52.04 -7.05 -20.73
CA GLU F 149 -52.21 -7.82 -19.50
C GLU F 149 -51.45 -7.21 -18.33
N SER F 150 -50.18 -6.85 -18.56
CA SER F 150 -49.36 -6.24 -17.51
C SER F 150 -49.89 -4.87 -17.12
N ALA F 151 -50.36 -4.11 -18.12
CA ALA F 151 -50.94 -2.78 -17.90
C ALA F 151 -52.18 -2.83 -17.01
N ALA F 152 -53.04 -3.82 -17.21
CA ALA F 152 -54.25 -4.01 -16.38
C ALA F 152 -53.92 -4.29 -14.91
N ILE F 153 -52.91 -5.11 -14.66
CA ILE F 153 -52.45 -5.42 -13.29
C ILE F 153 -51.93 -4.15 -12.57
N LEU F 154 -51.12 -3.35 -13.28
CA LEU F 154 -50.64 -2.07 -12.73
C LEU F 154 -51.75 -1.02 -12.56
N THR F 155 -52.71 -1.00 -13.49
CA THR F 155 -53.90 -0.13 -13.36
C THR F 155 -54.72 -0.53 -12.11
N GLU F 156 -54.87 -1.83 -11.87
CA GLU F 156 -55.57 -2.33 -10.68
C GLU F 156 -54.89 -1.92 -9.36
N GLN F 157 -53.56 -1.75 -9.38
CA GLN F 157 -52.79 -1.20 -8.24
C GLN F 157 -52.53 0.33 -8.36
N LYS F 158 -53.41 1.03 -9.09
CA LYS F 158 -53.31 2.46 -9.46
C LYS F 158 -51.90 3.12 -9.55
N ILE F 159 -51.13 2.66 -10.53
CA ILE F 159 -49.91 3.34 -10.99
C ILE F 159 -50.36 4.42 -11.99
N GLN F 160 -49.70 5.58 -11.94
CA GLN F 160 -50.02 6.69 -12.85
C GLN F 160 -49.66 6.38 -14.32
N TYR F 161 -50.63 6.66 -15.22
CA TYR F 161 -50.46 6.52 -16.68
C TYR F 161 -50.07 5.11 -17.18
N SER F 162 -50.46 4.08 -16.43
CA SER F 162 -50.17 2.69 -16.79
C SER F 162 -51.00 2.20 -17.98
N ASP F 163 -52.23 2.69 -18.11
CA ASP F 163 -53.15 2.20 -19.13
C ASP F 163 -52.86 2.69 -20.57
N LYS F 164 -52.24 3.86 -20.73
CA LYS F 164 -52.00 4.42 -22.08
C LYS F 164 -50.66 3.98 -22.68
N LEU F 165 -50.72 3.28 -23.82
CA LEU F 165 -49.53 2.90 -24.57
C LEU F 165 -48.62 4.09 -24.86
N SER F 166 -49.22 5.22 -25.22
CA SER F 166 -48.47 6.42 -25.56
C SER F 166 -47.57 6.94 -24.42
N TYR F 167 -47.99 6.79 -23.17
CA TYR F 167 -47.12 7.13 -22.03
C TYR F 167 -45.84 6.30 -22.04
N HIS F 168 -45.97 5.00 -22.31
CA HIS F 168 -44.83 4.09 -22.38
C HIS F 168 -43.93 4.46 -23.54
N GLN F 169 -44.54 4.78 -24.68
CA GLN F 169 -43.78 5.24 -25.85
C GLN F 169 -43.03 6.55 -25.58
N MET F 170 -43.64 7.46 -24.81
CA MET F 170 -42.99 8.72 -24.41
CA MET F 170 -42.99 8.72 -24.42
C MET F 170 -41.75 8.43 -23.56
N CYS F 171 -41.90 7.55 -22.58
CA CYS F 171 -40.78 7.18 -21.69
C CYS F 171 -39.62 6.58 -22.47
N ARG F 172 -39.94 5.68 -23.40
CA ARG F 172 -38.93 5.08 -24.28
C ARG F 172 -38.26 6.11 -25.18
N TRP F 173 -39.05 7.02 -25.74
CA TRP F 173 -38.49 8.06 -26.61
C TRP F 173 -37.51 8.99 -25.85
N ASN F 174 -37.92 9.47 -24.69
CA ASN F 174 -37.05 10.29 -23.84
C ASN F 174 -35.81 9.50 -23.35
N SER F 175 -35.97 8.20 -23.12
CA SER F 175 -34.85 7.35 -22.67
C SER F 175 -33.79 7.08 -23.71
N GLY F 176 -34.20 6.78 -24.95
CA GLY F 176 -33.26 6.32 -25.96
C GLY F 176 -33.33 6.84 -27.39
N MET F 177 -34.35 7.62 -27.71
CA MET F 177 -34.58 8.01 -29.12
C MET F 177 -34.42 9.50 -29.45
N PHE F 178 -34.66 10.40 -28.50
CA PHE F 178 -34.58 11.85 -28.81
C PHE F 178 -33.21 12.23 -29.36
N TYR F 179 -32.15 11.67 -28.78
CA TYR F 179 -30.79 11.97 -29.21
C TYR F 179 -30.40 11.32 -30.53
N LYS F 180 -31.26 10.48 -31.09
CA LYS F 180 -31.07 9.88 -32.41
C LYS F 180 -31.91 10.55 -33.50
N HIS F 181 -32.70 11.56 -33.14
CA HIS F 181 -33.53 12.25 -34.15
C HIS F 181 -32.64 13.04 -35.10
N PRO F 182 -32.85 12.90 -36.44
CA PRO F 182 -32.03 13.62 -37.42
C PRO F 182 -31.92 15.14 -37.22
N ALA F 183 -33.03 15.76 -36.84
CA ALA F 183 -33.09 17.17 -36.43
C ALA F 183 -32.06 17.63 -35.40
N LEU F 184 -31.61 16.74 -34.50
CA LEU F 184 -30.60 17.06 -33.49
C LEU F 184 -29.20 16.62 -33.85
N LYS F 185 -29.02 16.06 -35.05
CA LYS F 185 -27.74 15.52 -35.49
C LYS F 185 -26.56 16.48 -35.28
N ASN F 186 -26.77 17.76 -35.58
CA ASN F 186 -25.70 18.77 -35.48
C ASN F 186 -25.66 19.54 -34.16
N TYR F 187 -26.50 19.16 -33.20
CA TYR F 187 -26.56 19.78 -31.89
C TYR F 187 -25.81 18.96 -30.86
N LYS F 188 -25.20 19.64 -29.89
CA LYS F 188 -24.48 18.98 -28.79
C LYS F 188 -25.24 19.05 -27.46
N TYR F 189 -25.91 20.19 -27.21
CA TYR F 189 -26.64 20.39 -25.95
C TYR F 189 -28.11 20.62 -26.18
N TYR F 190 -28.90 20.17 -25.21
CA TYR F 190 -30.33 20.37 -25.25
C TYR F 190 -30.79 20.86 -23.89
N TRP F 191 -31.91 21.58 -23.89
CA TRP F 191 -32.65 21.95 -22.68
C TRP F 191 -34.06 21.45 -22.93
N ARG F 192 -34.44 20.41 -22.21
CA ARG F 192 -35.76 19.83 -22.32
C ARG F 192 -36.74 20.64 -21.49
N VAL F 193 -37.86 20.96 -22.12
CA VAL F 193 -38.92 21.77 -21.51
C VAL F 193 -40.26 21.04 -21.65
N GLU F 194 -41.05 20.97 -20.58
CA GLU F 194 -42.40 20.38 -20.61
C GLU F 194 -43.44 21.48 -20.64
N PRO F 195 -44.64 21.18 -21.17
CA PRO F 195 -45.78 22.11 -21.01
C PRO F 195 -46.23 22.27 -19.56
N LYS F 196 -46.74 23.45 -19.23
CA LYS F 196 -47.27 23.77 -17.90
C LYS F 196 -46.21 23.77 -16.78
N VAL F 197 -45.01 24.23 -17.10
CA VAL F 197 -44.00 24.45 -16.06
C VAL F 197 -43.81 25.96 -15.90
N GLN F 198 -43.36 26.37 -14.72
CA GLN F 198 -43.04 27.77 -14.47
C GLN F 198 -41.55 27.94 -14.29
N PHE F 199 -41.03 29.06 -14.77
CA PHE F 199 -39.69 29.54 -14.45
C PHE F 199 -39.82 30.87 -13.71
N PHE F 200 -39.13 31.00 -12.58
CA PHE F 200 -39.32 32.11 -11.65
C PHE F 200 -38.20 33.15 -11.60
N CYS F 201 -37.01 32.83 -12.09
CA CYS F 201 -35.82 33.67 -11.89
C CYS F 201 -35.20 34.10 -13.19
N ASN F 202 -34.82 35.38 -13.28
CA ASN F 202 -33.99 35.82 -14.39
C ASN F 202 -32.63 35.11 -14.32
N VAL F 203 -32.15 34.67 -15.48
CA VAL F 203 -30.86 34.03 -15.60
C VAL F 203 -30.08 34.84 -16.63
N ASP F 204 -28.91 35.37 -16.24
CA ASP F 204 -28.17 36.36 -17.04
C ASP F 204 -26.87 35.87 -17.64
N TYR F 205 -26.71 34.56 -17.72
CA TYR F 205 -25.61 33.96 -18.47
C TYR F 205 -26.17 32.89 -19.42
N ASP F 206 -25.39 32.57 -20.44
CA ASP F 206 -25.70 31.54 -21.41
C ASP F 206 -25.42 30.17 -20.75
N VAL F 207 -26.48 29.50 -20.34
CA VAL F 207 -26.35 28.20 -19.66
C VAL F 207 -25.72 27.12 -20.54
N PHE F 208 -25.95 27.19 -21.86
CA PHE F 208 -25.35 26.22 -22.77
C PHE F 208 -23.86 26.36 -22.88
N ARG F 209 -23.38 27.60 -22.96
CA ARG F 209 -21.93 27.84 -23.03
C ARG F 209 -21.27 27.61 -21.66
N PHE F 210 -22.00 27.78 -20.57
CA PHE F 210 -21.53 27.32 -19.24
C PHE F 210 -21.29 25.80 -19.26
N MET F 211 -22.25 25.02 -19.80
CA MET F 211 -22.09 23.56 -19.94
C MET F 211 -20.88 23.22 -20.80
N GLU F 212 -20.77 23.91 -21.92
CA GLU F 212 -19.64 23.71 -22.84
C GLU F 212 -18.30 24.10 -22.23
N ASP F 213 -18.24 25.27 -21.61
CA ASP F 213 -16.97 25.75 -21.05
C ASP F 213 -16.47 24.84 -19.91
N ARG F 214 -17.34 24.54 -18.96
CA ARG F 214 -17.00 23.66 -17.83
C ARG F 214 -16.95 22.17 -18.22
N ASN F 215 -17.34 21.84 -19.46
CA ASN F 215 -17.37 20.48 -20.00
C ASN F 215 -18.29 19.56 -19.20
N LEU F 216 -19.49 20.04 -18.92
CA LEU F 216 -20.45 19.32 -18.11
C LEU F 216 -21.28 18.36 -18.96
N THR F 217 -21.92 17.42 -18.26
CA THR F 217 -22.71 16.37 -18.90
C THR F 217 -24.20 16.60 -18.75
N TYR F 218 -24.63 17.05 -17.58
CA TYR F 218 -26.03 17.10 -17.25
C TYR F 218 -26.30 18.08 -16.14
N GLY F 219 -27.48 18.68 -16.19
CA GLY F 219 -27.94 19.64 -15.21
C GLY F 219 -29.38 19.39 -14.83
N PHE F 220 -29.68 19.52 -13.54
CA PHE F 220 -31.01 19.25 -13.00
C PHE F 220 -31.42 20.31 -11.98
N THR F 221 -32.70 20.31 -11.63
CA THR F 221 -33.23 21.19 -10.60
C THR F 221 -33.82 20.48 -9.39
N ILE F 222 -34.51 19.35 -9.61
CA ILE F 222 -35.27 18.65 -8.60
C ILE F 222 -34.84 17.17 -8.58
N ASN F 223 -34.84 16.56 -7.39
CA ASN F 223 -34.37 15.18 -7.20
C ASN F 223 -35.43 14.47 -6.35
N LEU F 224 -36.10 13.47 -6.91
CA LEU F 224 -37.26 12.83 -6.26
C LEU F 224 -37.11 11.33 -6.10
N PHE F 225 -37.86 10.78 -5.16
CA PHE F 225 -38.18 9.36 -5.09
C PHE F 225 -39.23 9.06 -6.17
N ASP F 226 -39.29 7.80 -6.61
CA ASP F 226 -40.28 7.36 -7.58
C ASP F 226 -41.16 6.32 -6.93
N ASP F 227 -42.22 5.93 -7.62
CA ASP F 227 -43.06 4.80 -7.21
C ASP F 227 -42.30 3.51 -7.57
N PRO F 228 -41.91 2.71 -6.57
CA PRO F 228 -41.16 1.47 -6.87
C PRO F 228 -41.93 0.44 -7.70
N LYS F 229 -43.26 0.48 -7.65
CA LYS F 229 -44.09 -0.42 -8.46
C LYS F 229 -43.96 -0.19 -9.97
N THR F 230 -43.45 0.96 -10.39
CA THR F 230 -43.18 1.24 -11.80
C THR F 230 -41.89 0.62 -12.35
N VAL F 231 -40.98 0.22 -11.45
CA VAL F 231 -39.62 -0.20 -11.83
C VAL F 231 -39.06 -1.47 -11.14
N PRO F 232 -39.92 -2.47 -10.84
CA PRO F 232 -39.39 -3.59 -10.05
C PRO F 232 -38.19 -4.35 -10.63
N THR F 233 -38.10 -4.51 -11.95
CA THR F 233 -36.95 -5.20 -12.53
C THR F 233 -35.91 -4.29 -13.16
N LEU F 234 -36.05 -2.98 -12.98
CA LEU F 234 -35.11 -2.04 -13.61
C LEU F 234 -33.69 -2.20 -13.05
N TRP F 235 -33.55 -2.22 -11.73
CA TRP F 235 -32.23 -2.40 -11.10
C TRP F 235 -31.64 -3.79 -11.37
N PRO F 236 -32.43 -4.88 -11.22
CA PRO F 236 -31.93 -6.19 -11.65
C PRO F 236 -31.45 -6.25 -13.09
N GLU F 237 -32.17 -5.60 -14.01
CA GLU F 237 -31.73 -5.55 -15.41
C GLU F 237 -30.47 -4.70 -15.58
N THR F 238 -30.38 -3.62 -14.81
CA THR F 238 -29.17 -2.78 -14.82
C THR F 238 -27.93 -3.59 -14.38
N LYS F 239 -28.08 -4.40 -13.33
CA LYS F 239 -26.97 -5.21 -12.85
C LYS F 239 -26.54 -6.29 -13.87
N LYS F 240 -27.52 -6.89 -14.55
CA LYS F 240 -27.23 -7.79 -15.67
C LYS F 240 -26.40 -7.10 -16.73
N PHE F 241 -26.79 -5.89 -17.11
CA PHE F 241 -26.01 -5.11 -18.07
C PHE F 241 -24.58 -4.83 -17.58
N LEU F 242 -24.44 -4.41 -16.33
CA LEU F 242 -23.11 -4.15 -15.76
C LEU F 242 -22.24 -5.41 -15.73
N ALA F 243 -22.82 -6.55 -15.36
CA ALA F 243 -22.09 -7.82 -15.38
C ALA F 243 -21.60 -8.18 -16.78
N ALA F 244 -22.38 -7.87 -17.81
CA ALA F 244 -21.97 -8.12 -19.19
C ALA F 244 -20.95 -7.09 -19.71
N ASN F 245 -20.81 -5.95 -19.03
CA ASN F 245 -19.97 -4.83 -19.50
C ASN F 245 -19.24 -4.18 -18.32
N PRO F 246 -18.38 -4.93 -17.61
CA PRO F 246 -17.78 -4.44 -16.36
C PRO F 246 -16.87 -3.21 -16.52
N SER F 247 -16.31 -2.98 -17.70
CA SER F 247 -15.46 -1.80 -17.92
C SER F 247 -16.24 -0.48 -18.08
N TYR F 248 -17.57 -0.56 -18.21
CA TYR F 248 -18.41 0.64 -18.38
C TYR F 248 -18.60 1.48 -17.11
N LEU F 249 -18.54 0.86 -15.94
CA LEU F 249 -18.72 1.58 -14.66
C LEU F 249 -17.73 2.73 -14.52
N SER F 250 -18.25 3.94 -14.32
CA SER F 250 -17.43 5.14 -14.12
C SER F 250 -16.62 5.05 -12.82
N SER F 251 -15.42 5.61 -12.81
CA SER F 251 -14.62 5.67 -11.58
C SER F 251 -15.10 6.77 -10.61
N ASN F 252 -15.91 7.71 -11.08
CA ASN F 252 -16.52 8.70 -10.21
C ASN F 252 -18.04 8.61 -10.42
N ASN F 253 -18.64 7.62 -9.74
CA ASN F 253 -20.04 7.24 -9.97
C ASN F 253 -20.90 7.58 -8.76
N MET F 254 -22.20 7.37 -8.89
CA MET F 254 -23.17 7.71 -7.86
C MET F 254 -23.81 6.48 -7.24
N MET F 255 -23.07 5.38 -7.15
CA MET F 255 -23.62 4.12 -6.63
C MET F 255 -24.27 4.27 -5.25
N GLY F 256 -23.65 5.05 -4.37
CA GLY F 256 -24.19 5.30 -3.03
C GLY F 256 -25.61 5.89 -3.06
N TRP F 257 -25.84 6.84 -3.96
CA TRP F 257 -27.16 7.44 -4.16
C TRP F 257 -28.15 6.44 -4.77
N LEU F 258 -27.71 5.73 -5.81
CA LEU F 258 -28.57 4.78 -6.52
C LEU F 258 -29.02 3.62 -5.64
N THR F 259 -28.19 3.19 -4.68
CA THR F 259 -28.50 2.02 -3.85
C THR F 259 -28.83 2.36 -2.40
N ASP F 260 -29.04 3.64 -2.11
CA ASP F 260 -29.32 4.07 -0.72
C ASP F 260 -30.63 3.50 -0.21
N ASP F 261 -30.64 3.09 1.05
CA ASP F 261 -31.84 2.67 1.76
C ASP F 261 -31.99 3.29 3.16
N SER F 262 -31.28 4.39 3.41
CA SER F 262 -31.24 5.00 4.74
CA SER F 262 -31.23 5.01 4.73
C SER F 262 -32.43 5.91 5.00
N LEU F 263 -33.09 6.41 3.94
CA LEU F 263 -34.21 7.34 4.12
C LEU F 263 -35.56 6.64 4.03
N ARG F 264 -35.78 5.89 2.95
CA ARG F 264 -37.04 5.19 2.72
C ARG F 264 -36.76 3.73 2.32
N PRO F 265 -36.35 2.88 3.29
CA PRO F 265 -35.89 1.52 2.97
C PRO F 265 -36.92 0.63 2.25
N ASP F 266 -38.20 0.78 2.54
CA ASP F 266 -39.23 0.04 1.80
C ASP F 266 -39.25 0.35 0.28
N HIS F 267 -38.88 1.57 -0.12
CA HIS F 267 -38.74 1.91 -1.54
C HIS F 267 -37.63 1.09 -2.18
N THR F 268 -36.47 1.06 -1.52
CA THR F 268 -35.32 0.34 -2.02
C THR F 268 -35.56 -1.17 -2.09
N GLU F 269 -36.23 -1.72 -1.08
CA GLU F 269 -36.61 -3.15 -1.05
C GLU F 269 -37.59 -3.49 -2.17
N ALA F 270 -38.62 -2.65 -2.37
CA ALA F 270 -39.63 -2.93 -3.42
C ALA F 270 -39.08 -2.75 -4.84
N ALA F 271 -38.09 -1.85 -5.01
CA ALA F 271 -37.37 -1.71 -6.28
C ALA F 271 -36.13 -2.61 -6.41
N ASN F 272 -35.98 -3.57 -5.46
CA ASN F 272 -34.98 -4.63 -5.54
C ASN F 272 -33.56 -4.09 -5.65
N GLY F 273 -33.25 -3.10 -4.81
CA GLY F 273 -31.88 -2.59 -4.67
C GLY F 273 -31.65 -1.17 -5.15
N TYR F 274 -32.59 -0.61 -5.90
CA TYR F 274 -32.54 0.79 -6.37
C TYR F 274 -33.39 1.68 -5.45
N SER F 275 -32.82 2.81 -5.04
CA SER F 275 -33.49 3.76 -4.15
C SER F 275 -34.77 4.36 -4.72
N THR F 276 -34.89 4.33 -6.05
CA THR F 276 -35.94 4.97 -6.87
C THR F 276 -35.65 6.45 -7.11
N CYS F 277 -34.57 6.97 -6.53
CA CYS F 277 -34.29 8.39 -6.64
C CYS F 277 -33.84 8.72 -8.05
N HIS F 278 -34.28 9.88 -8.51
CA HIS F 278 -33.98 10.29 -9.87
C HIS F 278 -33.97 11.80 -10.01
N PHE F 279 -33.20 12.27 -10.97
CA PHE F 279 -33.30 13.65 -11.42
C PHE F 279 -34.66 13.77 -12.12
N TRP F 280 -35.41 14.84 -11.83
CA TRP F 280 -36.78 14.96 -12.32
C TRP F 280 -36.74 15.49 -13.75
N SER F 281 -36.69 14.54 -14.68
CA SER F 281 -36.34 14.78 -16.09
C SER F 281 -37.25 15.71 -16.91
N ASN F 282 -38.40 16.13 -16.40
CA ASN F 282 -39.18 17.18 -17.09
C ASN F 282 -38.33 18.44 -17.33
N PHE F 283 -37.41 18.73 -16.41
CA PHE F 283 -36.31 19.68 -16.64
C PHE F 283 -35.02 18.90 -16.86
N GLU F 284 -34.33 19.15 -17.96
CA GLU F 284 -32.95 18.69 -18.14
C GLU F 284 -32.20 19.67 -19.00
N ILE F 285 -30.93 19.89 -18.66
CA ILE F 285 -29.97 20.50 -19.57
C ILE F 285 -28.85 19.47 -19.70
N GLY F 286 -28.56 19.05 -20.94
CA GLY F 286 -27.75 17.87 -21.16
C GLY F 286 -26.87 17.89 -22.38
N ASP F 287 -25.83 17.07 -22.30
CA ASP F 287 -24.92 16.77 -23.38
C ASP F 287 -25.49 15.58 -24.16
N LEU F 288 -25.99 15.83 -25.35
CA LEU F 288 -26.51 14.77 -26.23
C LEU F 288 -25.45 13.69 -26.52
N ASP F 289 -24.18 14.07 -26.62
CA ASP F 289 -23.10 13.11 -26.88
C ASP F 289 -22.82 12.13 -25.74
N PHE F 290 -23.22 12.45 -24.52
CA PHE F 290 -23.20 11.44 -23.44
C PHE F 290 -24.21 10.33 -23.75
N PHE F 291 -25.44 10.70 -24.07
CA PHE F 291 -26.50 9.71 -24.31
C PHE F 291 -26.26 8.90 -25.60
N ARG F 292 -25.66 9.56 -26.59
CA ARG F 292 -25.22 8.90 -27.83
C ARG F 292 -24.01 7.98 -27.65
N GLY F 293 -23.28 8.14 -26.56
CA GLY F 293 -22.05 7.39 -26.35
C GLY F 293 -22.28 5.90 -26.16
N GLU F 294 -21.18 5.16 -26.28
CA GLU F 294 -21.22 3.70 -26.25
C GLU F 294 -21.92 3.16 -24.99
N GLN F 295 -21.56 3.67 -23.82
CA GLN F 295 -22.06 3.10 -22.58
C GLN F 295 -23.54 3.34 -22.37
N TYR F 296 -23.96 4.61 -22.43
CA TYR F 296 -25.37 4.91 -22.17
C TYR F 296 -26.28 4.22 -23.21
N ASP F 297 -25.91 4.32 -24.48
CA ASP F 297 -26.77 3.81 -25.54
C ASP F 297 -26.84 2.29 -25.51
N ALA F 298 -25.74 1.63 -25.16
CA ALA F 298 -25.75 0.18 -24.94
C ALA F 298 -26.69 -0.18 -23.78
N TYR F 299 -26.62 0.61 -22.69
CA TYR F 299 -27.56 0.49 -21.58
C TYR F 299 -29.01 0.61 -22.04
N PHE F 300 -29.31 1.63 -22.83
CA PHE F 300 -30.68 1.83 -23.31
C PHE F 300 -31.13 0.62 -24.13
N ASN F 301 -30.27 0.17 -25.05
CA ASN F 301 -30.60 -0.96 -25.92
C ASN F 301 -30.84 -2.24 -25.13
N HIS F 302 -30.06 -2.45 -24.08
CA HIS F 302 -30.30 -3.56 -23.16
C HIS F 302 -31.68 -3.47 -22.52
N LEU F 303 -32.01 -2.30 -21.96
CA LEU F 303 -33.33 -2.07 -21.39
C LEU F 303 -34.47 -2.24 -22.40
N ASP F 304 -34.23 -1.75 -23.62
CA ASP F 304 -35.21 -1.88 -24.70
C ASP F 304 -35.53 -3.36 -24.95
N ARG F 305 -34.50 -4.20 -25.00
CA ARG F 305 -34.66 -5.64 -25.18
C ARG F 305 -35.27 -6.38 -23.97
N ALA F 306 -35.04 -5.86 -22.76
CA ALA F 306 -35.63 -6.43 -21.54
C ALA F 306 -37.15 -6.26 -21.47
N GLY F 307 -37.68 -5.21 -22.07
CA GLY F 307 -39.14 -5.06 -22.21
C GLY F 307 -39.86 -4.22 -21.17
N GLY F 308 -39.13 -3.72 -20.17
CA GLY F 308 -39.75 -3.00 -19.05
C GLY F 308 -40.32 -1.62 -19.37
N PHE F 309 -39.94 -1.02 -20.49
CA PHE F 309 -40.62 0.21 -20.93
C PHE F 309 -42.09 -0.07 -21.23
N PHE F 310 -42.44 -1.30 -21.60
CA PHE F 310 -43.81 -1.68 -21.93
C PHE F 310 -44.46 -2.59 -20.91
N TYR F 311 -43.72 -3.61 -20.44
CA TYR F 311 -44.27 -4.57 -19.47
C TYR F 311 -44.27 -4.08 -18.03
N GLU F 312 -43.47 -3.06 -17.72
CA GLU F 312 -43.58 -2.34 -16.46
C GLU F 312 -43.81 -0.89 -16.88
N ARG F 313 -43.43 0.09 -16.07
CA ARG F 313 -43.64 1.49 -16.45
C ARG F 313 -42.39 2.31 -16.19
N TRP F 314 -41.28 1.85 -16.74
CA TRP F 314 -39.98 2.49 -16.56
C TRP F 314 -40.01 3.92 -17.10
N GLY F 315 -39.81 4.89 -16.22
CA GLY F 315 -39.75 6.29 -16.61
C GLY F 315 -38.41 6.63 -17.21
N ASP F 316 -38.38 7.63 -18.08
CA ASP F 316 -37.10 8.15 -18.56
C ASP F 316 -36.27 8.78 -17.43
N ALA F 317 -36.92 9.29 -16.38
CA ALA F 317 -36.17 9.90 -15.27
C ALA F 317 -35.26 8.88 -14.54
N PRO F 318 -35.83 7.73 -14.09
CA PRO F 318 -34.92 6.74 -13.47
C PRO F 318 -33.88 6.16 -14.45
N VAL F 319 -34.25 5.99 -15.71
CA VAL F 319 -33.32 5.46 -16.70
C VAL F 319 -32.16 6.43 -16.95
N HIS F 320 -32.46 7.71 -17.18
CA HIS F 320 -31.39 8.73 -17.28
C HIS F 320 -30.52 8.78 -16.02
N SER F 321 -31.16 8.77 -14.86
CA SER F 321 -30.48 8.90 -13.57
C SER F 321 -29.52 7.75 -13.29
N ILE F 322 -29.97 6.53 -13.55
CA ILE F 322 -29.14 5.35 -13.44
C ILE F 322 -28.00 5.41 -14.46
N GLY F 323 -28.31 5.77 -15.70
CA GLY F 323 -27.28 5.92 -16.73
C GLY F 323 -26.19 6.90 -16.37
N LEU F 324 -26.61 8.07 -15.90
CA LEU F 324 -25.68 9.10 -15.42
C LEU F 324 -24.92 8.64 -14.17
N GLY F 325 -25.65 8.03 -13.24
CA GLY F 325 -25.07 7.52 -12.00
C GLY F 325 -24.04 6.42 -12.19
N LEU F 326 -24.13 5.65 -13.27
CA LEU F 326 -23.17 4.57 -13.53
C LEU F 326 -22.11 4.91 -14.57
N PHE F 327 -22.45 5.76 -15.55
CA PHE F 327 -21.56 5.96 -16.71
C PHE F 327 -21.00 7.37 -16.90
N ALA F 328 -21.53 8.36 -16.20
CA ALA F 328 -21.02 9.72 -16.29
C ALA F 328 -19.96 9.93 -15.20
N ASP F 329 -19.17 10.97 -15.38
CA ASP F 329 -18.34 11.51 -14.29
C ASP F 329 -19.26 12.35 -13.40
N ALA F 330 -19.44 11.94 -12.14
CA ALA F 330 -20.33 12.66 -11.22
C ALA F 330 -19.95 14.13 -11.03
N ALA F 331 -18.67 14.46 -11.19
CA ALA F 331 -18.22 15.86 -11.15
C ALA F 331 -18.80 16.70 -12.29
N LYS F 332 -19.27 16.07 -13.37
CA LYS F 332 -19.82 16.76 -14.54
C LYS F 332 -21.34 16.88 -14.52
N VAL F 333 -21.97 16.54 -13.39
CA VAL F 333 -23.41 16.69 -13.21
C VAL F 333 -23.61 17.85 -12.25
N HIS F 334 -24.48 18.79 -12.63
CA HIS F 334 -24.62 20.07 -11.96
C HIS F 334 -26.04 20.32 -11.48
N TRP F 335 -26.18 20.78 -10.24
CA TRP F 335 -27.44 21.24 -9.72
C TRP F 335 -27.61 22.71 -10.09
N PHE F 336 -28.54 23.00 -10.99
CA PHE F 336 -28.85 24.40 -11.40
C PHE F 336 -29.77 25.04 -10.35
N ARG F 337 -29.21 25.26 -9.16
CA ARG F 337 -29.94 25.81 -8.02
C ARG F 337 -30.50 27.22 -8.31
N ASP F 338 -29.82 27.95 -9.18
CA ASP F 338 -30.23 29.30 -9.55
C ASP F 338 -31.37 29.40 -10.59
N ILE F 339 -31.83 28.27 -11.13
CA ILE F 339 -32.97 28.29 -12.06
C ILE F 339 -34.21 27.95 -11.26
N GLY F 340 -35.03 28.96 -10.99
CA GLY F 340 -36.26 28.77 -10.25
C GLY F 340 -37.22 28.00 -11.14
N TYR F 341 -37.84 26.95 -10.59
CA TYR F 341 -38.57 26.00 -11.41
C TYR F 341 -39.73 25.37 -10.66
N ASN F 342 -40.83 25.16 -11.37
CA ASN F 342 -41.97 24.42 -10.84
C ASN F 342 -42.58 23.57 -11.95
N HIS F 343 -42.79 22.31 -11.64
CA HIS F 343 -43.70 21.43 -12.35
C HIS F 343 -44.52 20.89 -11.21
N ILE F 344 -45.84 20.92 -11.32
CA ILE F 344 -46.63 20.65 -10.12
C ILE F 344 -46.37 19.17 -9.70
N PRO F 345 -46.25 18.87 -8.40
CA PRO F 345 -46.42 19.78 -7.29
C PRO F 345 -45.11 20.29 -6.63
N TYR F 346 -43.98 20.24 -7.33
CA TYR F 346 -42.66 20.47 -6.70
C TYR F 346 -41.92 21.67 -7.27
N TYR F 347 -40.95 22.16 -6.49
CA TYR F 347 -40.25 23.41 -6.77
C TYR F 347 -38.75 23.32 -6.54
N ASN F 348 -38.01 24.07 -7.34
CA ASN F 348 -36.68 24.54 -6.99
C ASN F 348 -36.77 26.07 -6.96
N CYS F 349 -36.94 26.66 -5.77
CA CYS F 349 -37.04 28.12 -5.62
C CYS F 349 -35.88 28.67 -4.78
N PRO F 350 -34.90 29.33 -5.42
CA PRO F 350 -33.78 29.88 -4.68
C PRO F 350 -34.07 31.25 -4.09
N ASN F 351 -33.34 31.57 -3.01
CA ASN F 351 -33.38 32.88 -2.39
C ASN F 351 -32.47 33.79 -3.20
N SER F 352 -33.07 34.57 -4.08
CA SER F 352 -32.32 35.48 -4.94
C SER F 352 -33.18 36.67 -5.31
N PRO F 353 -32.56 37.86 -5.48
CA PRO F 353 -33.30 39.03 -5.94
C PRO F 353 -33.83 38.90 -7.38
N LYS F 354 -33.26 37.96 -8.15
CA LYS F 354 -33.68 37.75 -9.54
C LYS F 354 -34.97 36.93 -9.68
N CYS F 355 -35.52 36.43 -8.57
CA CYS F 355 -36.69 35.57 -8.56
C CYS F 355 -37.92 36.25 -7.98
N SER F 356 -39.10 35.82 -8.42
CA SER F 356 -40.35 36.22 -7.78
C SER F 356 -41.43 35.15 -7.96
N LYS F 357 -42.48 35.25 -7.15
CA LYS F 357 -43.67 34.38 -7.20
C LYS F 357 -43.46 32.94 -6.72
N CYS F 358 -42.36 32.66 -6.03
CA CYS F 358 -42.16 31.37 -5.36
C CYS F 358 -41.52 31.61 -4.00
N THR F 359 -41.82 30.74 -3.04
CA THR F 359 -41.27 30.82 -1.69
C THR F 359 -39.92 30.08 -1.64
N PRO F 360 -38.81 30.78 -1.34
CA PRO F 360 -37.53 30.09 -1.27
C PRO F 360 -37.54 28.86 -0.36
N GLY F 361 -37.03 27.75 -0.90
CA GLY F 361 -36.88 26.51 -0.13
C GLY F 361 -38.14 25.73 0.16
N GLN F 362 -39.29 26.13 -0.40
CA GLN F 362 -40.52 25.38 -0.23
C GLN F 362 -40.54 24.32 -1.32
N PHE F 363 -40.35 23.07 -0.92
CA PHE F 363 -40.17 21.97 -1.86
C PHE F 363 -41.47 21.59 -2.60
N TYR F 364 -42.60 21.60 -1.88
CA TYR F 364 -43.88 21.12 -2.42
C TYR F 364 -45.03 22.09 -2.14
N ALA F 365 -46.07 21.96 -2.96
CA ALA F 365 -47.38 22.60 -2.71
C ALA F 365 -48.41 21.49 -2.72
N GLY F 366 -49.11 21.33 -1.61
CA GLY F 366 -50.10 20.26 -1.47
C GLY F 366 -50.06 19.68 -0.09
N ALA F 367 -50.50 18.44 0.03
CA ALA F 367 -50.57 17.77 1.32
C ALA F 367 -49.18 17.54 1.92
N PRO F 368 -49.06 17.59 3.26
CA PRO F 368 -47.76 17.47 3.92
C PRO F 368 -47.00 16.15 3.70
N PHE F 369 -47.70 15.07 3.34
CA PHE F 369 -47.02 13.80 3.00
C PHE F 369 -46.06 13.92 1.79
N LEU F 370 -46.26 14.94 0.94
CA LEU F 370 -45.36 15.21 -0.19
C LEU F 370 -43.92 15.56 0.20
N ALA F 371 -43.67 15.98 1.45
CA ALA F 371 -42.30 16.29 1.90
C ALA F 371 -41.34 15.10 1.76
N LYS F 372 -41.89 13.89 1.92
CA LYS F 372 -41.14 12.64 1.82
C LYS F 372 -40.53 12.37 0.44
N GLU F 373 -41.00 13.06 -0.60
CA GLU F 373 -40.59 12.78 -1.97
C GLU F 373 -39.28 13.45 -2.38
N ASP F 374 -38.76 14.35 -1.55
CA ASP F 374 -37.48 15.00 -1.82
C ASP F 374 -36.36 14.00 -1.54
N CYS F 375 -35.54 13.70 -2.55
CA CYS F 375 -34.37 12.82 -2.38
C CYS F 375 -33.04 13.57 -2.28
N ARG F 376 -33.06 14.90 -2.33
CA ARG F 376 -31.81 15.67 -2.24
C ARG F 376 -30.97 15.41 -0.98
N PRO F 377 -31.61 15.15 0.18
CA PRO F 377 -30.78 14.79 1.34
C PRO F 377 -29.86 13.58 1.09
N SER F 378 -30.31 12.60 0.31
CA SER F 378 -29.43 11.51 -0.12
C SER F 378 -28.43 11.94 -1.19
N TYR F 379 -28.93 12.60 -2.24
CA TYR F 379 -28.05 13.03 -3.32
C TYR F 379 -26.95 13.95 -2.82
N PHE F 380 -27.30 14.89 -1.94
CA PHE F 380 -26.32 15.84 -1.43
C PHE F 380 -25.28 15.17 -0.53
N LYS F 381 -25.66 14.09 0.16
CA LYS F 381 -24.72 13.33 0.98
C LYS F 381 -23.78 12.48 0.12
N HIS F 382 -24.34 11.74 -0.84
CA HIS F 382 -23.57 10.75 -1.59
C HIS F 382 -22.85 11.30 -2.81
N VAL F 383 -23.32 12.42 -3.36
CA VAL F 383 -22.77 12.94 -4.60
C VAL F 383 -22.29 14.38 -4.39
N GLY F 384 -23.16 15.26 -3.90
CA GLY F 384 -22.78 16.63 -3.59
C GLY F 384 -23.76 17.69 -4.07
N MET F 385 -23.41 18.95 -3.82
CA MET F 385 -24.25 20.11 -4.13
C MET F 385 -23.66 20.97 -5.25
N HIS F 386 -22.66 20.43 -5.93
CA HIS F 386 -21.95 21.12 -7.00
C HIS F 386 -22.79 21.20 -8.29
#